data_2I6E
#
_entry.id   2I6E
#
_cell.length_a   75.310
_cell.length_b   139.370
_cell.length_c   153.615
_cell.angle_alpha   90.00
_cell.angle_beta   92.79
_cell.angle_gamma   90.00
#
_symmetry.space_group_name_H-M   'P 1 21 1'
#
loop_
_entity.id
_entity.type
_entity.pdbx_description
1 polymer 'Hypothetical protein'
2 non-polymer 'SULFATE ION'
3 water water
#
_entity_poly.entity_id   1
_entity_poly.type   'polypeptide(L)'
_entity_poly.pdbx_seq_one_letter_code
;(MSE)SLTNHHPSSTGPQHPYRAGWIHFTNVAPILDSLELPPGVTAITGVPTQ(MSE)NAALLSGEVDIANVSAVEFIRH
ADTLAALPDFSVAVLGPVYSVNLFHTCPLPELRRVALTSQSA(MSE)SVALLEVLLRQKGLSPVLERAEGTAESLLAAGY
DGVLRIGDDALREWYGVVGPLTPERT(MSE)TSLPHTGRGITVTDLAQEWFDLTGHPFTFAVWAYRKDNPPPAALLQA
(MSE)REARRRGIGHLAEVSQRHAEKLGLPERVVQHYLWNFRYHLEAPDRLGLREFADLAVPGHAELTFGAREEAEGHHH
HHH
;
_entity_poly.pdbx_strand_id   A,B,C,D,E,F,G,H
#
loop_
_chem_comp.id
_chem_comp.type
_chem_comp.name
_chem_comp.formula
SO4 non-polymer 'SULFATE ION' 'O4 S -2'
#
# COMPACT_ATOMS: atom_id res chain seq x y z
N PRO A 16 -22.31 -51.60 -24.59
CA PRO A 16 -23.17 -50.79 -23.69
C PRO A 16 -22.66 -49.36 -23.49
N TYR A 17 -21.55 -49.00 -24.13
CA TYR A 17 -21.01 -47.64 -24.01
C TYR A 17 -20.01 -47.33 -25.13
N ARG A 18 -20.46 -46.53 -26.10
CA ARG A 18 -19.64 -46.15 -27.25
C ARG A 18 -18.70 -44.98 -26.99
N ALA A 19 -17.67 -44.89 -27.83
CA ALA A 19 -16.67 -43.83 -27.76
C ALA A 19 -16.23 -43.52 -29.18
N GLY A 20 -16.06 -42.25 -29.48
CA GLY A 20 -15.65 -41.85 -30.82
C GLY A 20 -14.33 -41.10 -30.82
N TRP A 21 -13.26 -41.80 -31.14
CA TRP A 21 -11.94 -41.21 -31.17
C TRP A 21 -11.63 -40.63 -32.54
N ILE A 22 -10.76 -39.62 -32.56
CA ILE A 22 -10.32 -39.02 -33.79
C ILE A 22 -8.81 -39.07 -33.66
N HIS A 23 -8.26 -40.20 -34.12
CA HIS A 23 -6.84 -40.49 -34.07
C HIS A 23 -5.89 -39.57 -34.82
N PHE A 24 -5.63 -38.40 -34.24
CA PHE A 24 -4.67 -37.51 -34.87
C PHE A 24 -3.36 -37.87 -34.18
N THR A 25 -2.24 -37.51 -34.77
CA THR A 25 -0.97 -37.81 -34.18
C THR A 25 -0.88 -37.21 -32.76
N ASN A 26 -1.31 -35.95 -32.63
CA ASN A 26 -1.24 -35.27 -31.33
C ASN A 26 -1.94 -35.96 -30.17
N VAL A 27 -2.66 -37.04 -30.44
CA VAL A 27 -3.35 -37.72 -29.35
C VAL A 27 -2.85 -39.16 -29.13
N ALA A 28 -1.86 -39.57 -29.92
CA ALA A 28 -1.28 -40.90 -29.82
C ALA A 28 -0.73 -41.28 -28.44
N PRO A 29 -0.13 -40.32 -27.72
CA PRO A 29 0.39 -40.71 -26.40
C PRO A 29 -0.72 -41.19 -25.47
N ILE A 30 -1.96 -40.88 -25.81
CA ILE A 30 -3.08 -41.26 -24.97
C ILE A 30 -3.87 -42.44 -25.51
N LEU A 31 -4.11 -42.44 -26.83
CA LEU A 31 -4.90 -43.50 -27.44
C LEU A 31 -4.14 -44.73 -27.91
N ASP A 32 -2.90 -44.55 -28.34
CA ASP A 32 -2.08 -45.65 -28.84
C ASP A 32 -1.92 -46.91 -27.99
N SER A 33 -2.10 -46.80 -26.67
CA SER A 33 -1.95 -47.99 -25.83
C SER A 33 -3.21 -48.25 -25.01
N LEU A 34 -4.24 -47.47 -25.27
CA LEU A 34 -5.50 -47.62 -24.55
C LEU A 34 -6.07 -49.03 -24.68
N GLU A 35 -6.62 -49.52 -23.58
CA GLU A 35 -7.23 -50.84 -23.54
C GLU A 35 -8.66 -50.65 -23.06
N LEU A 36 -9.59 -50.66 -24.01
CA LEU A 36 -11.01 -50.50 -23.72
C LEU A 36 -11.48 -51.52 -22.70
N PRO A 37 -11.94 -51.06 -21.52
CA PRO A 37 -12.41 -51.97 -20.48
C PRO A 37 -13.70 -52.69 -20.91
N PRO A 38 -14.11 -53.71 -20.14
CA PRO A 38 -15.33 -54.44 -20.46
C PRO A 38 -16.53 -53.50 -20.43
N GLY A 39 -17.28 -53.46 -21.52
CA GLY A 39 -18.45 -52.61 -21.57
C GLY A 39 -18.32 -51.34 -22.40
N VAL A 40 -17.14 -51.13 -22.99
CA VAL A 40 -16.94 -49.94 -23.82
C VAL A 40 -16.37 -50.29 -25.19
N THR A 41 -16.90 -49.63 -26.22
CA THR A 41 -16.46 -49.86 -27.58
C THR A 41 -15.94 -48.54 -28.14
N ALA A 42 -15.21 -48.61 -29.25
CA ALA A 42 -14.69 -47.39 -29.85
C ALA A 42 -14.73 -47.48 -31.37
N ILE A 43 -14.88 -46.31 -31.99
CA ILE A 43 -14.94 -46.20 -33.44
C ILE A 43 -14.27 -44.89 -33.81
N THR A 44 -13.61 -44.86 -34.95
CA THR A 44 -12.92 -43.64 -35.38
C THR A 44 -13.52 -43.02 -36.63
N GLY A 45 -13.05 -41.82 -36.98
CA GLY A 45 -13.54 -41.12 -38.15
C GLY A 45 -13.00 -39.70 -38.17
N VAL A 46 -13.75 -38.79 -38.77
CA VAL A 46 -13.36 -37.39 -38.87
C VAL A 46 -14.14 -36.49 -37.91
N PRO A 47 -13.55 -35.34 -37.52
CA PRO A 47 -14.22 -34.42 -36.61
C PRO A 47 -15.73 -34.30 -36.86
N THR A 48 -16.08 -33.97 -38.09
CA THR A 48 -17.49 -33.83 -38.49
C THR A 48 -18.30 -35.02 -38.01
N GLN A 49 -17.79 -36.21 -38.35
CA GLN A 49 -18.41 -37.48 -37.99
C GLN A 49 -18.66 -37.64 -36.49
N MSE A 50 -17.58 -37.66 -35.73
CA MSE A 50 -17.65 -37.82 -34.28
C MSE A 50 -18.54 -36.78 -33.59
O MSE A 50 -19.31 -37.12 -32.68
CB MSE A 50 -16.23 -37.80 -33.70
CG MSE A 50 -15.70 -39.18 -33.27
SE MSE A 50 -15.91 -40.63 -34.57
CE MSE A 50 -17.50 -41.46 -33.83
N ASN A 51 -18.43 -35.53 -34.02
CA ASN A 51 -19.22 -34.45 -33.45
C ASN A 51 -20.69 -34.81 -33.45
N ALA A 52 -21.22 -35.03 -34.65
CA ALA A 52 -22.63 -35.38 -34.84
C ALA A 52 -22.99 -36.60 -34.01
N ALA A 53 -22.09 -37.59 -34.04
CA ALA A 53 -22.29 -38.83 -33.31
C ALA A 53 -22.47 -38.55 -31.83
N LEU A 54 -21.61 -37.68 -31.29
CA LEU A 54 -21.68 -37.35 -29.87
C LEU A 54 -23.03 -36.72 -29.51
N LEU A 55 -23.41 -35.71 -30.28
CA LEU A 55 -24.66 -34.99 -30.06
C LEU A 55 -25.89 -35.88 -30.21
N SER A 56 -25.87 -36.74 -31.22
CA SER A 56 -27.00 -37.64 -31.45
C SER A 56 -27.03 -38.75 -30.39
N GLY A 57 -26.06 -39.65 -30.47
CA GLY A 57 -26.00 -40.75 -29.53
C GLY A 57 -25.23 -41.92 -30.13
N GLU A 58 -24.87 -41.80 -31.40
CA GLU A 58 -24.11 -42.84 -32.11
C GLU A 58 -22.83 -43.11 -31.33
N VAL A 59 -22.49 -42.17 -30.46
CA VAL A 59 -21.30 -42.24 -29.62
C VAL A 59 -21.64 -41.53 -28.31
N ASP A 60 -20.96 -41.90 -27.22
CA ASP A 60 -21.23 -41.31 -25.91
C ASP A 60 -20.13 -40.41 -25.36
N ILE A 61 -18.96 -40.48 -25.97
CA ILE A 61 -17.82 -39.67 -25.55
C ILE A 61 -16.88 -39.54 -26.74
N ALA A 62 -16.24 -38.39 -26.86
CA ALA A 62 -15.32 -38.17 -27.97
C ALA A 62 -14.39 -37.00 -27.74
N ASN A 63 -13.27 -37.00 -28.45
CA ASN A 63 -12.32 -35.92 -28.34
C ASN A 63 -12.74 -34.93 -29.42
N VAL A 64 -13.42 -33.86 -28.99
CA VAL A 64 -13.90 -32.84 -29.93
C VAL A 64 -13.14 -31.53 -29.74
N SER A 65 -13.16 -30.70 -30.78
CA SER A 65 -12.47 -29.42 -30.72
C SER A 65 -13.01 -28.53 -29.60
N ALA A 66 -12.18 -27.61 -29.13
CA ALA A 66 -12.61 -26.72 -28.06
C ALA A 66 -13.89 -25.99 -28.46
N VAL A 67 -13.97 -25.57 -29.72
CA VAL A 67 -15.13 -24.85 -30.21
C VAL A 67 -16.39 -25.69 -30.17
N GLU A 68 -16.27 -26.97 -30.51
CA GLU A 68 -17.41 -27.87 -30.50
C GLU A 68 -17.92 -27.94 -29.07
N PHE A 69 -17.01 -28.14 -28.12
CA PHE A 69 -17.36 -28.24 -26.71
C PHE A 69 -17.98 -26.94 -26.19
N ILE A 70 -17.38 -25.81 -26.51
CA ILE A 70 -17.90 -24.54 -26.06
C ILE A 70 -19.30 -24.27 -26.64
N ARG A 71 -19.46 -24.48 -27.94
CA ARG A 71 -20.76 -24.25 -28.57
C ARG A 71 -21.87 -25.11 -27.98
N HIS A 72 -21.53 -26.23 -27.36
CA HIS A 72 -22.55 -27.11 -26.78
C HIS A 72 -22.31 -27.39 -25.29
N ALA A 73 -21.72 -26.43 -24.60
CA ALA A 73 -21.44 -26.57 -23.17
C ALA A 73 -22.71 -26.72 -22.36
N ASP A 74 -23.84 -26.37 -22.98
CA ASP A 74 -25.13 -26.47 -22.33
C ASP A 74 -25.46 -27.94 -22.04
N THR A 75 -25.25 -28.79 -23.03
CA THR A 75 -25.56 -30.21 -22.88
C THR A 75 -24.34 -31.12 -22.73
N LEU A 76 -23.15 -30.55 -22.87
CA LEU A 76 -21.93 -31.34 -22.77
C LEU A 76 -21.00 -30.96 -21.62
N ALA A 77 -20.25 -31.95 -21.16
CA ALA A 77 -19.26 -31.78 -20.10
C ALA A 77 -17.95 -32.38 -20.61
N ALA A 78 -16.84 -31.90 -20.08
CA ALA A 78 -15.53 -32.40 -20.48
C ALA A 78 -14.83 -33.07 -19.32
N LEU A 79 -13.93 -33.99 -19.61
CA LEU A 79 -13.19 -34.64 -18.54
C LEU A 79 -12.41 -33.50 -17.91
N PRO A 80 -12.17 -33.57 -16.60
CA PRO A 80 -11.43 -32.50 -15.92
C PRO A 80 -9.91 -32.54 -16.02
N ASP A 81 -9.36 -33.61 -16.58
CA ASP A 81 -7.91 -33.75 -16.65
C ASP A 81 -7.38 -34.23 -18.01
N PHE A 82 -8.16 -34.00 -19.06
CA PHE A 82 -7.76 -34.42 -20.39
C PHE A 82 -7.88 -33.30 -21.40
N SER A 83 -6.83 -33.08 -22.16
CA SER A 83 -6.85 -32.01 -23.14
C SER A 83 -5.75 -32.14 -24.15
N VAL A 84 -5.87 -31.32 -25.17
CA VAL A 84 -4.87 -31.24 -26.20
C VAL A 84 -4.65 -29.74 -26.21
N ALA A 85 -3.63 -29.30 -25.49
CA ALA A 85 -3.33 -27.88 -25.39
C ALA A 85 -1.84 -27.63 -25.58
N VAL A 86 -1.46 -26.36 -25.69
CA VAL A 86 -0.06 -25.98 -25.86
C VAL A 86 0.17 -24.54 -25.40
N LEU A 87 1.43 -24.20 -25.23
CA LEU A 87 1.82 -22.85 -24.85
C LEU A 87 2.87 -22.54 -25.89
N GLY A 88 2.52 -21.67 -26.84
CA GLY A 88 3.46 -21.31 -27.89
C GLY A 88 3.12 -22.07 -29.17
N PRO A 89 4.10 -22.33 -30.04
CA PRO A 89 3.82 -23.04 -31.29
C PRO A 89 3.18 -24.42 -31.10
N VAL A 90 2.30 -24.78 -32.02
CA VAL A 90 1.64 -26.08 -31.99
C VAL A 90 2.11 -26.88 -33.20
N TYR A 91 2.49 -26.16 -34.27
CA TYR A 91 2.96 -26.74 -35.52
C TYR A 91 1.88 -27.48 -36.34
N SER A 92 0.68 -27.60 -35.79
CA SER A 92 -0.38 -28.32 -36.51
C SER A 92 -1.59 -27.49 -36.87
N VAL A 93 -1.52 -26.20 -36.60
CA VAL A 93 -2.61 -25.29 -36.91
C VAL A 93 -1.89 -24.13 -37.56
N ASN A 94 -1.63 -24.30 -38.86
CA ASN A 94 -0.86 -23.33 -39.64
C ASN A 94 -1.57 -22.57 -40.76
N LEU A 95 -1.17 -21.31 -40.91
CA LEU A 95 -1.67 -20.46 -41.96
C LEU A 95 -0.51 -20.24 -42.91
N PHE A 96 -0.54 -20.87 -44.07
CA PHE A 96 0.52 -20.70 -45.05
C PHE A 96 0.15 -19.50 -45.91
N HIS A 97 1.06 -18.53 -46.03
CA HIS A 97 0.78 -17.37 -46.85
C HIS A 97 1.99 -16.89 -47.64
N THR A 98 1.73 -16.16 -48.72
CA THR A 98 2.80 -15.64 -49.56
C THR A 98 2.87 -14.12 -49.55
N CYS A 99 2.44 -13.51 -48.46
CA CYS A 99 2.48 -12.05 -48.35
C CYS A 99 2.11 -11.66 -46.93
N PRO A 100 2.70 -10.57 -46.42
CA PRO A 100 2.39 -10.14 -45.05
C PRO A 100 0.90 -10.25 -44.73
N LEU A 101 0.60 -10.72 -43.52
CA LEU A 101 -0.77 -10.89 -43.10
C LEU A 101 -1.65 -9.69 -43.47
N PRO A 102 -1.21 -8.47 -43.18
CA PRO A 102 -1.99 -7.28 -43.50
C PRO A 102 -2.36 -7.13 -44.99
N GLU A 103 -1.52 -7.71 -45.86
CA GLU A 103 -1.75 -7.65 -47.30
C GLU A 103 -2.58 -8.83 -47.78
N LEU A 104 -2.91 -9.73 -46.85
CA LEU A 104 -3.69 -10.93 -47.18
C LEU A 104 -5.07 -10.55 -47.72
N ARG A 105 -5.40 -11.07 -48.90
CA ARG A 105 -6.68 -10.77 -49.53
C ARG A 105 -7.65 -11.95 -49.63
N ARG A 106 -7.14 -13.13 -49.97
CA ARG A 106 -8.01 -14.32 -50.10
C ARG A 106 -7.39 -15.50 -49.34
N VAL A 107 -8.19 -16.16 -48.52
CA VAL A 107 -7.69 -17.30 -47.75
C VAL A 107 -8.52 -18.57 -47.95
N ALA A 108 -7.83 -19.69 -48.09
CA ALA A 108 -8.49 -20.98 -48.27
C ALA A 108 -8.58 -21.74 -46.96
N LEU A 109 -9.78 -22.24 -46.64
CA LEU A 109 -10.02 -23.00 -45.42
C LEU A 109 -10.14 -24.46 -45.80
N THR A 110 -9.20 -25.27 -45.34
CA THR A 110 -9.19 -26.70 -45.66
C THR A 110 -9.89 -27.57 -44.61
N SER A 111 -10.09 -28.83 -44.98
CA SER A 111 -10.72 -29.85 -44.14
C SER A 111 -11.90 -29.46 -43.25
N GLN A 112 -12.63 -28.40 -43.66
CA GLN A 112 -13.81 -27.91 -42.91
C GLN A 112 -13.65 -27.98 -41.38
N SER A 113 -12.68 -27.25 -40.86
CA SER A 113 -12.44 -27.21 -39.43
C SER A 113 -12.99 -25.93 -38.83
N ALA A 114 -13.94 -26.07 -37.91
CA ALA A 114 -14.53 -24.90 -37.25
C ALA A 114 -13.57 -24.36 -36.19
N MSE A 115 -12.73 -25.26 -35.67
CA MSE A 115 -11.76 -24.89 -34.64
C MSE A 115 -10.74 -23.91 -35.21
O MSE A 115 -10.61 -22.79 -34.73
CB MSE A 115 -11.03 -26.12 -34.13
CG MSE A 115 -9.89 -25.82 -33.18
SE MSE A 115 -10.48 -25.18 -31.43
CE MSE A 115 -10.41 -23.27 -31.70
N SER A 116 -10.03 -24.35 -36.25
CA SER A 116 -9.02 -23.53 -36.88
C SER A 116 -9.60 -22.20 -37.34
N VAL A 117 -10.79 -22.23 -37.94
CA VAL A 117 -11.41 -20.98 -38.42
C VAL A 117 -11.74 -20.06 -37.26
N ALA A 118 -12.41 -20.59 -36.26
CA ALA A 118 -12.77 -19.79 -35.11
C ALA A 118 -11.56 -19.06 -34.54
N LEU A 119 -10.44 -19.77 -34.37
CA LEU A 119 -9.23 -19.15 -33.84
C LEU A 119 -8.67 -18.13 -34.82
N LEU A 120 -8.74 -18.43 -36.11
CA LEU A 120 -8.22 -17.52 -37.12
C LEU A 120 -9.00 -16.20 -37.12
N GLU A 121 -10.33 -16.28 -36.99
CA GLU A 121 -11.16 -15.09 -36.99
C GLU A 121 -10.82 -14.19 -35.80
N VAL A 122 -10.67 -14.78 -34.63
CA VAL A 122 -10.32 -14.02 -33.43
C VAL A 122 -9.03 -13.26 -33.69
N LEU A 123 -8.04 -13.93 -34.25
CA LEU A 123 -6.74 -13.33 -34.53
C LEU A 123 -6.82 -12.23 -35.60
N LEU A 124 -7.53 -12.47 -36.69
CA LEU A 124 -7.66 -11.48 -37.75
C LEU A 124 -8.44 -10.27 -37.22
N ARG A 125 -9.48 -10.55 -36.44
CA ARG A 125 -10.31 -9.51 -35.87
C ARG A 125 -9.47 -8.55 -35.04
N GLN A 126 -8.69 -9.08 -34.11
CA GLN A 126 -7.86 -8.25 -33.26
C GLN A 126 -6.92 -7.39 -34.09
N LYS A 127 -6.45 -7.93 -35.21
CA LYS A 127 -5.53 -7.20 -36.08
C LYS A 127 -6.26 -6.22 -36.98
N GLY A 128 -7.59 -6.19 -36.90
CA GLY A 128 -8.37 -5.29 -37.72
C GLY A 128 -8.38 -5.71 -39.18
N LEU A 129 -8.11 -6.98 -39.45
CA LEU A 129 -8.09 -7.49 -40.81
C LEU A 129 -9.38 -8.21 -41.16
N SER A 130 -9.62 -8.39 -42.46
CA SER A 130 -10.83 -9.05 -42.90
C SER A 130 -10.76 -9.63 -44.31
N PRO A 131 -9.72 -10.42 -44.60
CA PRO A 131 -9.61 -11.01 -45.93
C PRO A 131 -10.79 -11.93 -46.22
N VAL A 132 -10.97 -12.33 -47.47
CA VAL A 132 -12.07 -13.21 -47.82
C VAL A 132 -11.67 -14.66 -47.57
N LEU A 133 -12.54 -15.41 -46.90
CA LEU A 133 -12.29 -16.81 -46.60
C LEU A 133 -13.22 -17.68 -47.45
N GLU A 134 -12.70 -18.78 -47.95
CA GLU A 134 -13.49 -19.68 -48.81
C GLU A 134 -13.13 -21.15 -48.57
N ARG A 135 -14.13 -22.02 -48.55
CA ARG A 135 -13.87 -23.45 -48.38
C ARG A 135 -13.07 -23.82 -49.63
N ALA A 136 -12.11 -24.71 -49.46
CA ALA A 136 -11.30 -25.16 -50.58
C ALA A 136 -10.39 -26.27 -50.09
N GLU A 137 -10.11 -27.24 -50.96
CA GLU A 137 -9.24 -28.32 -50.55
C GLU A 137 -7.99 -28.41 -51.40
N GLY A 138 -6.94 -28.95 -50.81
CA GLY A 138 -5.66 -29.09 -51.48
C GLY A 138 -4.55 -28.79 -50.51
N THR A 139 -3.31 -28.99 -50.92
CA THR A 139 -2.18 -28.71 -50.05
C THR A 139 -2.00 -27.21 -50.02
N ALA A 140 -1.28 -26.73 -49.01
CA ALA A 140 -1.03 -25.30 -48.89
C ALA A 140 -0.36 -24.81 -50.17
N GLU A 141 0.57 -25.60 -50.68
CA GLU A 141 1.28 -25.23 -51.90
C GLU A 141 0.37 -25.22 -53.12
N SER A 142 -0.57 -26.16 -53.18
CA SER A 142 -1.51 -26.21 -54.30
C SER A 142 -2.31 -24.93 -54.36
N LEU A 143 -3.15 -24.74 -53.36
CA LEU A 143 -4.04 -23.59 -53.26
C LEU A 143 -3.34 -22.26 -53.40
N LEU A 144 -2.13 -22.17 -52.86
CA LEU A 144 -1.36 -20.92 -52.92
C LEU A 144 -0.92 -20.66 -54.38
N ALA A 145 -0.99 -21.71 -55.20
CA ALA A 145 -0.64 -21.61 -56.62
C ALA A 145 -1.92 -21.62 -57.43
N ALA A 146 -3.03 -21.35 -56.75
CA ALA A 146 -4.34 -21.33 -57.39
C ALA A 146 -5.16 -20.13 -56.92
N GLY A 147 -4.54 -18.96 -56.86
CA GLY A 147 -5.25 -17.76 -56.48
C GLY A 147 -5.32 -17.32 -55.02
N TYR A 148 -5.02 -18.22 -54.08
CA TYR A 148 -5.08 -17.85 -52.67
C TYR A 148 -3.80 -17.24 -52.08
N ASP A 149 -4.00 -16.21 -51.25
CA ASP A 149 -2.91 -15.51 -50.58
C ASP A 149 -2.47 -16.35 -49.38
N GLY A 150 -3.44 -16.99 -48.74
CA GLY A 150 -3.16 -17.81 -47.59
C GLY A 150 -4.00 -19.07 -47.59
N VAL A 151 -3.53 -20.07 -46.86
CA VAL A 151 -4.22 -21.34 -46.73
C VAL A 151 -4.13 -21.86 -45.30
N LEU A 152 -5.28 -21.98 -44.65
CA LEU A 152 -5.30 -22.48 -43.29
C LEU A 152 -5.31 -24.01 -43.35
N ARG A 153 -4.50 -24.65 -42.51
CA ARG A 153 -4.45 -26.13 -42.49
C ARG A 153 -4.27 -26.65 -41.06
N ILE A 154 -4.86 -27.80 -40.76
CA ILE A 154 -4.75 -28.40 -39.44
C ILE A 154 -4.47 -29.88 -39.51
N GLY A 155 -4.05 -30.46 -38.39
CA GLY A 155 -3.80 -31.88 -38.35
C GLY A 155 -2.47 -32.33 -38.93
N ASP A 156 -2.34 -33.64 -39.11
CA ASP A 156 -1.10 -34.21 -39.64
C ASP A 156 -0.64 -33.51 -40.90
N ASP A 157 -1.55 -33.26 -41.84
CA ASP A 157 -1.16 -32.60 -43.08
C ASP A 157 -0.55 -31.24 -42.83
N ALA A 158 -1.06 -30.55 -41.82
CA ALA A 158 -0.56 -29.23 -41.47
C ALA A 158 0.89 -29.38 -41.01
N LEU A 159 1.14 -30.42 -40.22
CA LEU A 159 2.49 -30.67 -39.72
C LEU A 159 3.45 -31.03 -40.85
N ARG A 160 3.03 -31.94 -41.72
CA ARG A 160 3.86 -32.35 -42.86
C ARG A 160 4.19 -31.17 -43.77
N GLU A 161 3.16 -30.45 -44.17
CA GLU A 161 3.36 -29.31 -45.05
C GLU A 161 4.22 -28.23 -44.41
N TRP A 162 4.10 -28.07 -43.09
CA TRP A 162 4.91 -27.09 -42.39
C TRP A 162 6.37 -27.49 -42.57
N TYR A 163 6.64 -28.76 -42.33
CA TYR A 163 8.00 -29.28 -42.47
C TYR A 163 8.47 -29.23 -43.91
N GLY A 164 7.57 -29.51 -44.84
CA GLY A 164 7.94 -29.48 -46.24
C GLY A 164 8.41 -28.11 -46.69
N VAL A 165 7.94 -27.07 -46.02
CA VAL A 165 8.31 -25.70 -46.37
C VAL A 165 9.60 -25.31 -45.66
N VAL A 166 9.60 -25.35 -44.33
CA VAL A 166 10.80 -25.00 -43.57
C VAL A 166 11.69 -26.25 -43.55
N GLY A 167 12.74 -26.25 -42.73
CA GLY A 167 13.59 -27.42 -42.69
C GLY A 167 14.14 -27.79 -44.05
N PRO A 168 14.81 -28.93 -44.23
CA PRO A 168 15.13 -30.03 -43.30
C PRO A 168 15.70 -29.65 -41.94
N LEU A 169 15.48 -30.53 -40.97
CA LEU A 169 15.98 -30.33 -39.63
C LEU A 169 17.29 -31.12 -39.51
N THR A 170 18.40 -30.41 -39.58
CA THR A 170 19.73 -31.03 -39.52
C THR A 170 20.21 -31.27 -38.07
N PRO A 171 21.14 -32.23 -37.90
CA PRO A 171 21.69 -32.57 -36.58
C PRO A 171 22.07 -31.38 -35.69
N GLU A 172 22.42 -30.26 -36.31
CA GLU A 172 22.76 -29.07 -35.54
C GLU A 172 21.56 -28.13 -35.40
N ARG A 173 21.48 -27.52 -34.21
CA ARG A 173 20.40 -26.59 -33.84
C ARG A 173 18.99 -27.18 -33.87
N THR A 174 18.40 -27.17 -32.69
CA THR A 174 17.08 -27.68 -32.38
C THR A 174 15.97 -27.38 -33.40
N MSE A 175 14.82 -28.02 -33.21
CA MSE A 175 13.66 -27.84 -34.07
C MSE A 175 13.08 -26.45 -33.91
O MSE A 175 12.51 -25.88 -34.83
CB MSE A 175 12.57 -28.86 -33.75
CG MSE A 175 11.28 -28.62 -34.51
SE MSE A 175 10.02 -30.07 -34.35
CE MSE A 175 8.40 -29.11 -33.98
N THR A 176 13.22 -25.90 -32.70
CA THR A 176 12.71 -24.56 -32.43
C THR A 176 13.68 -23.51 -32.98
N SER A 177 14.56 -23.94 -33.89
CA SER A 177 15.53 -23.04 -34.51
C SER A 177 15.29 -23.00 -36.02
N LEU A 178 14.20 -23.62 -36.45
CA LEU A 178 13.87 -23.63 -37.87
C LEU A 178 13.32 -22.29 -38.32
N PRO A 179 13.51 -21.95 -39.59
CA PRO A 179 13.02 -20.67 -40.11
C PRO A 179 11.48 -20.70 -40.18
N HIS A 180 10.88 -19.56 -40.51
CA HIS A 180 9.43 -19.48 -40.61
C HIS A 180 9.02 -19.31 -42.05
N THR A 181 10.00 -19.20 -42.93
CA THR A 181 9.71 -19.03 -44.34
C THR A 181 10.54 -20.00 -45.15
N GLY A 182 10.05 -20.33 -46.34
CA GLY A 182 10.76 -21.25 -47.19
C GLY A 182 10.17 -21.21 -48.59
N ARG A 183 11.03 -21.05 -49.58
CA ARG A 183 10.58 -20.98 -50.96
C ARG A 183 9.45 -19.95 -51.14
N GLY A 184 9.57 -18.81 -50.44
CA GLY A 184 8.57 -17.77 -50.55
C GLY A 184 7.37 -17.92 -49.63
N ILE A 185 7.08 -19.16 -49.24
CA ILE A 185 5.95 -19.43 -48.36
C ILE A 185 6.31 -19.15 -46.90
N THR A 186 5.40 -18.50 -46.19
CA THR A 186 5.57 -18.18 -44.78
C THR A 186 4.53 -18.94 -43.97
N VAL A 187 4.98 -19.60 -42.90
CA VAL A 187 4.10 -20.39 -42.07
C VAL A 187 3.84 -19.74 -40.71
N THR A 188 2.62 -19.26 -40.51
CA THR A 188 2.24 -18.63 -39.25
C THR A 188 1.52 -19.61 -38.34
N ASP A 189 2.08 -19.84 -37.17
CA ASP A 189 1.51 -20.75 -36.18
C ASP A 189 0.42 -20.02 -35.40
N LEU A 190 -0.81 -20.49 -35.51
CA LEU A 190 -1.90 -19.82 -34.83
C LEU A 190 -1.81 -19.89 -33.30
N ALA A 191 -1.25 -20.98 -32.76
CA ALA A 191 -1.12 -21.11 -31.31
C ALA A 191 -0.11 -20.10 -30.79
N GLN A 192 0.92 -19.85 -31.59
CA GLN A 192 1.96 -18.89 -31.25
C GLN A 192 1.37 -17.47 -31.27
N GLU A 193 0.51 -17.22 -32.25
CA GLU A 193 -0.12 -15.92 -32.36
C GLU A 193 -0.96 -15.69 -31.11
N TRP A 194 -1.66 -16.73 -30.68
CA TRP A 194 -2.49 -16.64 -29.49
C TRP A 194 -1.64 -16.31 -28.26
N PHE A 195 -0.43 -16.86 -28.21
CA PHE A 195 0.43 -16.57 -27.08
C PHE A 195 0.86 -15.12 -27.14
N ASP A 196 1.26 -14.70 -28.35
CA ASP A 196 1.67 -13.31 -28.55
C ASP A 196 0.55 -12.38 -28.11
N LEU A 197 -0.69 -12.83 -28.30
CA LEU A 197 -1.84 -12.03 -27.93
C LEU A 197 -2.27 -12.12 -26.45
N THR A 198 -2.22 -13.31 -25.88
CA THR A 198 -2.67 -13.49 -24.51
C THR A 198 -1.61 -13.90 -23.51
N GLY A 199 -0.46 -14.36 -24.01
CA GLY A 199 0.60 -14.80 -23.13
C GLY A 199 0.17 -16.08 -22.42
N HIS A 200 -0.92 -16.68 -22.89
CA HIS A 200 -1.45 -17.89 -22.28
C HIS A 200 -1.49 -19.08 -23.23
N PRO A 201 -1.73 -20.28 -22.69
CA PRO A 201 -1.81 -21.48 -23.51
C PRO A 201 -3.15 -21.50 -24.25
N PHE A 202 -3.24 -22.33 -25.28
CA PHE A 202 -4.48 -22.48 -26.00
C PHE A 202 -4.87 -23.95 -25.95
N THR A 203 -6.16 -24.22 -25.75
CA THR A 203 -6.65 -25.60 -25.70
C THR A 203 -7.40 -25.84 -27.00
N PHE A 204 -6.98 -26.87 -27.74
CA PHE A 204 -7.59 -27.18 -29.02
C PHE A 204 -8.68 -28.24 -28.96
N ALA A 205 -8.58 -29.16 -28.03
CA ALA A 205 -9.59 -30.22 -27.94
C ALA A 205 -9.72 -30.72 -26.51
N VAL A 206 -10.82 -31.40 -26.23
CA VAL A 206 -11.08 -31.96 -24.89
C VAL A 206 -11.90 -33.22 -25.09
N TRP A 207 -12.17 -33.94 -24.01
CA TRP A 207 -12.98 -35.14 -24.10
C TRP A 207 -14.36 -34.81 -23.56
N ALA A 208 -15.35 -34.89 -24.44
CA ALA A 208 -16.70 -34.55 -24.05
C ALA A 208 -17.72 -35.67 -24.09
N TYR A 209 -18.70 -35.55 -23.20
CA TYR A 209 -19.78 -36.51 -23.06
C TYR A 209 -21.01 -35.71 -22.62
N ARG A 210 -22.19 -36.26 -22.86
CA ARG A 210 -23.43 -35.57 -22.47
C ARG A 210 -23.54 -35.53 -20.95
N LYS A 211 -23.79 -34.34 -20.41
CA LYS A 211 -23.89 -34.18 -18.97
C LYS A 211 -24.70 -35.30 -18.32
N ASP A 212 -25.70 -35.80 -19.02
CA ASP A 212 -26.55 -36.86 -18.48
C ASP A 212 -25.95 -38.27 -18.53
N ASN A 213 -25.10 -38.52 -19.51
CA ASN A 213 -24.50 -39.84 -19.65
C ASN A 213 -22.98 -39.87 -19.48
N PRO A 214 -22.50 -39.73 -18.22
CA PRO A 214 -21.08 -39.74 -17.87
C PRO A 214 -20.43 -41.08 -18.19
N PRO A 215 -19.12 -41.09 -18.47
CA PRO A 215 -18.41 -42.34 -18.78
C PRO A 215 -18.13 -43.17 -17.54
N PRO A 216 -17.91 -44.49 -17.71
CA PRO A 216 -17.63 -45.40 -16.61
C PRO A 216 -16.24 -45.20 -16.03
N ALA A 217 -16.09 -45.47 -14.74
CA ALA A 217 -14.80 -45.32 -14.07
C ALA A 217 -13.69 -46.05 -14.80
N ALA A 218 -13.94 -47.31 -15.13
CA ALA A 218 -12.97 -48.14 -15.83
C ALA A 218 -12.33 -47.40 -16.99
N LEU A 219 -13.16 -46.79 -17.84
CA LEU A 219 -12.65 -46.05 -19.00
C LEU A 219 -11.70 -44.92 -18.58
N LEU A 220 -12.05 -44.21 -17.51
CA LEU A 220 -11.22 -43.12 -17.03
C LEU A 220 -9.84 -43.63 -16.54
N GLN A 221 -9.84 -44.71 -15.76
CA GLN A 221 -8.57 -45.24 -15.28
C GLN A 221 -7.80 -45.81 -16.46
N ALA A 222 -8.51 -46.55 -17.32
CA ALA A 222 -7.87 -47.14 -18.49
C ALA A 222 -7.19 -46.06 -19.33
N MSE A 223 -7.79 -44.87 -19.40
CA MSE A 223 -7.23 -43.77 -20.16
C MSE A 223 -6.03 -43.13 -19.48
O MSE A 223 -5.00 -42.86 -20.12
CB MSE A 223 -8.29 -42.70 -20.41
CG MSE A 223 -9.38 -43.10 -21.39
SE MSE A 223 -10.63 -41.67 -21.71
CE MSE A 223 -9.51 -40.56 -22.84
N ARG A 224 -6.15 -42.87 -18.20
CA ARG A 224 -5.06 -42.26 -17.45
C ARG A 224 -3.85 -43.19 -17.41
N GLU A 225 -4.08 -44.48 -17.63
CA GLU A 225 -2.99 -45.45 -17.63
C GLU A 225 -2.29 -45.46 -18.98
N ALA A 226 -3.06 -45.37 -20.06
CA ALA A 226 -2.49 -45.34 -21.40
C ALA A 226 -1.60 -44.11 -21.51
N ARG A 227 -2.11 -42.98 -20.98
CA ARG A 227 -1.36 -41.74 -21.02
C ARG A 227 -0.03 -41.90 -20.31
N ARG A 228 -0.02 -42.58 -19.16
CA ARG A 228 1.22 -42.80 -18.44
C ARG A 228 2.22 -43.53 -19.34
N ARG A 229 1.72 -44.50 -20.09
CA ARG A 229 2.58 -45.27 -20.98
C ARG A 229 3.10 -44.40 -22.12
N GLY A 230 2.19 -43.67 -22.76
CA GLY A 230 2.58 -42.80 -23.86
C GLY A 230 3.65 -41.80 -23.45
N ILE A 231 3.38 -41.04 -22.40
CA ILE A 231 4.31 -40.04 -21.90
C ILE A 231 5.59 -40.72 -21.42
N GLY A 232 5.46 -41.96 -20.96
CA GLY A 232 6.63 -42.69 -20.49
C GLY A 232 7.52 -43.21 -21.60
N HIS A 233 6.99 -43.32 -22.81
CA HIS A 233 7.79 -43.82 -23.93
C HIS A 233 7.53 -43.04 -25.21
N LEU A 234 7.81 -41.74 -25.16
CA LEU A 234 7.60 -40.88 -26.31
C LEU A 234 8.40 -41.30 -27.52
N ALA A 235 9.57 -41.89 -27.31
CA ALA A 235 10.40 -42.32 -28.42
C ALA A 235 9.70 -43.41 -29.21
N GLU A 236 8.99 -44.30 -28.51
CA GLU A 236 8.28 -45.36 -29.19
C GLU A 236 7.05 -44.81 -29.89
N VAL A 237 6.30 -43.96 -29.21
CA VAL A 237 5.11 -43.38 -29.82
C VAL A 237 5.50 -42.58 -31.06
N SER A 238 6.54 -41.76 -30.95
CA SER A 238 6.98 -40.93 -32.05
C SER A 238 7.41 -41.70 -33.29
N GLN A 239 8.26 -42.71 -33.10
CA GLN A 239 8.74 -43.51 -34.21
C GLN A 239 7.62 -44.04 -35.10
N ARG A 240 6.67 -44.74 -34.49
CA ARG A 240 5.54 -45.30 -35.22
C ARG A 240 4.90 -44.29 -36.16
N HIS A 241 4.46 -43.19 -35.59
CA HIS A 241 3.79 -42.15 -36.35
C HIS A 241 4.67 -41.37 -37.32
N ALA A 242 5.90 -41.12 -36.93
CA ALA A 242 6.82 -40.39 -37.79
C ALA A 242 6.99 -41.17 -39.08
N GLU A 243 6.96 -42.50 -38.95
CA GLU A 243 7.14 -43.36 -40.11
C GLU A 243 5.97 -43.26 -41.06
N LYS A 244 4.75 -43.32 -40.54
CA LYS A 244 3.61 -43.22 -41.43
C LYS A 244 3.22 -41.80 -41.75
N LEU A 245 4.05 -40.85 -41.33
CA LEU A 245 3.82 -39.44 -41.62
C LEU A 245 4.92 -38.98 -42.56
N GLY A 246 5.98 -39.78 -42.68
CA GLY A 246 7.09 -39.42 -43.54
C GLY A 246 7.84 -38.23 -42.99
N LEU A 247 8.11 -38.28 -41.70
CA LEU A 247 8.82 -37.22 -40.98
C LEU A 247 9.85 -37.80 -40.04
N PRO A 248 10.90 -37.04 -39.73
CA PRO A 248 11.95 -37.52 -38.82
C PRO A 248 11.35 -37.78 -37.43
N GLU A 249 11.89 -38.78 -36.72
CA GLU A 249 11.42 -39.13 -35.39
C GLU A 249 11.53 -37.94 -34.43
N ARG A 250 12.64 -37.21 -34.51
CA ARG A 250 12.79 -36.07 -33.60
C ARG A 250 11.72 -35.01 -33.81
N VAL A 251 11.26 -34.82 -35.05
CA VAL A 251 10.23 -33.82 -35.29
C VAL A 251 8.99 -34.23 -34.53
N VAL A 252 8.56 -35.47 -34.71
CA VAL A 252 7.37 -35.94 -34.02
C VAL A 252 7.55 -36.01 -32.51
N GLN A 253 8.74 -36.40 -32.05
CA GLN A 253 8.97 -36.50 -30.61
C GLN A 253 8.81 -35.12 -29.99
N HIS A 254 9.47 -34.12 -30.58
CA HIS A 254 9.38 -32.76 -30.06
C HIS A 254 7.92 -32.32 -30.14
N TYR A 255 7.30 -32.57 -31.28
CA TYR A 255 5.92 -32.21 -31.50
C TYR A 255 5.01 -32.73 -30.36
N LEU A 256 5.21 -33.97 -29.95
CA LEU A 256 4.39 -34.56 -28.89
C LEU A 256 4.76 -34.06 -27.50
N TRP A 257 6.06 -33.90 -27.26
CA TRP A 257 6.53 -33.40 -25.97
C TRP A 257 5.92 -32.05 -25.67
N ASN A 258 5.67 -31.29 -26.74
CA ASN A 258 5.13 -29.94 -26.66
C ASN A 258 3.67 -29.80 -26.22
N PHE A 259 2.90 -30.89 -26.30
CA PHE A 259 1.49 -30.84 -25.91
C PHE A 259 1.24 -30.92 -24.41
N ARG A 260 0.18 -30.25 -23.97
CA ARG A 260 -0.24 -30.23 -22.58
C ARG A 260 -1.53 -31.06 -22.54
N TYR A 261 -1.47 -32.19 -21.82
CA TYR A 261 -2.58 -33.14 -21.76
C TYR A 261 -3.45 -33.26 -20.51
N HIS A 262 -3.20 -32.45 -19.48
CA HIS A 262 -3.99 -32.59 -18.26
C HIS A 262 -5.02 -31.51 -17.98
N LEU A 263 -5.27 -30.65 -18.96
CA LEU A 263 -6.23 -29.55 -18.80
C LEU A 263 -6.06 -28.94 -17.42
N GLU A 264 -4.88 -28.40 -17.16
CA GLU A 264 -4.61 -27.78 -15.88
C GLU A 264 -5.12 -26.34 -15.92
N ALA A 265 -4.98 -25.63 -14.81
CA ALA A 265 -5.47 -24.26 -14.73
C ALA A 265 -5.04 -23.39 -15.91
N PRO A 266 -3.75 -23.40 -16.26
CA PRO A 266 -3.32 -22.55 -17.38
C PRO A 266 -4.05 -22.89 -18.68
N ASP A 267 -4.44 -24.15 -18.82
CA ASP A 267 -5.15 -24.58 -20.02
C ASP A 267 -6.60 -24.14 -19.91
N ARG A 268 -7.17 -24.32 -18.73
CA ARG A 268 -8.55 -23.92 -18.49
C ARG A 268 -8.66 -22.40 -18.70
N LEU A 269 -7.62 -21.66 -18.32
CA LEU A 269 -7.64 -20.21 -18.49
C LEU A 269 -7.67 -19.86 -19.98
N GLY A 270 -6.78 -20.49 -20.75
CA GLY A 270 -6.76 -20.21 -22.17
C GLY A 270 -8.07 -20.58 -22.84
N LEU A 271 -8.60 -21.74 -22.48
CA LEU A 271 -9.85 -22.22 -23.06
C LEU A 271 -10.95 -21.21 -22.83
N ARG A 272 -10.99 -20.67 -21.60
CA ARG A 272 -11.99 -19.70 -21.21
C ARG A 272 -11.80 -18.36 -21.91
N GLU A 273 -10.55 -17.95 -22.08
CA GLU A 273 -10.28 -16.68 -22.75
C GLU A 273 -10.81 -16.77 -24.19
N PHE A 274 -10.54 -17.91 -24.82
CA PHE A 274 -10.96 -18.13 -26.19
C PHE A 274 -12.47 -18.24 -26.29
N ALA A 275 -13.07 -18.96 -25.34
CA ALA A 275 -14.51 -19.14 -25.35
C ALA A 275 -15.27 -17.82 -25.30
N ASP A 276 -14.75 -16.86 -24.55
CA ASP A 276 -15.40 -15.57 -24.41
C ASP A 276 -15.25 -14.69 -25.64
N LEU A 277 -14.18 -14.92 -26.41
CA LEU A 277 -13.92 -14.13 -27.60
C LEU A 277 -14.55 -14.67 -28.88
N ALA A 278 -14.82 -15.97 -28.91
CA ALA A 278 -15.37 -16.59 -30.10
C ALA A 278 -16.80 -17.06 -29.95
N VAL A 279 -17.29 -17.17 -28.72
CA VAL A 279 -18.65 -17.61 -28.52
C VAL A 279 -19.32 -16.85 -27.38
N PRO A 280 -19.35 -15.51 -27.46
CA PRO A 280 -19.96 -14.69 -26.42
C PRO A 280 -21.30 -15.26 -25.95
N GLY A 281 -21.48 -15.35 -24.64
CA GLY A 281 -22.72 -15.88 -24.11
C GLY A 281 -22.84 -17.38 -24.27
N HIS A 282 -21.71 -18.07 -24.20
CA HIS A 282 -21.73 -19.53 -24.31
C HIS A 282 -22.16 -20.04 -22.95
N ALA A 283 -22.83 -21.18 -22.91
CA ALA A 283 -23.24 -21.74 -21.63
C ALA A 283 -21.98 -21.88 -20.80
N GLU A 284 -22.14 -22.20 -19.52
CA GLU A 284 -21.00 -22.35 -18.63
C GLU A 284 -20.17 -23.59 -18.97
N LEU A 285 -18.85 -23.43 -18.90
CA LEU A 285 -17.96 -24.56 -19.17
C LEU A 285 -17.80 -25.37 -17.89
N THR A 286 -18.34 -26.58 -17.90
CA THR A 286 -18.27 -27.47 -16.74
C THR A 286 -17.41 -28.70 -17.01
N PHE A 287 -16.93 -29.32 -15.94
CA PHE A 287 -16.08 -30.50 -16.04
C PHE A 287 -16.48 -31.61 -15.06
N PRO B 16 40.94 -28.58 -21.31
CA PRO B 16 40.12 -27.78 -22.26
C PRO B 16 38.78 -27.38 -21.64
N TYR B 17 37.75 -27.24 -22.47
CA TYR B 17 36.43 -26.83 -21.98
C TYR B 17 35.91 -27.64 -20.80
N ARG B 18 35.80 -26.96 -19.66
CA ARG B 18 35.34 -27.57 -18.41
C ARG B 18 33.88 -27.25 -18.09
N ALA B 19 33.12 -28.27 -17.73
CA ALA B 19 31.71 -28.10 -17.38
C ALA B 19 31.46 -28.50 -15.94
N GLY B 20 30.66 -27.71 -15.24
CA GLY B 20 30.33 -27.99 -13.86
C GLY B 20 28.84 -28.29 -13.75
N TRP B 21 28.50 -29.56 -13.62
CA TRP B 21 27.10 -29.98 -13.52
C TRP B 21 26.69 -30.28 -12.08
N ILE B 22 25.42 -30.06 -11.77
CA ILE B 22 24.88 -30.39 -10.48
C ILE B 22 23.67 -31.24 -10.83
N HIS B 23 23.88 -32.55 -10.78
CA HIS B 23 22.88 -33.52 -11.12
C HIS B 23 21.60 -33.51 -10.29
N PHE B 24 20.82 -32.45 -10.47
CA PHE B 24 19.53 -32.33 -9.78
C PHE B 24 18.61 -33.32 -10.48
N THR B 25 17.61 -33.79 -9.77
CA THR B 25 16.67 -34.72 -10.33
C THR B 25 15.99 -34.14 -11.58
N ASN B 26 15.62 -32.86 -11.52
CA ASN B 26 14.93 -32.27 -12.66
C ASN B 26 15.74 -32.07 -13.95
N VAL B 27 17.05 -32.33 -13.91
CA VAL B 27 17.87 -32.19 -15.11
C VAL B 27 18.40 -33.56 -15.57
N ALA B 28 17.92 -34.63 -14.94
CA ALA B 28 18.35 -35.97 -15.29
C ALA B 28 18.09 -36.26 -16.77
N PRO B 29 16.89 -35.92 -17.28
CA PRO B 29 16.58 -36.17 -18.69
C PRO B 29 17.58 -35.54 -19.64
N ILE B 30 18.37 -34.59 -19.14
CA ILE B 30 19.33 -33.91 -19.99
C ILE B 30 20.77 -34.39 -19.80
N LEU B 31 21.17 -34.59 -18.54
CA LEU B 31 22.53 -35.01 -18.23
C LEU B 31 22.77 -36.53 -18.15
N ASP B 32 21.77 -37.28 -17.73
CA ASP B 32 21.89 -38.74 -17.60
C ASP B 32 22.62 -39.44 -18.76
N SER B 33 22.15 -39.25 -19.99
CA SER B 33 22.78 -39.91 -21.12
C SER B 33 23.78 -39.05 -21.84
N LEU B 34 24.16 -37.92 -21.25
CA LEU B 34 25.11 -37.05 -21.89
C LEU B 34 26.48 -37.68 -22.08
N GLU B 35 26.97 -37.66 -23.31
CA GLU B 35 28.30 -38.17 -23.62
C GLU B 35 29.10 -36.96 -24.06
N LEU B 36 30.02 -36.52 -23.19
CA LEU B 36 30.84 -35.37 -23.49
C LEU B 36 31.69 -35.58 -24.73
N PRO B 37 31.83 -34.54 -25.56
CA PRO B 37 32.63 -34.62 -26.78
C PRO B 37 34.12 -34.63 -26.42
N PRO B 38 34.98 -35.05 -27.35
CA PRO B 38 36.42 -35.07 -27.05
C PRO B 38 36.87 -33.62 -26.84
N GLY B 39 37.64 -33.37 -25.79
CA GLY B 39 38.10 -32.02 -25.53
C GLY B 39 37.30 -31.28 -24.47
N VAL B 40 36.36 -31.98 -23.81
CA VAL B 40 35.56 -31.37 -22.76
C VAL B 40 35.37 -32.36 -21.62
N THR B 41 35.48 -31.85 -20.40
CA THR B 41 35.35 -32.69 -19.21
C THR B 41 34.31 -32.08 -18.27
N ALA B 42 33.89 -32.85 -17.28
CA ALA B 42 32.89 -32.37 -16.35
C ALA B 42 33.14 -32.74 -14.90
N ILE B 43 32.84 -31.81 -14.00
CA ILE B 43 32.99 -32.02 -12.57
C ILE B 43 31.68 -31.59 -11.91
N THR B 44 31.59 -31.76 -10.60
CA THR B 44 30.39 -31.37 -9.88
C THR B 44 30.75 -30.86 -8.49
N GLY B 45 29.73 -30.46 -7.74
CA GLY B 45 29.94 -29.95 -6.39
C GLY B 45 28.67 -29.29 -5.89
N VAL B 46 28.79 -28.40 -4.93
CA VAL B 46 27.62 -27.70 -4.42
C VAL B 46 27.43 -26.43 -5.24
N PRO B 47 26.20 -25.90 -5.28
CA PRO B 47 25.94 -24.68 -6.06
C PRO B 47 26.94 -23.56 -5.80
N THR B 48 27.02 -23.11 -4.55
CA THR B 48 27.93 -22.02 -4.19
C THR B 48 29.29 -22.19 -4.84
N GLN B 49 29.83 -23.40 -4.74
CA GLN B 49 31.14 -23.73 -5.30
C GLN B 49 31.13 -23.73 -6.83
N MSE B 50 30.06 -24.26 -7.41
CA MSE B 50 29.94 -24.36 -8.86
C MSE B 50 29.74 -22.99 -9.53
O MSE B 50 30.29 -22.75 -10.61
CB MSE B 50 28.79 -25.30 -9.21
CG MSE B 50 29.08 -26.27 -10.36
SE MSE B 50 30.72 -27.36 -10.21
CE MSE B 50 30.88 -27.50 -8.29
N ASN B 51 28.97 -22.11 -8.90
CA ASN B 51 28.74 -20.78 -9.46
C ASN B 51 30.02 -19.96 -9.43
N ALA B 52 30.71 -20.02 -8.30
CA ALA B 52 31.95 -19.28 -8.17
C ALA B 52 32.93 -19.76 -9.23
N ALA B 53 33.09 -21.07 -9.35
CA ALA B 53 34.00 -21.65 -10.33
C ALA B 53 33.71 -21.11 -11.72
N LEU B 54 32.44 -21.03 -12.08
CA LEU B 54 32.07 -20.52 -13.39
C LEU B 54 32.56 -19.08 -13.50
N LEU B 55 32.12 -18.25 -12.56
CA LEU B 55 32.49 -16.83 -12.55
C LEU B 55 33.99 -16.58 -12.50
N SER B 56 34.73 -17.42 -11.77
CA SER B 56 36.17 -17.23 -11.65
C SER B 56 37.00 -17.87 -12.76
N GLY B 57 36.42 -18.83 -13.48
CA GLY B 57 37.14 -19.46 -14.56
C GLY B 57 37.58 -20.90 -14.34
N GLU B 58 37.23 -21.47 -13.20
CA GLU B 58 37.59 -22.86 -12.90
C GLU B 58 36.76 -23.77 -13.80
N VAL B 59 35.62 -23.25 -14.21
CA VAL B 59 34.70 -23.96 -15.08
C VAL B 59 34.23 -23.01 -16.17
N ASP B 60 33.88 -23.56 -17.32
CA ASP B 60 33.47 -22.75 -18.44
C ASP B 60 31.96 -22.74 -18.70
N ILE B 61 31.27 -23.76 -18.18
CA ILE B 61 29.83 -23.84 -18.36
C ILE B 61 29.21 -24.67 -17.24
N ALA B 62 28.03 -24.23 -16.78
CA ALA B 62 27.34 -24.93 -15.70
C ALA B 62 25.86 -24.60 -15.70
N ASN B 63 25.07 -25.48 -15.09
CA ASN B 63 23.64 -25.27 -14.98
C ASN B 63 23.47 -24.51 -13.66
N VAL B 64 23.03 -23.26 -13.74
CA VAL B 64 22.87 -22.40 -12.57
C VAL B 64 21.46 -21.84 -12.45
N SER B 65 21.09 -21.36 -11.27
CA SER B 65 19.76 -20.80 -11.03
C SER B 65 19.50 -19.52 -11.80
N ALA B 66 18.24 -19.21 -12.01
CA ALA B 66 17.85 -18.00 -12.72
C ALA B 66 18.43 -16.77 -12.01
N VAL B 67 18.29 -16.73 -10.68
CA VAL B 67 18.80 -15.60 -9.92
C VAL B 67 20.33 -15.47 -10.04
N GLU B 68 21.01 -16.60 -10.09
CA GLU B 68 22.47 -16.60 -10.23
C GLU B 68 22.85 -15.96 -11.57
N PHE B 69 22.17 -16.38 -12.63
CA PHE B 69 22.39 -15.86 -13.96
C PHE B 69 22.04 -14.37 -14.03
N ILE B 70 20.85 -14.02 -13.55
CA ILE B 70 20.40 -12.63 -13.58
C ILE B 70 21.36 -11.65 -12.90
N ARG B 71 21.85 -12.02 -11.72
CA ARG B 71 22.77 -11.15 -10.99
C ARG B 71 24.13 -10.97 -11.65
N HIS B 72 24.42 -11.75 -12.69
CA HIS B 72 25.71 -11.63 -13.37
C HIS B 72 25.57 -11.58 -14.89
N ALA B 73 24.39 -11.18 -15.34
CA ALA B 73 24.07 -11.09 -16.75
C ALA B 73 25.06 -10.23 -17.55
N ASP B 74 26.00 -9.56 -16.87
CA ASP B 74 26.94 -8.75 -17.62
C ASP B 74 28.21 -9.51 -18.00
N THR B 75 28.57 -10.54 -17.25
CA THR B 75 29.75 -11.33 -17.59
C THR B 75 29.29 -12.71 -18.07
N LEU B 76 28.04 -13.05 -17.77
CA LEU B 76 27.49 -14.34 -18.18
C LEU B 76 26.39 -14.25 -19.22
N ALA B 77 26.28 -15.29 -20.04
CA ALA B 77 25.24 -15.40 -21.06
C ALA B 77 24.70 -16.81 -20.88
N ALA B 78 23.50 -17.08 -21.39
CA ALA B 78 22.92 -18.41 -21.24
C ALA B 78 22.62 -19.08 -22.57
N LEU B 79 22.74 -20.39 -22.62
CA LEU B 79 22.43 -21.13 -23.84
C LEU B 79 21.01 -20.72 -24.17
N PRO B 80 20.72 -20.47 -25.45
CA PRO B 80 19.38 -20.06 -25.88
C PRO B 80 18.24 -21.09 -25.84
N ASP B 81 18.56 -22.37 -25.99
CA ASP B 81 17.51 -23.38 -26.00
C ASP B 81 17.51 -24.36 -24.84
N PHE B 82 18.04 -23.93 -23.70
CA PHE B 82 18.06 -24.82 -22.53
C PHE B 82 17.55 -24.11 -21.29
N SER B 83 16.77 -24.83 -20.49
CA SER B 83 16.23 -24.26 -19.28
C SER B 83 15.59 -25.29 -18.37
N VAL B 84 15.27 -24.84 -17.17
CA VAL B 84 14.57 -25.66 -16.20
C VAL B 84 13.45 -24.71 -15.77
N ALA B 85 12.30 -24.86 -16.40
CA ALA B 85 11.16 -24.00 -16.11
C ALA B 85 9.88 -24.80 -16.07
N VAL B 86 8.80 -24.17 -15.62
CA VAL B 86 7.50 -24.82 -15.56
C VAL B 86 6.40 -23.81 -15.72
N LEU B 87 5.22 -24.28 -16.12
CA LEU B 87 4.05 -23.42 -16.25
C LEU B 87 3.12 -24.05 -15.24
N GLY B 88 2.80 -23.30 -14.18
CA GLY B 88 1.93 -23.83 -13.14
C GLY B 88 2.80 -24.36 -12.02
N PRO B 89 2.40 -25.47 -11.38
CA PRO B 89 3.15 -26.07 -10.28
C PRO B 89 4.51 -26.66 -10.68
N VAL B 90 5.43 -26.71 -9.72
CA VAL B 90 6.76 -27.26 -9.95
C VAL B 90 6.96 -28.47 -9.02
N TYR B 91 6.23 -28.47 -7.90
CA TYR B 91 6.27 -29.54 -6.90
C TYR B 91 7.54 -29.66 -6.07
N SER B 92 8.61 -28.95 -6.44
CA SER B 92 9.85 -29.02 -5.67
C SER B 92 10.35 -27.68 -5.09
N VAL B 93 9.43 -26.72 -4.94
CA VAL B 93 9.71 -25.40 -4.37
C VAL B 93 8.44 -25.11 -3.58
N ASN B 94 8.37 -25.64 -2.36
CA ASN B 94 7.17 -25.49 -1.55
C ASN B 94 7.32 -24.78 -0.22
N LEU B 95 6.26 -24.07 0.15
CA LEU B 95 6.18 -23.38 1.41
C LEU B 95 5.13 -24.13 2.23
N PHE B 96 5.58 -24.89 3.22
CA PHE B 96 4.69 -25.66 4.07
C PHE B 96 4.24 -24.73 5.20
N HIS B 97 2.97 -24.79 5.56
CA HIS B 97 2.46 -23.93 6.62
C HIS B 97 1.16 -24.42 7.26
N THR B 98 1.00 -24.05 8.53
CA THR B 98 -0.17 -24.41 9.33
C THR B 98 -1.28 -23.37 9.19
N CYS B 99 -0.99 -22.14 9.58
CA CYS B 99 -1.98 -21.07 9.48
C CYS B 99 -2.01 -20.59 8.03
N PRO B 100 -3.01 -19.79 7.64
CA PRO B 100 -3.01 -19.35 6.24
C PRO B 100 -1.91 -18.31 6.01
N LEU B 101 -1.50 -18.18 4.75
CA LEU B 101 -0.43 -17.28 4.35
C LEU B 101 -0.41 -15.87 4.95
N PRO B 102 -1.55 -15.17 4.92
CA PRO B 102 -1.58 -13.81 5.48
C PRO B 102 -1.19 -13.76 6.95
N GLU B 103 -1.32 -14.88 7.65
CA GLU B 103 -0.99 -14.90 9.06
C GLU B 103 0.47 -15.22 9.38
N LEU B 104 1.24 -15.63 8.37
CA LEU B 104 2.65 -15.96 8.56
C LEU B 104 3.40 -14.90 9.35
N ARG B 105 4.08 -15.35 10.40
CA ARG B 105 4.86 -14.46 11.25
C ARG B 105 6.33 -14.88 11.22
N ARG B 106 6.57 -16.19 11.17
CA ARG B 106 7.93 -16.72 11.12
C ARG B 106 8.04 -17.82 10.06
N VAL B 107 9.04 -17.71 9.20
CA VAL B 107 9.24 -18.71 8.15
C VAL B 107 10.67 -19.26 8.17
N ALA B 108 10.76 -20.59 8.26
CA ALA B 108 12.06 -21.25 8.29
C ALA B 108 12.60 -21.48 6.88
N LEU B 109 13.91 -21.30 6.71
CA LEU B 109 14.58 -21.53 5.43
C LEU B 109 15.50 -22.72 5.65
N THR B 110 15.14 -23.84 5.04
CA THR B 110 15.90 -25.08 5.19
C THR B 110 17.39 -25.02 4.84
N SER B 111 17.72 -24.39 3.73
CA SER B 111 19.12 -24.31 3.30
C SER B 111 19.45 -22.99 2.61
N GLN B 112 20.67 -22.92 2.11
CA GLN B 112 21.14 -21.75 1.40
C GLN B 112 20.66 -21.79 -0.05
N SER B 113 19.53 -21.16 -0.33
CA SER B 113 19.00 -21.14 -1.69
C SER B 113 18.54 -19.75 -2.05
N ALA B 114 19.38 -19.04 -2.79
CA ALA B 114 19.08 -17.68 -3.20
C ALA B 114 17.89 -17.69 -4.14
N MSE B 115 17.77 -18.77 -4.92
CA MSE B 115 16.67 -18.88 -5.87
C MSE B 115 15.31 -18.94 -5.17
O MSE B 115 14.46 -18.07 -5.39
CB MSE B 115 16.85 -20.13 -6.75
CG MSE B 115 15.70 -20.40 -7.73
SE MSE B 115 15.58 -19.15 -9.24
CE MSE B 115 14.37 -17.83 -8.47
N SER B 116 15.11 -19.93 -4.32
CA SER B 116 13.83 -20.06 -3.64
C SER B 116 13.43 -18.83 -2.80
N VAL B 117 14.35 -18.32 -1.97
CA VAL B 117 14.02 -17.16 -1.14
C VAL B 117 13.70 -15.95 -2.01
N ALA B 118 14.48 -15.78 -3.08
CA ALA B 118 14.27 -14.64 -3.97
C ALA B 118 12.83 -14.65 -4.51
N LEU B 119 12.34 -15.83 -4.89
CA LEU B 119 10.98 -15.94 -5.42
C LEU B 119 9.97 -15.76 -4.29
N LEU B 120 10.29 -16.25 -3.10
CA LEU B 120 9.40 -16.11 -1.96
C LEU B 120 9.24 -14.64 -1.63
N GLU B 121 10.37 -13.94 -1.54
CA GLU B 121 10.36 -12.52 -1.21
C GLU B 121 9.52 -11.74 -2.22
N VAL B 122 9.67 -12.06 -3.50
CA VAL B 122 8.90 -11.38 -4.53
C VAL B 122 7.41 -11.62 -4.31
N LEU B 123 7.05 -12.85 -3.99
CA LEU B 123 5.65 -13.16 -3.76
C LEU B 123 5.10 -12.46 -2.52
N LEU B 124 5.84 -12.53 -1.40
CA LEU B 124 5.39 -11.87 -0.17
C LEU B 124 5.25 -10.36 -0.41
N ARG B 125 6.34 -9.72 -0.87
CA ARG B 125 6.35 -8.28 -1.15
C ARG B 125 5.15 -7.88 -1.95
N GLN B 126 4.82 -8.68 -2.95
CA GLN B 126 3.66 -8.43 -3.79
C GLN B 126 2.35 -8.41 -2.99
N LYS B 127 2.18 -9.42 -2.14
CA LYS B 127 0.98 -9.55 -1.31
C LYS B 127 0.95 -8.62 -0.10
N GLY B 128 1.99 -7.81 0.06
CA GLY B 128 2.03 -6.89 1.19
C GLY B 128 2.47 -7.52 2.51
N LEU B 129 2.68 -8.83 2.50
CA LEU B 129 3.10 -9.54 3.71
C LEU B 129 4.59 -9.40 3.97
N SER B 130 5.00 -9.69 5.20
CA SER B 130 6.42 -9.57 5.51
C SER B 130 6.82 -10.39 6.73
N PRO B 131 6.54 -11.70 6.72
CA PRO B 131 6.92 -12.51 7.86
C PRO B 131 8.44 -12.57 7.98
N VAL B 132 8.94 -12.81 9.18
CA VAL B 132 10.38 -12.89 9.41
C VAL B 132 10.92 -14.22 8.88
N LEU B 133 12.05 -14.17 8.20
CA LEU B 133 12.67 -15.36 7.64
C LEU B 133 13.94 -15.74 8.39
N GLU B 134 14.04 -17.00 8.78
CA GLU B 134 15.21 -17.45 9.54
C GLU B 134 15.79 -18.75 9.03
N ARG B 135 17.12 -18.82 8.99
CA ARG B 135 17.78 -20.07 8.58
C ARG B 135 17.62 -20.99 9.77
N ALA B 136 17.07 -22.17 9.52
CA ALA B 136 16.88 -23.15 10.59
C ALA B 136 17.21 -24.51 10.03
N GLU B 137 17.41 -25.47 10.90
CA GLU B 137 17.76 -26.81 10.45
C GLU B 137 16.62 -27.80 10.71
N GLY B 138 16.36 -28.67 9.74
CA GLY B 138 15.32 -29.65 9.92
C GLY B 138 14.42 -29.85 8.72
N THR B 139 13.37 -30.64 8.91
CA THR B 139 12.43 -30.90 7.85
C THR B 139 11.21 -30.03 8.08
N ALA B 140 10.27 -30.07 7.14
CA ALA B 140 9.07 -29.27 7.25
C ALA B 140 8.26 -29.67 8.50
N GLU B 141 8.03 -30.97 8.65
CA GLU B 141 7.26 -31.47 9.78
C GLU B 141 7.87 -31.05 11.12
N SER B 142 9.16 -31.29 11.28
CA SER B 142 9.84 -30.93 12.52
C SER B 142 9.89 -29.44 12.78
N LEU B 143 10.33 -28.67 11.78
CA LEU B 143 10.41 -27.22 11.96
C LEU B 143 9.05 -26.57 12.19
N LEU B 144 8.01 -27.14 11.58
CA LEU B 144 6.67 -26.60 11.73
C LEU B 144 6.16 -26.93 13.13
N ALA B 145 6.84 -27.86 13.80
CA ALA B 145 6.45 -28.26 15.15
C ALA B 145 7.33 -27.57 16.21
N ALA B 146 8.30 -26.78 15.76
CA ALA B 146 9.22 -26.09 16.68
C ALA B 146 9.03 -24.58 16.65
N GLY B 147 7.79 -24.13 16.49
CA GLY B 147 7.52 -22.70 16.50
C GLY B 147 7.65 -21.96 15.18
N TYR B 148 7.28 -22.59 14.07
CA TYR B 148 7.34 -21.93 12.77
C TYR B 148 5.99 -21.99 12.04
N ASP B 149 5.54 -20.85 11.52
CA ASP B 149 4.28 -20.79 10.80
C ASP B 149 4.45 -21.49 9.47
N GLY B 150 5.60 -21.25 8.85
CA GLY B 150 5.89 -21.84 7.55
C GLY B 150 7.33 -22.24 7.38
N VAL B 151 7.54 -23.20 6.49
CA VAL B 151 8.87 -23.70 6.19
C VAL B 151 9.04 -23.79 4.69
N LEU B 152 10.13 -23.20 4.19
CA LEU B 152 10.41 -23.23 2.77
C LEU B 152 11.40 -24.34 2.47
N ARG B 153 11.01 -25.24 1.58
CA ARG B 153 11.88 -26.35 1.18
C ARG B 153 12.00 -26.40 -0.35
N ILE B 154 13.12 -26.94 -0.84
CA ILE B 154 13.36 -27.04 -2.28
C ILE B 154 13.94 -28.41 -2.64
N GLY B 155 13.81 -28.77 -3.91
CA GLY B 155 14.38 -30.03 -4.36
C GLY B 155 13.75 -31.34 -3.94
N ASP B 156 14.56 -32.39 -3.91
CA ASP B 156 14.10 -33.71 -3.54
C ASP B 156 13.36 -33.77 -2.20
N ASP B 157 13.90 -33.10 -1.18
CA ASP B 157 13.22 -33.10 0.10
C ASP B 157 11.83 -32.48 -0.06
N ALA B 158 11.78 -31.36 -0.76
CA ALA B 158 10.52 -30.67 -0.98
C ALA B 158 9.52 -31.57 -1.71
N LEU B 159 10.01 -32.33 -2.68
CA LEU B 159 9.14 -33.22 -3.42
C LEU B 159 8.63 -34.35 -2.54
N ARG B 160 9.53 -34.94 -1.75
CA ARG B 160 9.14 -36.03 -0.87
C ARG B 160 8.16 -35.59 0.20
N GLU B 161 8.44 -34.46 0.85
CA GLU B 161 7.58 -33.95 1.89
C GLU B 161 6.21 -33.54 1.35
N TRP B 162 6.19 -33.06 0.11
CA TRP B 162 4.93 -32.69 -0.49
C TRP B 162 4.10 -33.96 -0.64
N TYR B 163 4.71 -35.01 -1.18
CA TYR B 163 4.01 -36.27 -1.38
C TYR B 163 3.64 -36.85 -0.03
N GLY B 164 4.42 -36.50 0.98
CA GLY B 164 4.13 -37.01 2.32
C GLY B 164 2.87 -36.39 2.88
N VAL B 165 2.74 -35.07 2.75
CA VAL B 165 1.58 -34.37 3.26
C VAL B 165 0.34 -34.70 2.43
N VAL B 166 0.52 -34.69 1.11
CA VAL B 166 -0.57 -35.01 0.21
C VAL B 166 -0.43 -36.49 -0.11
N GLY B 167 -1.27 -37.01 -1.00
CA GLY B 167 -1.14 -38.42 -1.33
C GLY B 167 -1.39 -39.33 -0.13
N PRO B 168 -1.11 -40.64 -0.24
CA PRO B 168 -0.58 -41.33 -1.41
C PRO B 168 -1.46 -41.20 -2.64
N LEU B 169 -0.86 -41.47 -3.79
CA LEU B 169 -1.55 -41.40 -5.07
C LEU B 169 -2.12 -42.79 -5.36
N THR B 170 -3.22 -42.84 -6.12
CA THR B 170 -3.86 -44.11 -6.45
C THR B 170 -4.23 -44.24 -7.93
N PRO B 171 -4.49 -45.48 -8.38
CA PRO B 171 -4.86 -45.78 -9.77
C PRO B 171 -5.99 -44.95 -10.36
N GLU B 172 -6.90 -44.48 -9.51
CA GLU B 172 -8.01 -43.68 -9.98
C GLU B 172 -7.64 -42.20 -10.08
N ARG B 173 -6.85 -41.73 -9.12
CA ARG B 173 -6.41 -40.34 -9.07
C ARG B 173 -5.33 -39.99 -10.07
N THR B 174 -5.09 -38.69 -10.22
CA THR B 174 -4.06 -38.17 -11.10
C THR B 174 -3.26 -37.26 -10.17
N MSE B 175 -1.98 -37.07 -10.46
CA MSE B 175 -1.15 -36.23 -9.61
C MSE B 175 -1.65 -34.79 -9.68
O MSE B 175 -1.62 -34.06 -8.68
CB MSE B 175 0.31 -36.29 -10.05
CG MSE B 175 1.25 -35.55 -9.10
SE MSE B 175 3.09 -35.98 -9.41
CE MSE B 175 3.89 -34.24 -9.17
N THR B 176 -2.11 -34.40 -10.86
CA THR B 176 -2.65 -33.06 -11.11
C THR B 176 -3.87 -32.81 -10.21
N SER B 177 -4.46 -33.88 -9.70
CA SER B 177 -5.65 -33.81 -8.86
C SER B 177 -5.44 -33.89 -7.36
N LEU B 178 -4.19 -33.97 -6.92
CA LEU B 178 -3.93 -34.07 -5.49
C LEU B 178 -4.27 -32.81 -4.71
N PRO B 179 -4.83 -32.97 -3.51
CA PRO B 179 -5.19 -31.83 -2.67
C PRO B 179 -3.93 -31.14 -2.17
N HIS B 180 -4.03 -29.86 -1.83
CA HIS B 180 -2.87 -29.14 -1.36
C HIS B 180 -2.69 -29.14 0.15
N THR B 181 -3.54 -29.88 0.86
CA THR B 181 -3.45 -29.93 2.31
C THR B 181 -3.53 -31.35 2.88
N GLY B 182 -2.87 -31.57 4.00
CA GLY B 182 -2.88 -32.87 4.65
C GLY B 182 -2.42 -32.71 6.09
N ARG B 183 -3.09 -33.39 7.02
CA ARG B 183 -2.73 -33.30 8.44
C ARG B 183 -2.65 -31.83 8.88
N GLY B 184 -3.54 -31.01 8.33
CA GLY B 184 -3.54 -29.59 8.69
C GLY B 184 -2.40 -28.78 8.09
N ILE B 185 -1.58 -29.42 7.26
CA ILE B 185 -0.46 -28.74 6.63
C ILE B 185 -0.77 -28.40 5.19
N THR B 186 -0.72 -27.12 4.86
CA THR B 186 -0.97 -26.70 3.49
C THR B 186 0.37 -26.55 2.79
N VAL B 187 0.41 -26.99 1.54
CA VAL B 187 1.61 -26.90 0.75
C VAL B 187 1.41 -25.92 -0.39
N THR B 188 1.98 -24.74 -0.27
CA THR B 188 1.86 -23.73 -1.31
C THR B 188 3.02 -23.84 -2.28
N ASP B 189 2.70 -24.11 -3.53
CA ASP B 189 3.70 -24.26 -4.60
C ASP B 189 4.05 -22.86 -5.10
N LEU B 190 5.30 -22.44 -4.93
CA LEU B 190 5.68 -21.09 -5.35
C LEU B 190 5.53 -20.86 -6.84
N ALA B 191 5.72 -21.91 -7.65
CA ALA B 191 5.59 -21.76 -9.10
C ALA B 191 4.13 -21.52 -9.44
N GLN B 192 3.24 -22.18 -8.70
CA GLN B 192 1.81 -22.00 -8.91
C GLN B 192 1.46 -20.55 -8.56
N GLU B 193 1.98 -20.08 -7.43
CA GLU B 193 1.75 -18.71 -6.99
C GLU B 193 2.18 -17.77 -8.09
N TRP B 194 3.36 -18.03 -8.68
CA TRP B 194 3.86 -17.19 -9.75
C TRP B 194 2.93 -17.19 -10.96
N PHE B 195 2.19 -18.28 -11.15
CA PHE B 195 1.27 -18.34 -12.27
C PHE B 195 0.02 -17.51 -11.94
N ASP B 196 -0.50 -17.68 -10.74
CA ASP B 196 -1.68 -16.92 -10.33
C ASP B 196 -1.37 -15.43 -10.45
N LEU B 197 -0.12 -15.07 -10.17
CA LEU B 197 0.29 -13.68 -10.23
C LEU B 197 0.50 -13.13 -11.63
N THR B 198 1.31 -13.84 -12.43
CA THR B 198 1.63 -13.38 -13.77
C THR B 198 0.95 -14.11 -14.92
N GLY B 199 0.45 -15.32 -14.64
CA GLY B 199 -0.20 -16.11 -15.67
C GLY B 199 0.85 -16.68 -16.62
N HIS B 200 2.12 -16.51 -16.28
CA HIS B 200 3.22 -17.01 -17.11
C HIS B 200 4.05 -18.11 -16.45
N PRO B 201 4.92 -18.77 -17.22
CA PRO B 201 5.73 -19.83 -16.61
C PRO B 201 6.90 -19.21 -15.85
N PHE B 202 7.54 -19.99 -14.98
CA PHE B 202 8.69 -19.50 -14.24
C PHE B 202 9.92 -20.30 -14.62
N THR B 203 11.04 -19.61 -14.78
CA THR B 203 12.30 -20.28 -15.14
C THR B 203 13.17 -20.35 -13.88
N PHE B 204 13.44 -21.56 -13.44
CA PHE B 204 14.24 -21.77 -12.25
C PHE B 204 15.72 -21.86 -12.50
N ALA B 205 16.10 -22.33 -13.69
CA ALA B 205 17.52 -22.47 -14.02
C ALA B 205 17.84 -22.39 -15.50
N VAL B 206 19.11 -22.13 -15.77
CA VAL B 206 19.58 -22.02 -17.14
C VAL B 206 20.99 -22.61 -17.25
N TRP B 207 21.56 -22.53 -18.44
CA TRP B 207 22.91 -23.02 -18.66
C TRP B 207 23.71 -21.79 -19.04
N ALA B 208 24.58 -21.35 -18.15
CA ALA B 208 25.36 -20.14 -18.41
C ALA B 208 26.84 -20.37 -18.60
N TYR B 209 27.46 -19.45 -19.31
CA TYR B 209 28.88 -19.50 -19.58
C TYR B 209 29.35 -18.05 -19.65
N ARG B 210 30.65 -17.84 -19.48
CA ARG B 210 31.19 -16.48 -19.57
C ARG B 210 31.09 -16.11 -21.03
N LYS B 211 30.70 -14.86 -21.31
CA LYS B 211 30.58 -14.43 -22.69
C LYS B 211 31.89 -14.57 -23.46
N ASP B 212 32.99 -14.22 -22.82
CA ASP B 212 34.31 -14.28 -23.45
C ASP B 212 34.80 -15.71 -23.67
N ASN B 213 33.90 -16.68 -23.55
CA ASN B 213 34.31 -18.08 -23.72
C ASN B 213 33.15 -19.01 -24.10
N PRO B 214 32.50 -18.74 -25.26
CA PRO B 214 31.38 -19.55 -25.74
C PRO B 214 31.69 -21.04 -25.78
N PRO B 215 30.67 -21.88 -25.60
CA PRO B 215 30.87 -23.34 -25.61
C PRO B 215 31.06 -23.90 -27.02
N PRO B 216 31.91 -24.93 -27.15
CA PRO B 216 32.13 -25.53 -28.46
C PRO B 216 30.83 -26.12 -29.02
N ALA B 217 30.63 -25.97 -30.31
CA ALA B 217 29.43 -26.48 -30.96
C ALA B 217 29.20 -27.97 -30.67
N ALA B 218 30.29 -28.73 -30.60
CA ALA B 218 30.19 -30.16 -30.35
C ALA B 218 29.49 -30.50 -29.02
N LEU B 219 29.71 -29.65 -28.03
CA LEU B 219 29.10 -29.87 -26.72
C LEU B 219 27.61 -29.58 -26.78
N LEU B 220 27.23 -28.54 -27.51
CA LEU B 220 25.84 -28.19 -27.61
C LEU B 220 25.05 -29.28 -28.33
N GLN B 221 25.68 -29.88 -29.34
CA GLN B 221 24.98 -30.93 -30.07
C GLN B 221 24.84 -32.16 -29.20
N ALA B 222 25.88 -32.45 -28.42
CA ALA B 222 25.86 -33.60 -27.53
C ALA B 222 24.77 -33.44 -26.47
N MSE B 223 24.56 -32.21 -26.02
CA MSE B 223 23.54 -31.93 -25.01
C MSE B 223 22.14 -32.06 -25.58
O MSE B 223 21.23 -32.56 -24.92
CB MSE B 223 23.73 -30.53 -24.44
CG MSE B 223 24.92 -30.41 -23.50
SE MSE B 223 25.22 -28.59 -22.91
CE MSE B 223 23.55 -28.30 -21.94
N ARG B 224 21.97 -31.63 -26.83
CA ARG B 224 20.68 -31.71 -27.49
C ARG B 224 20.30 -33.17 -27.77
N GLU B 225 21.30 -33.99 -28.07
CA GLU B 225 21.06 -35.40 -28.35
C GLU B 225 20.69 -36.13 -27.07
N ALA B 226 21.29 -35.67 -25.97
CA ALA B 226 21.03 -36.26 -24.66
C ALA B 226 19.62 -35.91 -24.18
N ARG B 227 19.17 -34.69 -24.46
CA ARG B 227 17.83 -34.29 -24.04
C ARG B 227 16.76 -35.07 -24.81
N ARG B 228 17.01 -35.34 -26.10
CA ARG B 228 16.05 -36.09 -26.90
C ARG B 228 15.91 -37.50 -26.31
N ARG B 229 17.04 -38.08 -25.91
CA ARG B 229 17.02 -39.40 -25.31
C ARG B 229 16.23 -39.39 -24.01
N GLY B 230 16.55 -38.46 -23.12
CA GLY B 230 15.84 -38.36 -21.85
C GLY B 230 14.35 -38.15 -22.03
N ILE B 231 13.98 -37.18 -22.88
CA ILE B 231 12.59 -36.89 -23.13
C ILE B 231 11.91 -38.07 -23.79
N GLY B 232 12.68 -38.78 -24.61
CA GLY B 232 12.15 -39.94 -25.32
C GLY B 232 11.95 -41.16 -24.45
N HIS B 233 12.59 -41.17 -23.28
CA HIS B 233 12.45 -42.32 -22.39
C HIS B 233 12.26 -41.87 -20.94
N LEU B 234 11.16 -41.17 -20.71
CA LEU B 234 10.84 -40.67 -19.38
C LEU B 234 10.64 -41.77 -18.33
N ALA B 235 9.99 -42.86 -18.74
CA ALA B 235 9.74 -43.98 -17.82
C ALA B 235 11.05 -44.51 -17.28
N GLU B 236 12.03 -44.62 -18.17
CA GLU B 236 13.35 -45.12 -17.82
C GLU B 236 14.11 -44.14 -16.94
N VAL B 237 14.06 -42.86 -17.26
CA VAL B 237 14.76 -41.86 -16.45
C VAL B 237 14.10 -41.79 -15.09
N SER B 238 12.78 -41.97 -15.08
CA SER B 238 12.00 -41.90 -13.85
C SER B 238 12.22 -43.05 -12.88
N GLN B 239 12.17 -44.28 -13.38
CA GLN B 239 12.37 -45.44 -12.51
C GLN B 239 13.70 -45.29 -11.78
N ARG B 240 14.76 -45.04 -12.54
CA ARG B 240 16.10 -44.87 -12.01
C ARG B 240 16.18 -43.94 -10.80
N HIS B 241 15.58 -42.75 -10.89
CA HIS B 241 15.62 -41.78 -9.79
C HIS B 241 14.51 -41.93 -8.72
N ALA B 242 13.43 -42.61 -9.06
CA ALA B 242 12.32 -42.80 -8.14
C ALA B 242 12.73 -43.64 -6.93
N GLU B 243 13.35 -44.78 -7.21
CA GLU B 243 13.80 -45.69 -6.17
C GLU B 243 14.77 -44.99 -5.22
N LYS B 244 15.70 -44.26 -5.81
CA LYS B 244 16.70 -43.53 -5.04
C LYS B 244 16.03 -42.44 -4.21
N LEU B 245 14.79 -42.09 -4.54
CA LEU B 245 14.07 -41.04 -3.82
C LEU B 245 12.95 -41.53 -2.91
N GLY B 246 12.62 -42.82 -2.97
CA GLY B 246 11.55 -43.35 -2.15
C GLY B 246 10.19 -42.93 -2.67
N LEU B 247 10.10 -42.65 -3.97
CA LEU B 247 8.85 -42.22 -4.55
C LEU B 247 8.34 -43.13 -5.67
N PRO B 248 7.02 -43.18 -5.85
CA PRO B 248 6.50 -44.03 -6.92
C PRO B 248 6.98 -43.50 -8.27
N GLU B 249 7.25 -44.42 -9.20
CA GLU B 249 7.74 -44.04 -10.52
C GLU B 249 6.86 -42.97 -11.17
N ARG B 250 5.54 -43.16 -11.07
CA ARG B 250 4.59 -42.23 -11.66
C ARG B 250 4.70 -40.80 -11.11
N VAL B 251 5.05 -40.65 -9.84
CA VAL B 251 5.20 -39.31 -9.28
C VAL B 251 6.35 -38.58 -9.96
N VAL B 252 7.48 -39.27 -10.09
CA VAL B 252 8.66 -38.70 -10.73
C VAL B 252 8.41 -38.51 -12.22
N GLN B 253 7.69 -39.45 -12.83
CA GLN B 253 7.45 -39.32 -14.26
C GLN B 253 6.66 -38.06 -14.57
N HIS B 254 5.58 -37.83 -13.83
CA HIS B 254 4.82 -36.62 -14.10
C HIS B 254 5.66 -35.40 -13.73
N TYR B 255 6.44 -35.54 -12.66
CA TYR B 255 7.30 -34.46 -12.22
C TYR B 255 8.21 -33.99 -13.35
N LEU B 256 8.85 -34.92 -14.05
CA LEU B 256 9.76 -34.58 -15.14
C LEU B 256 9.01 -34.12 -16.37
N TRP B 257 7.89 -34.75 -16.67
CA TRP B 257 7.08 -34.39 -17.83
C TRP B 257 6.63 -32.94 -17.72
N ASN B 258 6.44 -32.51 -16.48
CA ASN B 258 5.97 -31.18 -16.18
C ASN B 258 6.96 -30.06 -16.51
N PHE B 259 8.24 -30.40 -16.62
CA PHE B 259 9.25 -29.37 -16.93
C PHE B 259 9.34 -28.90 -18.38
N ARG B 260 9.76 -27.66 -18.56
CA ARG B 260 9.94 -27.02 -19.87
C ARG B 260 11.45 -26.81 -20.00
N TYR B 261 12.05 -27.52 -20.96
CA TYR B 261 13.50 -27.49 -21.15
C TYR B 261 14.11 -26.69 -22.28
N HIS B 262 13.29 -26.08 -23.13
CA HIS B 262 13.84 -25.35 -24.27
C HIS B 262 13.93 -23.83 -24.22
N LEU B 263 13.73 -23.26 -23.04
CA LEU B 263 13.80 -21.81 -22.88
C LEU B 263 13.16 -21.07 -24.06
N GLU B 264 11.87 -21.28 -24.24
CA GLU B 264 11.14 -20.65 -25.33
C GLU B 264 10.66 -19.27 -24.89
N ALA B 265 10.08 -18.52 -25.84
CA ALA B 265 9.61 -17.17 -25.57
C ALA B 265 8.78 -17.04 -24.28
N PRO B 266 7.91 -18.01 -23.98
CA PRO B 266 7.14 -17.86 -22.75
C PRO B 266 8.03 -18.00 -21.52
N ASP B 267 9.08 -18.83 -21.62
CA ASP B 267 9.96 -19.03 -20.50
C ASP B 267 10.85 -17.81 -20.27
N ARG B 268 11.35 -17.19 -21.32
CA ARG B 268 12.18 -16.02 -21.09
C ARG B 268 11.33 -14.81 -20.74
N LEU B 269 10.02 -14.90 -20.97
CA LEU B 269 9.11 -13.85 -20.62
C LEU B 269 9.02 -13.86 -19.09
N GLY B 270 8.81 -15.06 -18.54
CA GLY B 270 8.73 -15.19 -17.10
C GLY B 270 10.06 -14.80 -16.48
N LEU B 271 11.15 -15.26 -17.08
CA LEU B 271 12.48 -14.95 -16.59
C LEU B 271 12.70 -13.44 -16.50
N ARG B 272 12.31 -12.71 -17.55
CA ARG B 272 12.46 -11.26 -17.57
C ARG B 272 11.63 -10.62 -16.46
N GLU B 273 10.36 -11.01 -16.37
CA GLU B 273 9.48 -10.47 -15.36
C GLU B 273 10.04 -10.66 -13.96
N PHE B 274 10.53 -11.86 -13.68
CA PHE B 274 11.11 -12.14 -12.39
C PHE B 274 12.32 -11.23 -12.20
N ALA B 275 13.18 -11.22 -13.21
CA ALA B 275 14.39 -10.40 -13.19
C ALA B 275 14.10 -8.97 -12.74
N ASP B 276 13.12 -8.34 -13.38
CA ASP B 276 12.76 -6.96 -13.06
C ASP B 276 12.26 -6.78 -11.63
N LEU B 277 11.57 -7.80 -11.12
CA LEU B 277 11.02 -7.75 -9.78
C LEU B 277 12.02 -8.06 -8.68
N ALA B 278 12.90 -9.04 -8.93
CA ALA B 278 13.87 -9.45 -7.92
C ALA B 278 15.22 -8.76 -8.00
N VAL B 279 15.68 -8.44 -9.20
CA VAL B 279 16.99 -7.80 -9.33
C VAL B 279 16.93 -6.52 -10.13
N PRO B 280 16.25 -5.49 -9.59
CA PRO B 280 16.11 -4.20 -10.27
C PRO B 280 17.45 -3.69 -10.78
N GLY B 281 17.47 -3.21 -12.02
CA GLY B 281 18.69 -2.69 -12.60
C GLY B 281 19.68 -3.75 -13.05
N HIS B 282 19.22 -4.99 -13.15
CA HIS B 282 20.07 -6.09 -13.58
C HIS B 282 20.56 -5.83 -14.99
N ALA B 283 21.72 -6.39 -15.33
CA ALA B 283 22.28 -6.23 -16.67
C ALA B 283 21.32 -6.91 -17.64
N GLU B 284 21.43 -6.62 -18.92
CA GLU B 284 20.53 -7.26 -19.87
C GLU B 284 20.82 -8.75 -19.99
N LEU B 285 19.76 -9.54 -20.03
CA LEU B 285 19.90 -10.99 -20.16
C LEU B 285 20.18 -11.32 -21.63
N THR B 286 21.35 -11.87 -21.90
CA THR B 286 21.73 -12.22 -23.26
C THR B 286 21.91 -13.73 -23.41
N PHE B 287 21.60 -14.24 -24.59
CA PHE B 287 21.68 -15.67 -24.89
C PHE B 287 22.55 -15.92 -26.12
N PRO C 16 50.46 -22.25 0.47
CA PRO C 16 50.65 -20.78 0.32
C PRO C 16 49.32 -20.05 0.48
N TYR C 17 49.31 -18.99 1.28
CA TYR C 17 48.08 -18.21 1.48
C TYR C 17 48.00 -17.07 0.47
N ARG C 18 46.90 -17.04 -0.28
CA ARG C 18 46.68 -16.02 -1.30
C ARG C 18 45.60 -15.01 -0.90
N ALA C 19 45.78 -13.77 -1.32
CA ALA C 19 44.83 -12.73 -1.01
C ALA C 19 44.45 -11.98 -2.27
N GLY C 20 43.17 -11.60 -2.37
CA GLY C 20 42.70 -10.86 -3.52
C GLY C 20 42.32 -9.47 -3.07
N TRP C 21 43.24 -8.53 -3.19
CA TRP C 21 43.02 -7.15 -2.78
C TRP C 21 42.51 -6.31 -3.95
N ILE C 22 41.56 -5.41 -3.68
CA ILE C 22 41.09 -4.48 -4.70
C ILE C 22 41.42 -3.13 -4.07
N HIS C 23 42.45 -2.49 -4.59
CA HIS C 23 42.92 -1.24 -4.03
C HIS C 23 42.05 0.01 -4.17
N PHE C 24 40.86 -0.05 -3.59
CA PHE C 24 39.94 1.08 -3.59
C PHE C 24 40.62 2.19 -2.79
N THR C 25 40.38 3.44 -3.17
CA THR C 25 41.01 4.54 -2.44
C THR C 25 40.78 4.47 -0.92
N ASN C 26 39.54 4.19 -0.49
CA ASN C 26 39.23 4.15 0.94
C ASN C 26 39.91 3.04 1.75
N VAL C 27 40.75 2.24 1.11
CA VAL C 27 41.45 1.18 1.81
C VAL C 27 42.96 1.45 1.83
N ALA C 28 43.37 2.54 1.19
CA ALA C 28 44.77 2.90 1.12
C ALA C 28 45.46 2.95 2.47
N PRO C 29 44.79 3.50 3.50
CA PRO C 29 45.44 3.56 4.80
C PRO C 29 45.82 2.18 5.34
N ILE C 30 45.14 1.15 4.85
CA ILE C 30 45.41 -0.21 5.28
C ILE C 30 46.35 -1.00 4.37
N LEU C 31 46.05 -1.02 3.07
CA LEU C 31 46.86 -1.78 2.12
C LEU C 31 48.09 -1.10 1.52
N ASP C 32 48.12 0.22 1.46
CA ASP C 32 49.26 0.89 0.85
C ASP C 32 50.61 0.39 1.33
N SER C 33 50.83 0.35 2.65
CA SER C 33 52.11 -0.08 3.18
C SER C 33 52.18 -1.52 3.70
N LEU C 34 51.20 -2.34 3.35
CA LEU C 34 51.18 -3.73 3.80
C LEU C 34 52.37 -4.52 3.28
N GLU C 35 53.07 -5.17 4.20
CA GLU C 35 54.22 -6.00 3.84
C GLU C 35 53.76 -7.43 4.05
N LEU C 36 53.59 -8.17 2.96
CA LEU C 36 53.13 -9.54 3.07
C LEU C 36 54.12 -10.44 3.80
N PRO C 37 53.62 -11.26 4.73
CA PRO C 37 54.52 -12.17 5.45
C PRO C 37 55.01 -13.19 4.44
N PRO C 38 56.06 -13.96 4.79
CA PRO C 38 56.48 -14.95 3.78
C PRO C 38 55.42 -16.04 3.68
N GLY C 39 55.25 -16.59 2.49
CA GLY C 39 54.25 -17.63 2.32
C GLY C 39 52.84 -17.10 2.15
N VAL C 40 52.73 -15.89 1.66
CA VAL C 40 51.43 -15.27 1.40
C VAL C 40 51.58 -14.30 0.22
N THR C 41 50.84 -14.58 -0.84
CA THR C 41 50.88 -13.79 -2.06
C THR C 41 49.60 -12.99 -2.21
N ALA C 42 49.58 -12.06 -3.16
CA ALA C 42 48.41 -11.23 -3.38
C ALA C 42 48.20 -10.82 -4.83
N ILE C 43 46.93 -10.83 -5.25
CA ILE C 43 46.57 -10.45 -6.60
C ILE C 43 45.44 -9.43 -6.50
N THR C 44 44.97 -8.95 -7.66
CA THR C 44 43.89 -7.99 -7.68
C THR C 44 43.04 -8.23 -8.92
N GLY C 45 41.96 -7.46 -9.06
CA GLY C 45 41.10 -7.61 -10.22
C GLY C 45 39.80 -6.87 -9.97
N VAL C 46 38.75 -7.27 -10.66
CA VAL C 46 37.46 -6.63 -10.47
C VAL C 46 36.73 -7.41 -9.39
N PRO C 47 35.82 -6.76 -8.66
CA PRO C 47 35.04 -7.36 -7.58
C PRO C 47 34.44 -8.72 -7.92
N THR C 48 33.76 -8.81 -9.06
CA THR C 48 33.14 -10.06 -9.47
C THR C 48 34.19 -11.17 -9.49
N GLN C 49 35.32 -10.86 -10.12
CA GLN C 49 36.42 -11.81 -10.23
C GLN C 49 36.96 -12.26 -8.87
N MSE C 50 37.20 -11.30 -7.98
CA MSE C 50 37.73 -11.63 -6.66
C MSE C 50 36.75 -12.35 -5.76
O MSE C 50 37.12 -13.30 -5.05
CB MSE C 50 38.24 -10.37 -5.97
CG MSE C 50 39.66 -10.52 -5.44
SE MSE C 50 40.99 -10.48 -6.83
CE MSE C 50 40.86 -12.30 -7.47
N ASN C 51 35.50 -11.90 -5.76
CA ASN C 51 34.47 -12.54 -4.94
C ASN C 51 34.35 -14.01 -5.35
N ALA C 52 34.36 -14.25 -6.65
CA ALA C 52 34.24 -15.62 -7.17
C ALA C 52 35.45 -16.43 -6.72
N ALA C 53 36.64 -15.90 -6.97
CA ALA C 53 37.86 -16.57 -6.58
C ALA C 53 37.83 -16.97 -5.11
N LEU C 54 37.33 -16.07 -4.26
CA LEU C 54 37.26 -16.34 -2.83
C LEU C 54 36.35 -17.51 -2.51
N LEU C 55 35.14 -17.49 -3.05
CA LEU C 55 34.20 -18.58 -2.81
C LEU C 55 34.64 -19.87 -3.48
N SER C 56 35.35 -19.73 -4.60
CA SER C 56 35.82 -20.90 -5.34
C SER C 56 36.95 -21.61 -4.61
N GLY C 57 37.92 -20.84 -4.12
CA GLY C 57 39.04 -21.43 -3.41
C GLY C 57 40.37 -20.99 -4.00
N GLU C 58 40.29 -20.13 -5.01
CA GLU C 58 41.49 -19.61 -5.69
C GLU C 58 42.16 -18.52 -4.85
N VAL C 59 41.37 -17.84 -4.03
CA VAL C 59 41.86 -16.79 -3.15
C VAL C 59 41.36 -17.20 -1.77
N ASP C 60 42.12 -16.89 -0.72
CA ASP C 60 41.74 -17.27 0.63
C ASP C 60 41.20 -16.16 1.50
N ILE C 61 41.49 -14.92 1.12
CA ILE C 61 41.02 -13.77 1.86
C ILE C 61 40.92 -12.59 0.91
N ALA C 62 39.89 -11.77 1.10
CA ALA C 62 39.71 -10.62 0.21
C ALA C 62 38.83 -9.57 0.84
N ASN C 63 39.05 -8.31 0.45
CA ASN C 63 38.24 -7.21 0.97
C ASN C 63 37.00 -7.14 0.10
N VAL C 64 35.90 -7.66 0.63
CA VAL C 64 34.63 -7.68 -0.10
C VAL C 64 33.57 -6.77 0.52
N SER C 65 32.56 -6.44 -0.30
CA SER C 65 31.47 -5.59 0.14
C SER C 65 30.63 -6.29 1.20
N ALA C 66 29.86 -5.51 1.95
CA ALA C 66 29.02 -6.07 2.99
C ALA C 66 27.93 -6.97 2.44
N VAL C 67 27.42 -6.66 1.25
CA VAL C 67 26.36 -7.47 0.65
C VAL C 67 26.96 -8.82 0.28
N GLU C 68 28.15 -8.78 -0.30
CA GLU C 68 28.86 -9.98 -0.71
C GLU C 68 29.09 -10.87 0.50
N PHE C 69 29.44 -10.25 1.63
CA PHE C 69 29.68 -11.02 2.85
C PHE C 69 28.36 -11.57 3.39
N ILE C 70 27.38 -10.69 3.57
CA ILE C 70 26.09 -11.11 4.11
C ILE C 70 25.46 -12.24 3.31
N ARG C 71 25.45 -12.12 1.99
CA ARG C 71 24.85 -13.15 1.14
C ARG C 71 25.58 -14.51 1.21
N HIS C 72 26.78 -14.53 1.79
CA HIS C 72 27.53 -15.79 1.92
C HIS C 72 28.03 -16.02 3.32
N ALA C 73 27.27 -15.54 4.30
CA ALA C 73 27.65 -15.68 5.70
C ALA C 73 27.72 -17.13 6.18
N ASP C 74 27.21 -18.06 5.38
CA ASP C 74 27.24 -19.45 5.80
C ASP C 74 28.58 -20.09 5.44
N THR C 75 29.19 -19.62 4.37
CA THR C 75 30.48 -20.14 3.93
C THR C 75 31.66 -19.23 4.30
N LEU C 76 31.39 -17.94 4.40
CA LEU C 76 32.44 -16.96 4.71
C LEU C 76 32.33 -16.38 6.12
N ALA C 77 33.46 -15.90 6.62
CA ALA C 77 33.53 -15.24 7.93
C ALA C 77 34.38 -14.01 7.67
N ALA C 78 34.29 -13.03 8.56
CA ALA C 78 35.07 -11.81 8.39
C ALA C 78 36.00 -11.53 9.56
N LEU C 79 37.12 -10.88 9.26
CA LEU C 79 38.07 -10.50 10.30
C LEU C 79 37.26 -9.68 11.29
N PRO C 80 37.49 -9.87 12.59
CA PRO C 80 36.76 -9.15 13.63
C PRO C 80 37.02 -7.65 13.78
N ASP C 81 38.20 -7.18 13.39
CA ASP C 81 38.52 -5.77 13.59
C ASP C 81 38.90 -4.97 12.35
N PHE C 82 38.33 -5.33 11.21
CA PHE C 82 38.62 -4.65 9.96
C PHE C 82 37.35 -4.33 9.20
N SER C 83 37.15 -3.06 8.90
CA SER C 83 35.96 -2.64 8.18
C SER C 83 36.24 -1.43 7.31
N VAL C 84 35.19 -1.02 6.59
CA VAL C 84 35.21 0.16 5.75
C VAL C 84 33.79 0.61 6.01
N ALA C 85 33.61 1.39 7.07
CA ALA C 85 32.30 1.88 7.47
C ALA C 85 32.35 3.39 7.67
N VAL C 86 31.19 3.97 7.93
CA VAL C 86 31.10 5.42 8.14
C VAL C 86 29.89 5.79 9.00
N LEU C 87 30.01 6.90 9.72
CA LEU C 87 28.93 7.42 10.54
C LEU C 87 28.60 8.73 9.86
N GLY C 88 27.46 8.78 9.19
CA GLY C 88 27.11 10.00 8.48
C GLY C 88 27.40 9.86 6.99
N PRO C 89 27.88 10.92 6.35
CA PRO C 89 28.16 10.82 4.92
C PRO C 89 29.36 9.94 4.60
N VAL C 90 29.42 9.47 3.36
CA VAL C 90 30.52 8.63 2.92
C VAL C 90 31.21 9.34 1.74
N TYR C 91 30.45 10.19 1.05
CA TYR C 91 30.94 10.96 -0.11
C TYR C 91 31.21 10.16 -1.39
N SER C 92 31.20 8.83 -1.30
CA SER C 92 31.47 7.96 -2.45
C SER C 92 30.31 7.11 -2.94
N VAL C 93 29.14 7.29 -2.34
CA VAL C 93 27.97 6.52 -2.72
C VAL C 93 26.91 7.58 -2.87
N ASN C 94 26.93 8.24 -4.02
CA ASN C 94 26.03 9.35 -4.28
C ASN C 94 24.94 9.13 -5.32
N LEU C 95 23.77 9.68 -5.03
CA LEU C 95 22.63 9.62 -5.92
C LEU C 95 22.40 11.07 -6.37
N PHE C 96 22.83 11.37 -7.60
CA PHE C 96 22.70 12.69 -8.19
C PHE C 96 21.32 12.83 -8.83
N HIS C 97 20.63 13.92 -8.53
CA HIS C 97 19.31 14.12 -9.10
C HIS C 97 18.96 15.58 -9.25
N THR C 98 18.11 15.85 -10.24
CA THR C 98 17.65 17.19 -10.55
C THR C 98 16.30 17.49 -9.88
N CYS C 99 15.46 16.47 -9.76
CA CYS C 99 14.15 16.64 -9.15
C CYS C 99 14.15 16.03 -7.76
N PRO C 100 13.26 16.49 -6.87
CA PRO C 100 13.19 15.96 -5.50
C PRO C 100 13.05 14.43 -5.55
N LEU C 101 13.64 13.77 -4.57
CA LEU C 101 13.61 12.30 -4.51
C LEU C 101 12.24 11.66 -4.77
N PRO C 102 11.19 12.15 -4.12
CA PRO C 102 9.86 11.55 -4.34
C PRO C 102 9.41 11.54 -5.80
N GLU C 103 9.97 12.44 -6.60
CA GLU C 103 9.60 12.53 -8.01
C GLU C 103 10.46 11.66 -8.94
N LEU C 104 11.48 11.03 -8.38
CA LEU C 104 12.37 10.18 -9.17
C LEU C 104 11.54 9.10 -9.85
N ARG C 105 11.62 9.02 -11.17
CA ARG C 105 10.89 8.03 -11.95
C ARG C 105 11.82 7.00 -12.59
N ARG C 106 13.03 7.42 -12.92
CA ARG C 106 14.01 6.51 -13.50
C ARG C 106 15.43 6.91 -13.09
N VAL C 107 16.12 5.95 -12.50
CA VAL C 107 17.48 6.14 -12.02
C VAL C 107 18.49 5.29 -12.78
N ALA C 108 19.54 5.93 -13.28
CA ALA C 108 20.56 5.21 -14.02
C ALA C 108 21.57 4.60 -13.06
N LEU C 109 22.12 3.44 -13.43
CA LEU C 109 23.11 2.77 -12.61
C LEU C 109 24.40 2.73 -13.40
N THR C 110 25.31 3.63 -13.03
CA THR C 110 26.59 3.78 -13.70
C THR C 110 27.46 2.51 -13.81
N SER C 111 27.27 1.56 -12.89
CA SER C 111 28.06 0.32 -12.97
C SER C 111 27.46 -0.87 -12.24
N GLN C 112 28.15 -2.00 -12.33
CA GLN C 112 27.74 -3.23 -11.67
C GLN C 112 28.23 -3.13 -10.22
N SER C 113 27.29 -2.96 -9.30
CA SER C 113 27.62 -2.81 -7.90
C SER C 113 26.47 -3.30 -7.05
N ALA C 114 26.52 -4.54 -6.59
CA ALA C 114 25.43 -5.07 -5.78
C ALA C 114 25.24 -4.25 -4.51
N MSE C 115 26.36 -3.80 -3.94
CA MSE C 115 26.35 -3.02 -2.70
C MSE C 115 25.47 -1.78 -2.79
O MSE C 115 24.45 -1.70 -2.11
CB MSE C 115 27.77 -2.59 -2.32
CG MSE C 115 27.87 -1.73 -1.05
SE MSE C 115 27.68 -2.68 0.67
CE MSE C 115 25.78 -2.39 0.99
N SER C 116 25.87 -0.83 -3.62
CA SER C 116 25.13 0.42 -3.78
C SER C 116 23.66 0.18 -4.14
N VAL C 117 23.39 -0.72 -5.07
CA VAL C 117 22.01 -0.99 -5.44
C VAL C 117 21.23 -1.48 -4.22
N ALA C 118 21.80 -2.43 -3.49
CA ALA C 118 21.14 -2.97 -2.30
C ALA C 118 20.81 -1.86 -1.31
N LEU C 119 21.74 -0.94 -1.08
CA LEU C 119 21.49 0.16 -0.16
C LEU C 119 20.40 1.09 -0.71
N LEU C 120 20.49 1.41 -2.00
CA LEU C 120 19.51 2.28 -2.61
C LEU C 120 18.10 1.71 -2.51
N GLU C 121 17.97 0.40 -2.72
CA GLU C 121 16.68 -0.26 -2.66
C GLU C 121 16.07 -0.28 -1.25
N VAL C 122 16.91 -0.46 -0.24
CA VAL C 122 16.43 -0.49 1.13
C VAL C 122 15.90 0.90 1.49
N LEU C 123 16.57 1.93 0.99
CA LEU C 123 16.14 3.30 1.27
C LEU C 123 14.85 3.63 0.51
N LEU C 124 14.76 3.19 -0.75
CA LEU C 124 13.58 3.46 -1.55
C LEU C 124 12.35 2.72 -1.03
N ARG C 125 12.50 1.43 -0.71
CA ARG C 125 11.39 0.66 -0.20
C ARG C 125 10.89 1.30 1.08
N GLN C 126 11.83 1.76 1.90
CA GLN C 126 11.48 2.42 3.14
C GLN C 126 10.59 3.64 2.90
N LYS C 127 10.93 4.43 1.88
CA LYS C 127 10.16 5.62 1.55
C LYS C 127 9.00 5.32 0.61
N GLY C 128 8.65 4.04 0.47
CA GLY C 128 7.56 3.67 -0.40
C GLY C 128 7.77 4.01 -1.87
N LEU C 129 8.93 4.57 -2.21
CA LEU C 129 9.25 4.93 -3.59
C LEU C 129 9.71 3.72 -4.39
N SER C 130 9.47 3.74 -5.69
CA SER C 130 9.87 2.62 -6.53
C SER C 130 10.23 3.01 -7.96
N PRO C 131 11.21 3.91 -8.13
CA PRO C 131 11.57 4.30 -9.49
C PRO C 131 12.20 3.12 -10.21
N VAL C 132 12.15 3.15 -11.55
CA VAL C 132 12.73 2.08 -12.32
C VAL C 132 14.25 2.27 -12.38
N LEU C 133 14.99 1.19 -12.26
CA LEU C 133 16.46 1.25 -12.29
C LEU C 133 16.96 0.60 -13.58
N GLU C 134 17.74 1.36 -14.36
CA GLU C 134 18.28 0.82 -15.60
C GLU C 134 19.77 1.01 -15.62
N ARG C 135 20.49 0.02 -16.14
CA ARG C 135 21.93 0.12 -16.24
C ARG C 135 22.23 1.05 -17.39
N ALA C 136 23.14 1.99 -17.17
CA ALA C 136 23.52 2.95 -18.19
C ALA C 136 25.00 3.20 -18.08
N GLU C 137 25.52 4.03 -18.98
CA GLU C 137 26.94 4.33 -18.98
C GLU C 137 27.18 5.81 -19.19
N GLY C 138 28.10 6.37 -18.40
CA GLY C 138 28.39 7.78 -18.54
C GLY C 138 28.47 8.50 -17.20
N THR C 139 28.73 9.80 -17.26
CA THR C 139 28.83 10.61 -16.06
C THR C 139 27.45 10.96 -15.52
N ALA C 140 27.42 11.51 -14.32
CA ALA C 140 26.16 11.90 -13.70
C ALA C 140 25.48 13.00 -14.51
N GLU C 141 26.24 14.03 -14.86
CA GLU C 141 25.68 15.15 -15.61
C GLU C 141 25.24 14.83 -17.04
N SER C 142 25.99 13.97 -17.72
CA SER C 142 25.64 13.60 -19.08
C SER C 142 24.34 12.79 -19.04
N LEU C 143 24.29 11.83 -18.12
CA LEU C 143 23.12 10.98 -17.96
C LEU C 143 21.90 11.75 -17.46
N LEU C 144 22.14 12.79 -16.66
CA LEU C 144 21.05 13.60 -16.15
C LEU C 144 20.51 14.46 -17.30
N ALA C 145 21.32 14.63 -18.34
CA ALA C 145 20.91 15.43 -19.50
C ALA C 145 20.47 14.51 -20.64
N ALA C 146 19.96 13.33 -20.28
CA ALA C 146 19.52 12.38 -21.29
C ALA C 146 18.35 11.52 -20.83
N GLY C 147 17.41 12.13 -20.11
CA GLY C 147 16.24 11.37 -19.67
C GLY C 147 16.17 10.81 -18.26
N TYR C 148 17.30 10.73 -17.56
CA TYR C 148 17.31 10.20 -16.21
C TYR C 148 17.08 11.27 -15.14
N ASP C 149 16.22 10.96 -14.17
CA ASP C 149 15.92 11.88 -13.07
C ASP C 149 17.05 11.83 -12.04
N GLY C 150 17.64 10.64 -11.92
CA GLY C 150 18.71 10.46 -10.97
C GLY C 150 19.71 9.43 -11.44
N VAL C 151 20.95 9.58 -10.98
CA VAL C 151 22.04 8.67 -11.35
C VAL C 151 22.80 8.27 -10.10
N LEU C 152 23.03 6.97 -9.96
CA LEU C 152 23.74 6.43 -8.81
C LEU C 152 25.20 6.19 -9.17
N ARG C 153 26.12 6.76 -8.39
CA ARG C 153 27.55 6.59 -8.63
C ARG C 153 28.34 6.23 -7.35
N ILE C 154 29.34 5.39 -7.51
CA ILE C 154 30.15 4.92 -6.40
C ILE C 154 31.64 5.03 -6.68
N GLY C 155 32.45 5.03 -5.61
CA GLY C 155 33.89 5.10 -5.79
C GLY C 155 34.46 6.46 -6.16
N ASP C 156 35.66 6.45 -6.74
CA ASP C 156 36.35 7.67 -7.13
C ASP C 156 35.56 8.62 -8.01
N ASP C 157 34.85 8.11 -9.01
CA ASP C 157 34.07 8.97 -9.90
C ASP C 157 33.00 9.71 -9.12
N ALA C 158 32.37 9.00 -8.19
CA ALA C 158 31.32 9.57 -7.35
C ALA C 158 31.89 10.72 -6.53
N LEU C 159 33.06 10.47 -5.93
CA LEU C 159 33.72 11.48 -5.11
C LEU C 159 34.08 12.67 -5.98
N ARG C 160 34.73 12.42 -7.11
CA ARG C 160 35.12 13.50 -8.01
C ARG C 160 33.93 14.30 -8.50
N GLU C 161 32.86 13.62 -8.87
CA GLU C 161 31.68 14.33 -9.35
C GLU C 161 31.01 15.12 -8.23
N TRP C 162 31.01 14.57 -7.03
CA TRP C 162 30.41 15.27 -5.91
C TRP C 162 31.16 16.59 -5.73
N TYR C 163 32.47 16.53 -5.79
CA TYR C 163 33.27 17.73 -5.62
C TYR C 163 33.04 18.64 -6.80
N GLY C 164 32.87 18.05 -7.97
CA GLY C 164 32.63 18.84 -9.16
C GLY C 164 31.33 19.62 -9.04
N VAL C 165 30.35 19.04 -8.38
CA VAL C 165 29.06 19.68 -8.21
C VAL C 165 29.00 20.68 -7.06
N VAL C 166 29.30 20.23 -5.84
CA VAL C 166 29.23 21.11 -4.67
C VAL C 166 30.45 21.98 -4.41
N GLY C 167 31.56 21.71 -5.09
CA GLY C 167 32.76 22.50 -4.87
C GLY C 167 32.76 23.87 -5.52
N PRO C 168 33.88 24.61 -5.49
CA PRO C 168 35.16 24.25 -4.89
C PRO C 168 35.19 24.52 -3.40
N LEU C 169 36.29 24.14 -2.77
CA LEU C 169 36.46 24.32 -1.33
C LEU C 169 37.49 25.44 -1.11
N THR C 170 37.29 26.26 -0.08
CA THR C 170 38.23 27.34 0.22
C THR C 170 38.79 27.23 1.63
N PRO C 171 39.95 27.86 1.89
CA PRO C 171 40.61 27.83 3.20
C PRO C 171 39.64 28.19 4.32
N GLU C 172 38.74 29.10 3.98
CA GLU C 172 37.74 29.61 4.90
C GLU C 172 36.72 28.59 5.43
N ARG C 173 36.23 27.71 4.55
CA ARG C 173 35.22 26.71 4.94
C ARG C 173 35.70 25.25 5.00
N THR C 174 35.03 24.43 5.79
CA THR C 174 35.39 23.02 5.93
C THR C 174 34.63 22.14 4.94
N MSE C 175 35.09 20.92 4.76
CA MSE C 175 34.44 20.01 3.82
C MSE C 175 33.02 19.62 4.29
O MSE C 175 32.10 19.57 3.49
CB MSE C 175 35.27 18.73 3.62
CG MSE C 175 34.78 17.88 2.44
SE MSE C 175 36.04 16.52 1.88
CE MSE C 175 34.90 14.96 1.84
N THR C 176 32.88 19.37 5.59
CA THR C 176 31.59 19.00 6.14
C THR C 176 30.60 20.16 6.02
N SER C 177 31.04 21.25 5.41
CA SER C 177 30.19 22.44 5.26
C SER C 177 29.74 22.71 3.82
N LEU C 178 30.24 21.92 2.88
CA LEU C 178 29.86 22.12 1.49
C LEU C 178 28.37 21.95 1.34
N PRO C 179 27.76 22.66 0.38
CA PRO C 179 26.32 22.50 0.19
C PRO C 179 26.06 21.12 -0.42
N HIS C 180 24.80 20.79 -0.62
CA HIS C 180 24.45 19.51 -1.21
C HIS C 180 23.91 19.69 -2.60
N THR C 181 23.96 20.93 -3.09
CA THR C 181 23.47 21.26 -4.41
C THR C 181 24.43 22.17 -5.16
N GLY C 182 24.30 22.18 -6.48
CA GLY C 182 25.14 23.01 -7.32
C GLY C 182 24.68 22.87 -8.75
N ARG C 183 24.49 23.98 -9.45
CA ARG C 183 24.04 23.95 -10.83
C ARG C 183 22.74 23.16 -10.95
N GLY C 184 21.88 23.31 -9.95
CA GLY C 184 20.61 22.60 -9.97
C GLY C 184 20.67 21.11 -9.80
N ILE C 185 21.80 20.61 -9.29
CA ILE C 185 21.98 19.19 -9.05
C ILE C 185 22.13 18.95 -7.56
N THR C 186 21.32 18.04 -7.03
CA THR C 186 21.38 17.71 -5.62
C THR C 186 22.07 16.36 -5.44
N VAL C 187 23.09 16.34 -4.59
CA VAL C 187 23.82 15.11 -4.35
C VAL C 187 23.37 14.49 -3.02
N THR C 188 22.67 13.37 -3.12
CA THR C 188 22.19 12.68 -1.92
C THR C 188 23.14 11.56 -1.56
N ASP C 189 23.79 11.71 -0.41
CA ASP C 189 24.75 10.74 0.10
C ASP C 189 23.93 9.60 0.71
N LEU C 190 24.09 8.39 0.17
CA LEU C 190 23.35 7.23 0.68
C LEU C 190 23.67 6.84 2.12
N ALA C 191 24.91 7.05 2.55
CA ALA C 191 25.31 6.70 3.92
C ALA C 191 24.64 7.69 4.88
N GLN C 192 24.46 8.91 4.40
CA GLN C 192 23.81 9.95 5.19
C GLN C 192 22.32 9.63 5.33
N GLU C 193 21.75 9.06 4.26
CA GLU C 193 20.34 8.68 4.28
C GLU C 193 20.17 7.55 5.29
N TRP C 194 21.14 6.65 5.32
CA TRP C 194 21.12 5.54 6.24
C TRP C 194 21.19 6.03 7.70
N PHE C 195 21.97 7.07 7.95
CA PHE C 195 22.05 7.60 9.32
C PHE C 195 20.72 8.25 9.71
N ASP C 196 20.21 9.13 8.85
CA ASP C 196 18.94 9.79 9.12
C ASP C 196 17.86 8.76 9.39
N LEU C 197 18.00 7.58 8.76
CA LEU C 197 17.03 6.51 8.95
C LEU C 197 17.24 5.68 10.21
N THR C 198 18.46 5.22 10.43
CA THR C 198 18.79 4.36 11.58
C THR C 198 19.57 5.03 12.72
N GLY C 199 20.26 6.13 12.41
CA GLY C 199 21.04 6.81 13.43
C GLY C 199 22.29 6.02 13.75
N HIS C 200 22.63 5.07 12.89
CA HIS C 200 23.81 4.22 13.10
C HIS C 200 24.80 4.27 11.93
N PRO C 201 26.00 3.70 12.13
CA PRO C 201 27.01 3.68 11.08
C PRO C 201 26.59 2.71 9.98
N PHE C 202 27.25 2.80 8.83
CA PHE C 202 26.96 1.85 7.77
C PHE C 202 28.27 1.15 7.42
N THR C 203 28.23 -0.17 7.28
CA THR C 203 29.42 -0.91 6.93
C THR C 203 29.35 -1.32 5.47
N PHE C 204 30.25 -0.75 4.67
CA PHE C 204 30.29 -1.02 3.24
C PHE C 204 31.12 -2.24 2.87
N ALA C 205 32.22 -2.46 3.59
CA ALA C 205 33.05 -3.61 3.26
C ALA C 205 33.78 -4.21 4.46
N VAL C 206 34.14 -5.48 4.33
CA VAL C 206 34.85 -6.20 5.37
C VAL C 206 35.95 -7.02 4.70
N TRP C 207 36.71 -7.75 5.51
CA TRP C 207 37.75 -8.62 5.00
C TRP C 207 37.22 -10.03 5.29
N ALA C 208 36.96 -10.79 4.24
CA ALA C 208 36.41 -12.11 4.43
C ALA C 208 37.32 -13.23 3.96
N TYR C 209 37.08 -14.40 4.54
CA TYR C 209 37.81 -15.62 4.24
C TYR C 209 36.82 -16.76 4.45
N ARG C 210 37.14 -17.93 3.93
CA ARG C 210 36.27 -19.08 4.08
C ARG C 210 36.43 -19.62 5.50
N LYS C 211 35.32 -19.93 6.17
CA LYS C 211 35.38 -20.45 7.53
C LYS C 211 36.36 -21.61 7.70
N ASP C 212 36.40 -22.51 6.72
CA ASP C 212 37.26 -23.68 6.77
C ASP C 212 38.74 -23.37 6.49
N ASN C 213 39.09 -22.09 6.41
CA ASN C 213 40.48 -21.75 6.13
C ASN C 213 40.89 -20.37 6.66
N PRO C 214 40.95 -20.22 8.00
CA PRO C 214 41.33 -18.97 8.65
C PRO C 214 42.69 -18.47 8.17
N PRO C 215 42.92 -17.15 8.23
CA PRO C 215 44.20 -16.60 7.79
C PRO C 215 45.31 -16.78 8.83
N PRO C 216 46.57 -16.72 8.40
CA PRO C 216 47.70 -16.87 9.32
C PRO C 216 47.92 -15.62 10.17
N ALA C 217 48.15 -15.84 11.46
CA ALA C 217 48.37 -14.74 12.40
C ALA C 217 49.36 -13.69 11.91
N ALA C 218 50.37 -14.12 11.16
CA ALA C 218 51.38 -13.19 10.66
C ALA C 218 50.79 -12.17 9.67
N LEU C 219 49.75 -12.58 8.96
CA LEU C 219 49.11 -11.68 8.00
C LEU C 219 48.28 -10.67 8.77
N LEU C 220 47.56 -11.15 9.78
CA LEU C 220 46.75 -10.27 10.58
C LEU C 220 47.65 -9.21 11.21
N GLN C 221 48.73 -9.66 11.84
CA GLN C 221 49.66 -8.72 12.47
C GLN C 221 50.21 -7.74 11.43
N ALA C 222 50.55 -8.23 10.25
CA ALA C 222 51.08 -7.36 9.21
C ALA C 222 50.01 -6.33 8.87
N MSE C 223 48.76 -6.77 8.82
CA MSE C 223 47.67 -5.87 8.50
C MSE C 223 47.40 -4.84 9.58
O MSE C 223 47.20 -3.66 9.29
CB MSE C 223 46.39 -6.68 8.22
CG MSE C 223 46.38 -7.32 6.86
SE MSE C 223 44.84 -8.44 6.54
CE MSE C 223 43.51 -7.07 6.22
N ARG C 224 47.41 -5.28 10.84
CA ARG C 224 47.17 -4.37 11.95
C ARG C 224 48.26 -3.31 11.94
N GLU C 225 49.49 -3.74 11.63
CA GLU C 225 50.62 -2.84 11.60
C GLU C 225 50.55 -1.86 10.43
N ALA C 226 50.08 -2.33 9.28
CA ALA C 226 49.98 -1.47 8.11
C ALA C 226 48.94 -0.37 8.32
N ARG C 227 47.79 -0.71 8.91
CA ARG C 227 46.74 0.26 9.18
C ARG C 227 47.29 1.34 10.11
N ARG C 228 48.05 0.89 11.10
CA ARG C 228 48.66 1.78 12.08
C ARG C 228 49.51 2.85 11.36
N ARG C 229 50.27 2.43 10.36
CA ARG C 229 51.11 3.37 9.61
C ARG C 229 50.28 4.32 8.76
N GLY C 230 49.26 3.79 8.10
CA GLY C 230 48.43 4.64 7.26
C GLY C 230 47.67 5.67 8.08
N ILE C 231 47.10 5.23 9.20
CA ILE C 231 46.35 6.12 10.06
C ILE C 231 47.26 7.15 10.68
N GLY C 232 48.51 6.76 10.93
CA GLY C 232 49.47 7.69 11.53
C GLY C 232 50.01 8.75 10.58
N HIS C 233 49.84 8.53 9.28
CA HIS C 233 50.32 9.49 8.29
C HIS C 233 49.30 9.68 7.19
N LEU C 234 48.14 10.21 7.55
CA LEU C 234 47.07 10.44 6.59
C LEU C 234 47.43 11.41 5.47
N ALA C 235 48.16 12.47 5.81
CA ALA C 235 48.56 13.46 4.82
C ALA C 235 49.33 12.75 3.71
N GLU C 236 50.16 11.81 4.12
CA GLU C 236 50.98 11.05 3.20
C GLU C 236 50.13 10.17 2.29
N VAL C 237 49.27 9.35 2.87
CA VAL C 237 48.42 8.48 2.05
C VAL C 237 47.60 9.35 1.09
N SER C 238 47.06 10.44 1.61
CA SER C 238 46.25 11.37 0.82
C SER C 238 47.04 12.01 -0.31
N GLN C 239 48.18 12.61 0.02
CA GLN C 239 49.02 13.28 -0.96
C GLN C 239 49.30 12.36 -2.15
N ARG C 240 49.37 11.06 -1.87
CA ARG C 240 49.66 10.04 -2.86
C ARG C 240 48.49 9.64 -3.75
N HIS C 241 47.28 9.62 -3.22
CA HIS C 241 46.11 9.24 -4.01
C HIS C 241 45.41 10.50 -4.53
N ALA C 242 45.57 11.59 -3.80
CA ALA C 242 44.98 12.86 -4.21
C ALA C 242 46.03 13.47 -5.14
N GLU C 243 45.94 13.09 -6.41
CA GLU C 243 46.84 13.56 -7.45
C GLU C 243 46.50 12.69 -8.62
N LYS C 244 46.45 11.38 -8.37
CA LYS C 244 46.09 10.44 -9.41
C LYS C 244 44.58 10.57 -9.57
N LEU C 245 43.94 11.15 -8.56
CA LEU C 245 42.49 11.34 -8.56
C LEU C 245 42.07 12.72 -9.07
N GLY C 246 43.00 13.66 -9.09
CA GLY C 246 42.68 15.00 -9.55
C GLY C 246 41.87 15.77 -8.53
N LEU C 247 42.21 15.57 -7.25
CA LEU C 247 41.50 16.21 -6.16
C LEU C 247 42.44 16.86 -5.16
N PRO C 248 41.94 17.85 -4.41
CA PRO C 248 42.78 18.53 -3.42
C PRO C 248 43.17 17.54 -2.33
N GLU C 249 44.39 17.67 -1.81
CA GLU C 249 44.88 16.79 -0.75
C GLU C 249 43.88 16.81 0.42
N ARG C 250 43.37 17.99 0.74
CA ARG C 250 42.44 18.12 1.86
C ARG C 250 41.14 17.35 1.67
N VAL C 251 40.65 17.26 0.44
CA VAL C 251 39.41 16.53 0.20
C VAL C 251 39.66 15.06 0.47
N VAL C 252 40.81 14.57 0.03
CA VAL C 252 41.15 13.18 0.23
C VAL C 252 41.49 12.87 1.67
N GLN C 253 42.12 13.81 2.36
CA GLN C 253 42.48 13.58 3.75
C GLN C 253 41.21 13.45 4.60
N HIS C 254 40.26 14.36 4.41
CA HIS C 254 39.03 14.27 5.18
C HIS C 254 38.22 13.02 4.78
N TYR C 255 38.27 12.67 3.49
CA TYR C 255 37.55 11.49 3.04
C TYR C 255 38.06 10.25 3.81
N LEU C 256 39.37 10.14 3.96
CA LEU C 256 39.98 9.00 4.66
C LEU C 256 39.74 9.06 6.17
N TRP C 257 39.94 10.25 6.75
CA TRP C 257 39.74 10.43 8.17
C TRP C 257 38.31 10.05 8.57
N ASN C 258 37.41 10.24 7.63
CA ASN C 258 36.00 9.96 7.85
C ASN C 258 35.61 8.48 7.87
N PHE C 259 36.52 7.57 7.54
CA PHE C 259 36.19 6.14 7.55
C PHE C 259 36.45 5.44 8.89
N ARG C 260 35.59 4.46 9.18
CA ARG C 260 35.72 3.66 10.40
C ARG C 260 36.26 2.29 9.97
N TYR C 261 37.47 1.97 10.43
CA TYR C 261 38.13 0.73 10.02
C TYR C 261 38.23 -0.43 10.98
N HIS C 262 37.75 -0.27 12.20
CA HIS C 262 37.89 -1.35 13.16
C HIS C 262 36.70 -2.27 13.40
N LEU C 263 35.67 -2.15 12.56
CA LEU C 263 34.48 -2.99 12.70
C LEU C 263 34.07 -3.19 14.15
N GLU C 264 33.84 -2.07 14.85
CA GLU C 264 33.45 -2.10 16.24
C GLU C 264 31.94 -2.32 16.43
N ALA C 265 31.51 -2.41 17.68
CA ALA C 265 30.10 -2.64 18.00
C ALA C 265 29.13 -1.79 17.18
N PRO C 266 29.32 -0.46 17.13
CA PRO C 266 28.43 0.40 16.35
C PRO C 266 28.39 -0.02 14.87
N ASP C 267 29.56 -0.32 14.32
CA ASP C 267 29.62 -0.72 12.92
C ASP C 267 28.88 -2.04 12.70
N ARG C 268 29.07 -3.00 13.61
CA ARG C 268 28.42 -4.30 13.49
C ARG C 268 26.90 -4.12 13.65
N LEU C 269 26.49 -3.14 14.44
CA LEU C 269 25.07 -2.88 14.64
C LEU C 269 24.49 -2.48 13.29
N GLY C 270 25.13 -1.52 12.63
CA GLY C 270 24.64 -1.08 11.33
C GLY C 270 24.64 -2.22 10.34
N LEU C 271 25.74 -2.98 10.34
CA LEU C 271 25.87 -4.10 9.41
C LEU C 271 24.70 -5.07 9.54
N ARG C 272 24.39 -5.49 10.76
CA ARG C 272 23.29 -6.40 10.97
C ARG C 272 21.95 -5.79 10.58
N GLU C 273 21.71 -4.54 10.94
CA GLU C 273 20.43 -3.92 10.59
C GLU C 273 20.23 -3.96 9.08
N PHE C 274 21.32 -3.72 8.34
CA PHE C 274 21.25 -3.73 6.89
C PHE C 274 20.98 -5.14 6.39
N ALA C 275 21.73 -6.10 6.92
CA ALA C 275 21.58 -7.50 6.52
C ALA C 275 20.15 -7.99 6.70
N ASP C 276 19.48 -7.54 7.76
CA ASP C 276 18.11 -7.98 8.01
C ASP C 276 17.13 -7.46 6.96
N LEU C 277 17.34 -6.23 6.53
CA LEU C 277 16.48 -5.58 5.56
C LEU C 277 16.81 -5.97 4.11
N ALA C 278 18.07 -5.89 3.73
CA ALA C 278 18.49 -6.19 2.37
C ALA C 278 18.56 -7.66 2.04
N VAL C 279 18.80 -8.50 3.05
CA VAL C 279 18.92 -9.93 2.82
C VAL C 279 18.17 -10.78 3.82
N PRO C 280 16.85 -10.59 3.92
CA PRO C 280 16.03 -11.36 4.86
C PRO C 280 16.45 -12.83 4.88
N GLY C 281 16.53 -13.40 6.08
CA GLY C 281 16.90 -14.79 6.24
C GLY C 281 18.35 -15.10 5.98
N HIS C 282 19.18 -14.07 5.86
CA HIS C 282 20.61 -14.28 5.64
C HIS C 282 21.17 -15.16 6.74
N ALA C 283 22.26 -15.86 6.46
CA ALA C 283 22.91 -16.70 7.45
C ALA C 283 23.51 -15.78 8.51
N GLU C 284 23.82 -16.33 9.69
CA GLU C 284 24.39 -15.51 10.75
C GLU C 284 25.79 -15.01 10.41
N LEU C 285 26.03 -13.75 10.70
CA LEU C 285 27.33 -13.14 10.44
C LEU C 285 28.28 -13.51 11.57
N THR C 286 29.37 -14.20 11.23
CA THR C 286 30.36 -14.60 12.22
C THR C 286 31.69 -13.91 11.96
N PHE C 287 32.51 -13.80 13.01
CA PHE C 287 33.80 -13.12 12.91
C PHE C 287 34.95 -13.90 13.56
N PRO D 16 41.68 42.67 20.58
CA PRO D 16 42.51 41.82 21.46
C PRO D 16 41.70 40.60 21.92
N TYR D 17 41.35 39.72 20.98
CA TYR D 17 40.56 38.53 21.28
C TYR D 17 41.37 37.54 22.09
N ARG D 18 40.89 37.21 23.29
CA ARG D 18 41.57 36.27 24.17
C ARG D 18 40.96 34.88 24.04
N ALA D 19 41.79 33.87 24.23
CA ALA D 19 41.35 32.49 24.15
C ALA D 19 41.80 31.76 25.39
N GLY D 20 40.97 30.83 25.86
CA GLY D 20 41.29 30.05 27.04
C GLY D 20 41.28 28.57 26.69
N TRP D 21 42.46 28.04 26.39
CA TRP D 21 42.60 26.64 26.01
C TRP D 21 42.77 25.71 27.20
N ILE D 22 42.02 24.62 27.19
CA ILE D 22 42.15 23.60 28.22
C ILE D 22 42.91 22.58 27.37
N HIS D 23 44.22 22.52 27.57
CA HIS D 23 45.06 21.66 26.76
C HIS D 23 45.41 20.25 27.25
N PHE D 24 44.50 19.31 27.04
CA PHE D 24 44.79 17.92 27.40
C PHE D 24 44.97 17.17 26.08
N THR D 25 45.54 15.99 26.14
CA THR D 25 45.80 15.20 24.94
C THR D 25 44.72 15.13 23.86
N ASN D 26 43.46 14.95 24.24
CA ASN D 26 42.42 14.82 23.21
C ASN D 26 42.22 15.98 22.26
N VAL D 27 42.79 17.14 22.56
CA VAL D 27 42.65 18.28 21.65
C VAL D 27 43.96 18.61 20.95
N ALA D 28 45.01 17.83 21.21
CA ALA D 28 46.33 18.04 20.62
C ALA D 28 46.30 18.17 19.11
N PRO D 29 45.58 17.27 18.42
CA PRO D 29 45.53 17.35 16.96
C PRO D 29 45.04 18.71 16.48
N ILE D 30 44.31 19.41 17.32
CA ILE D 30 43.79 20.72 16.95
C ILE D 30 44.62 21.91 17.41
N LEU D 31 45.04 21.90 18.67
CA LEU D 31 45.78 23.03 19.23
C LEU D 31 47.31 22.99 19.10
N ASP D 32 47.91 21.81 19.23
CA ASP D 32 49.36 21.69 19.13
C ASP D 32 50.01 22.60 18.09
N SER D 33 49.60 22.52 16.83
CA SER D 33 50.23 23.37 15.82
C SER D 33 49.42 24.64 15.52
N LEU D 34 48.52 25.01 16.42
CA LEU D 34 47.72 26.20 16.20
C LEU D 34 48.62 27.40 16.06
N GLU D 35 48.30 28.28 15.12
CA GLU D 35 49.10 29.47 14.87
C GLU D 35 48.20 30.70 14.99
N LEU D 36 48.18 31.29 16.18
CA LEU D 36 47.36 32.46 16.46
C LEU D 36 47.61 33.65 15.54
N PRO D 37 46.54 34.15 14.91
CA PRO D 37 46.69 35.31 14.01
C PRO D 37 46.90 36.60 14.80
N PRO D 38 47.26 37.69 14.11
CA PRO D 38 47.47 38.94 14.84
C PRO D 38 46.17 39.36 15.52
N GLY D 39 46.25 39.73 16.79
CA GLY D 39 45.06 40.17 17.52
C GLY D 39 44.53 39.20 18.54
N VAL D 40 45.02 37.96 18.51
CA VAL D 40 44.56 36.96 19.46
C VAL D 40 45.70 36.40 20.30
N THR D 41 45.39 36.09 21.54
CA THR D 41 46.35 35.53 22.48
C THR D 41 45.66 34.36 23.16
N ALA D 42 46.43 33.51 23.82
CA ALA D 42 45.85 32.36 24.48
C ALA D 42 46.42 32.11 25.85
N ILE D 43 45.53 31.82 26.79
CA ILE D 43 45.91 31.54 28.17
C ILE D 43 45.47 30.12 28.48
N THR D 44 46.39 29.31 28.97
CA THR D 44 46.06 27.93 29.30
C THR D 44 45.74 27.79 30.79
N GLY D 45 45.16 26.66 31.17
CA GLY D 45 44.80 26.43 32.56
C GLY D 45 43.95 25.20 32.77
N VAL D 46 43.30 25.12 33.93
CA VAL D 46 42.43 23.99 34.27
C VAL D 46 40.96 24.34 34.01
N PRO D 47 40.13 23.33 33.72
CA PRO D 47 38.70 23.56 33.45
C PRO D 47 38.10 24.65 34.33
N THR D 48 38.15 24.44 35.64
CA THR D 48 37.60 25.40 36.59
C THR D 48 38.03 26.84 36.29
N GLN D 49 39.32 27.03 36.02
CA GLN D 49 39.85 28.36 35.71
C GLN D 49 39.27 28.89 34.42
N MSE D 50 39.37 28.09 33.36
CA MSE D 50 38.89 28.47 32.04
C MSE D 50 37.39 28.74 31.98
O MSE D 50 36.96 29.73 31.38
CB MSE D 50 39.27 27.39 31.02
CG MSE D 50 40.29 27.85 29.96
SE MSE D 50 41.91 28.70 30.64
CE MSE D 50 41.45 30.55 30.38
N ASN D 51 36.58 27.88 32.59
CA ASN D 51 35.13 28.09 32.59
C ASN D 51 34.85 29.43 33.24
N ALA D 52 35.39 29.61 34.44
CA ALA D 52 35.20 30.84 35.19
C ALA D 52 35.71 32.00 34.34
N ALA D 53 36.83 31.76 33.67
CA ALA D 53 37.45 32.75 32.81
C ALA D 53 36.57 33.13 31.62
N LEU D 54 35.89 32.16 31.04
CA LEU D 54 35.02 32.43 29.91
C LEU D 54 33.79 33.20 30.38
N LEU D 55 33.18 32.70 31.44
CA LEU D 55 31.98 33.32 32.01
C LEU D 55 32.21 34.75 32.48
N SER D 56 33.25 34.96 33.30
CA SER D 56 33.58 36.27 33.83
C SER D 56 33.87 37.30 32.73
N GLY D 57 34.68 36.91 31.75
CA GLY D 57 35.01 37.81 30.67
C GLY D 57 36.50 37.88 30.40
N GLU D 58 37.29 37.19 31.20
CA GLU D 58 38.74 37.16 31.02
C GLU D 58 39.04 36.67 29.60
N VAL D 59 38.55 35.47 29.28
CA VAL D 59 38.75 34.88 27.97
C VAL D 59 37.50 35.07 27.11
N ASP D 60 37.69 35.19 25.80
CA ASP D 60 36.57 35.38 24.88
C ASP D 60 36.05 34.05 24.32
N ILE D 61 36.94 33.06 24.23
CA ILE D 61 36.57 31.76 23.71
C ILE D 61 37.37 30.64 24.36
N ALA D 62 36.70 29.55 24.67
CA ALA D 62 37.35 28.42 25.32
C ALA D 62 36.69 27.11 24.89
N ASN D 63 37.44 26.01 24.98
CA ASN D 63 36.90 24.70 24.65
C ASN D 63 36.38 24.09 25.95
N VAL D 64 35.12 24.35 26.26
CA VAL D 64 34.53 23.86 27.49
C VAL D 64 33.77 22.56 27.29
N SER D 65 33.39 21.93 28.39
CA SER D 65 32.65 20.68 28.37
C SER D 65 31.24 20.91 27.85
N ALA D 66 30.63 19.85 27.34
CA ALA D 66 29.27 19.93 26.81
C ALA D 66 28.29 20.42 27.89
N VAL D 67 28.43 19.90 29.10
CA VAL D 67 27.55 20.28 30.20
C VAL D 67 27.66 21.78 30.48
N GLU D 68 28.90 22.27 30.51
CA GLU D 68 29.12 23.70 30.75
C GLU D 68 28.42 24.52 29.70
N PHE D 69 28.50 24.07 28.46
CA PHE D 69 27.87 24.77 27.35
C PHE D 69 26.35 24.74 27.44
N ILE D 70 25.79 23.55 27.64
CA ILE D 70 24.35 23.41 27.75
C ILE D 70 23.76 24.27 28.87
N ARG D 71 24.36 24.20 30.06
CA ARG D 71 23.88 24.97 31.19
C ARG D 71 23.98 26.47 31.02
N HIS D 72 24.79 26.92 30.07
CA HIS D 72 24.93 28.34 29.81
C HIS D 72 24.61 28.63 28.35
N ALA D 73 23.75 27.78 27.78
CA ALA D 73 23.35 27.91 26.38
C ALA D 73 22.58 29.20 26.12
N ASP D 74 22.09 29.83 27.17
CA ASP D 74 21.35 31.07 27.03
C ASP D 74 22.27 32.22 26.66
N THR D 75 23.46 32.25 27.26
CA THR D 75 24.40 33.33 26.99
C THR D 75 25.55 32.91 26.07
N LEU D 76 25.70 31.61 25.82
CA LEU D 76 26.79 31.14 24.97
C LEU D 76 26.38 30.50 23.66
N ALA D 77 27.29 30.55 22.71
CA ALA D 77 27.09 29.95 21.41
C ALA D 77 28.35 29.11 21.20
N ALA D 78 28.24 28.05 20.40
CA ALA D 78 29.40 27.21 20.17
C ALA D 78 29.74 27.16 18.69
N LEU D 79 31.01 26.93 18.38
CA LEU D 79 31.43 26.82 16.99
C LEU D 79 30.64 25.68 16.36
N PRO D 80 30.24 25.84 15.08
CA PRO D 80 29.47 24.82 14.35
C PRO D 80 30.21 23.57 13.88
N ASP D 81 31.53 23.66 13.70
CA ASP D 81 32.28 22.51 13.20
C ASP D 81 33.42 22.03 14.10
N PHE D 82 33.32 22.29 15.40
CA PHE D 82 34.36 21.87 16.32
C PHE D 82 33.82 21.11 17.52
N SER D 83 34.46 20.01 17.86
CA SER D 83 34.01 19.23 18.99
C SER D 83 35.01 18.19 19.45
N VAL D 84 34.71 17.60 20.60
CA VAL D 84 35.51 16.51 21.13
C VAL D 84 34.41 15.50 21.43
N ALA D 85 34.26 14.54 20.52
CA ALA D 85 33.23 13.52 20.63
C ALA D 85 33.72 12.17 20.16
N VAL D 86 32.93 11.13 20.44
CA VAL D 86 33.25 9.78 20.05
C VAL D 86 31.98 8.94 19.88
N LEU D 87 32.17 7.77 19.27
CA LEU D 87 31.11 6.81 19.07
C LEU D 87 31.67 5.57 19.75
N GLY D 88 31.08 5.16 20.86
CA GLY D 88 31.58 4.00 21.57
C GLY D 88 32.47 4.49 22.71
N PRO D 89 33.52 3.75 23.06
CA PRO D 89 34.42 4.17 24.15
C PRO D 89 35.19 5.47 23.89
N VAL D 90 35.60 6.13 24.96
CA VAL D 90 36.37 7.35 24.85
C VAL D 90 37.70 7.12 25.56
N TYR D 91 37.77 6.03 26.31
CA TYR D 91 38.97 5.63 27.05
C TYR D 91 39.49 6.57 28.14
N SER D 92 38.97 7.80 28.20
CA SER D 92 39.42 8.74 29.22
C SER D 92 38.31 9.29 30.13
N VAL D 93 37.18 8.59 30.18
CA VAL D 93 36.06 8.93 31.06
C VAL D 93 35.68 7.58 31.64
N ASN D 94 36.39 7.14 32.67
CA ASN D 94 36.18 5.82 33.24
C ASN D 94 35.72 5.69 34.68
N LEU D 95 34.92 4.66 34.92
CA LEU D 95 34.45 4.36 36.26
C LEU D 95 35.13 3.06 36.64
N PHE D 96 36.13 3.17 37.53
CA PHE D 96 36.86 1.99 37.99
C PHE D 96 36.09 1.43 39.19
N HIS D 97 35.86 0.11 39.18
CA HIS D 97 35.16 -0.51 40.29
C HIS D 97 35.59 -1.95 40.53
N THR D 98 35.46 -2.38 41.77
CA THR D 98 35.85 -3.73 42.17
C THR D 98 34.68 -4.69 42.32
N CYS D 99 33.47 -4.23 41.99
CA CYS D 99 32.28 -5.07 42.09
C CYS D 99 31.30 -4.65 41.02
N PRO D 100 30.40 -5.56 40.62
CA PRO D 100 29.44 -5.18 39.59
C PRO D 100 28.71 -3.89 39.97
N LEU D 101 28.40 -3.09 38.95
CA LEU D 101 27.76 -1.80 39.14
C LEU D 101 26.55 -1.78 40.08
N PRO D 102 25.68 -2.79 40.00
CA PRO D 102 24.50 -2.80 40.89
C PRO D 102 24.86 -2.86 42.37
N GLU D 103 25.80 -3.74 42.72
CA GLU D 103 26.25 -3.91 44.10
C GLU D 103 27.14 -2.77 44.57
N LEU D 104 27.39 -1.84 43.66
CA LEU D 104 28.22 -0.67 43.93
C LEU D 104 27.55 0.18 45.02
N ARG D 105 28.33 0.76 45.93
CA ARG D 105 27.74 1.58 46.98
C ARG D 105 28.54 2.80 47.43
N ARG D 106 29.78 2.93 46.99
CA ARG D 106 30.61 4.08 47.36
C ARG D 106 31.48 4.55 46.20
N VAL D 107 31.11 5.66 45.56
CA VAL D 107 31.89 6.16 44.43
C VAL D 107 32.61 7.48 44.72
N ALA D 108 33.90 7.51 44.44
CA ALA D 108 34.70 8.71 44.65
C ALA D 108 34.74 9.53 43.37
N LEU D 109 34.48 10.83 43.50
CA LEU D 109 34.50 11.74 42.35
C LEU D 109 35.85 12.44 42.41
N THR D 110 36.74 12.05 41.50
CA THR D 110 38.09 12.55 41.50
C THR D 110 38.42 14.00 41.09
N SER D 111 37.45 14.77 40.61
CA SER D 111 37.78 16.15 40.25
C SER D 111 36.60 17.09 40.35
N GLN D 112 36.85 18.38 40.15
CA GLN D 112 35.78 19.35 40.21
C GLN D 112 35.19 19.50 38.81
N SER D 113 35.13 18.39 38.09
CA SER D 113 34.58 18.37 36.74
C SER D 113 33.11 17.99 36.77
N ALA D 114 32.27 18.85 36.20
CA ALA D 114 30.84 18.61 36.16
C ALA D 114 30.49 17.66 35.01
N MSE D 115 31.27 17.71 33.95
CA MSE D 115 31.03 16.86 32.79
C MSE D 115 30.97 15.39 33.20
O MSE D 115 30.05 14.67 32.80
CB MSE D 115 32.13 17.04 31.74
CG MSE D 115 31.93 16.21 30.47
SE MSE D 115 30.36 16.70 29.39
CE MSE D 115 29.12 15.33 29.99
N SER D 116 31.95 14.99 34.00
CA SER D 116 32.04 13.61 34.45
C SER D 116 30.89 13.16 35.34
N VAL D 117 30.57 13.93 36.38
CA VAL D 117 29.49 13.51 37.27
C VAL D 117 28.12 13.61 36.60
N ALA D 118 27.94 14.61 35.74
CA ALA D 118 26.65 14.73 35.07
C ALA D 118 26.37 13.46 34.29
N LEU D 119 27.33 13.03 33.48
CA LEU D 119 27.14 11.82 32.69
C LEU D 119 26.99 10.59 33.58
N LEU D 120 27.79 10.51 34.64
CA LEU D 120 27.72 9.37 35.54
C LEU D 120 26.36 9.30 36.21
N GLU D 121 25.84 10.44 36.63
CA GLU D 121 24.54 10.43 37.29
C GLU D 121 23.43 10.08 36.32
N VAL D 122 23.46 10.64 35.13
CA VAL D 122 22.43 10.33 34.15
C VAL D 122 22.39 8.83 33.97
N LEU D 123 23.57 8.22 33.80
CA LEU D 123 23.67 6.78 33.60
C LEU D 123 23.22 5.99 34.82
N LEU D 124 23.73 6.33 35.99
CA LEU D 124 23.34 5.61 37.20
C LEU D 124 21.82 5.63 37.40
N ARG D 125 21.17 6.77 37.15
CA ARG D 125 19.72 6.85 37.32
C ARG D 125 18.95 5.98 36.32
N GLN D 126 19.48 5.89 35.10
CA GLN D 126 18.85 5.09 34.08
C GLN D 126 18.82 3.62 34.51
N LYS D 127 19.77 3.24 35.35
CA LYS D 127 19.82 1.87 35.84
C LYS D 127 19.21 1.78 37.24
N GLY D 128 18.53 2.85 37.65
CA GLY D 128 17.91 2.89 38.95
C GLY D 128 18.89 2.67 40.08
N LEU D 129 20.16 2.94 39.84
CA LEU D 129 21.20 2.77 40.85
C LEU D 129 21.38 4.08 41.59
N SER D 130 21.81 3.99 42.85
CA SER D 130 21.99 5.19 43.64
C SER D 130 23.05 5.07 44.73
N PRO D 131 24.30 4.72 44.34
CA PRO D 131 25.34 4.60 45.35
C PRO D 131 25.62 6.03 45.82
N VAL D 132 26.32 6.17 46.94
CA VAL D 132 26.63 7.51 47.44
C VAL D 132 27.88 8.00 46.72
N LEU D 133 27.84 9.26 46.26
CA LEU D 133 28.97 9.85 45.56
C LEU D 133 29.59 10.94 46.40
N GLU D 134 30.91 10.92 46.55
CA GLU D 134 31.57 11.97 47.32
C GLU D 134 32.93 12.31 46.75
N ARG D 135 33.27 13.59 46.80
CA ARG D 135 34.55 14.05 46.30
C ARG D 135 35.70 13.51 47.16
N ALA D 136 36.72 13.02 46.49
CA ALA D 136 37.91 12.48 47.14
C ALA D 136 39.00 12.62 46.09
N GLU D 137 40.25 12.72 46.52
CA GLU D 137 41.34 12.85 45.56
C GLU D 137 42.29 11.67 45.59
N GLY D 138 42.73 11.25 44.41
CA GLY D 138 43.65 10.12 44.31
C GLY D 138 43.49 9.32 43.04
N THR D 139 44.36 8.34 42.84
CA THR D 139 44.29 7.51 41.65
C THR D 139 43.17 6.50 41.83
N ALA D 140 42.74 5.89 40.73
CA ALA D 140 41.68 4.91 40.78
C ALA D 140 42.05 3.74 41.69
N GLU D 141 43.32 3.33 41.64
CA GLU D 141 43.77 2.20 42.45
C GLU D 141 43.94 2.50 43.93
N SER D 142 44.36 3.72 44.25
CA SER D 142 44.54 4.07 45.66
C SER D 142 43.18 4.24 46.36
N LEU D 143 42.27 4.98 45.72
CA LEU D 143 40.96 5.20 46.30
C LEU D 143 40.14 3.91 46.38
N LEU D 144 40.36 3.01 45.43
CA LEU D 144 39.65 1.75 45.42
C LEU D 144 40.15 0.87 46.58
N ALA D 145 41.31 1.24 47.10
CA ALA D 145 41.92 0.52 48.21
C ALA D 145 41.66 1.27 49.51
N ALA D 146 41.09 2.47 49.39
CA ALA D 146 40.78 3.30 50.55
C ALA D 146 39.28 3.35 50.84
N GLY D 147 38.62 2.19 50.73
CA GLY D 147 37.21 2.15 51.04
C GLY D 147 36.19 2.59 50.00
N TYR D 148 36.57 2.55 48.73
CA TYR D 148 35.66 2.91 47.65
C TYR D 148 35.58 1.73 46.71
N ASP D 149 34.38 1.34 46.32
CA ASP D 149 34.24 0.23 45.39
C ASP D 149 34.10 0.77 43.97
N GLY D 150 34.18 2.09 43.85
CA GLY D 150 34.08 2.74 42.56
C GLY D 150 34.80 4.08 42.57
N VAL D 151 35.45 4.41 41.46
CA VAL D 151 36.18 5.67 41.34
C VAL D 151 36.01 6.24 39.92
N LEU D 152 35.54 7.48 39.82
CA LEU D 152 35.34 8.13 38.53
C LEU D 152 36.56 8.97 38.16
N ARG D 153 37.15 8.69 37.00
CA ARG D 153 38.32 9.45 36.57
C ARG D 153 38.17 9.92 35.14
N ILE D 154 38.63 11.14 34.88
CA ILE D 154 38.57 11.71 33.55
C ILE D 154 39.89 12.35 33.17
N GLY D 155 40.15 12.45 31.87
CA GLY D 155 41.39 13.07 31.42
C GLY D 155 42.54 12.12 31.19
N ASP D 156 43.74 12.69 31.00
CA ASP D 156 44.93 11.89 30.78
C ASP D 156 45.15 10.83 31.86
N ASP D 157 44.96 11.19 33.13
CA ASP D 157 45.14 10.21 34.20
C ASP D 157 44.15 9.08 34.03
N ALA D 158 42.95 9.41 33.57
CA ALA D 158 41.93 8.41 33.34
C ALA D 158 42.43 7.45 32.27
N LEU D 159 43.05 8.00 31.22
CA LEU D 159 43.57 7.16 30.16
C LEU D 159 44.70 6.21 30.59
N ARG D 160 45.73 6.71 31.26
CA ARG D 160 46.80 5.79 31.64
C ARG D 160 46.51 4.87 32.82
N GLU D 161 45.50 5.19 33.61
CA GLU D 161 45.14 4.31 34.72
C GLU D 161 44.29 3.17 34.15
N TRP D 162 43.60 3.45 33.05
CA TRP D 162 42.80 2.44 32.39
C TRP D 162 43.78 1.43 31.79
N TYR D 163 44.82 1.97 31.15
CA TYR D 163 45.84 1.15 30.52
C TYR D 163 46.62 0.38 31.57
N GLY D 164 46.92 1.04 32.68
CA GLY D 164 47.66 0.37 33.75
C GLY D 164 46.90 -0.84 34.28
N VAL D 165 45.59 -0.82 34.12
CA VAL D 165 44.75 -1.91 34.59
C VAL D 165 44.54 -3.01 33.55
N VAL D 166 44.01 -2.64 32.38
CA VAL D 166 43.74 -3.62 31.33
C VAL D 166 44.90 -3.95 30.40
N GLY D 167 46.01 -3.23 30.53
CA GLY D 167 47.15 -3.49 29.67
C GLY D 167 47.97 -4.67 30.14
N PRO D 168 49.15 -4.91 29.52
CA PRO D 168 49.70 -4.11 28.43
C PRO D 168 49.17 -4.57 27.08
N LEU D 169 49.58 -3.87 26.04
CA LEU D 169 49.15 -4.19 24.71
C LEU D 169 50.25 -4.99 24.00
N THR D 170 49.85 -6.02 23.26
CA THR D 170 50.80 -6.86 22.52
C THR D 170 50.70 -6.50 21.04
N PRO D 171 51.79 -6.72 20.28
CA PRO D 171 51.80 -6.42 18.84
C PRO D 171 50.75 -7.14 17.98
N GLU D 172 50.36 -8.35 18.38
CA GLU D 172 49.37 -9.09 17.61
C GLU D 172 47.94 -8.63 17.92
N ARG D 173 47.68 -8.35 19.19
CA ARG D 173 46.36 -7.92 19.63
C ARG D 173 46.17 -6.43 19.38
N THR D 174 44.92 -6.00 19.23
CA THR D 174 44.59 -4.60 18.99
C THR D 174 44.04 -3.96 20.27
N MSE D 175 44.13 -2.63 20.35
CA MSE D 175 43.65 -1.91 21.52
C MSE D 175 42.14 -2.12 21.66
O MSE D 175 41.62 -2.32 22.75
CB MSE D 175 43.95 -0.42 21.40
CG MSE D 175 43.61 0.39 22.65
SE MSE D 175 44.21 2.25 22.58
CE MSE D 175 42.66 3.18 23.27
N THR D 176 41.46 -2.08 20.52
CA THR D 176 40.01 -2.24 20.46
C THR D 176 39.54 -3.64 20.92
N SER D 177 40.49 -4.49 21.29
CA SER D 177 40.16 -5.84 21.75
C SER D 177 40.82 -6.10 23.08
N LEU D 178 41.15 -5.03 23.77
CA LEU D 178 41.81 -5.12 25.08
C LEU D 178 40.71 -5.43 26.09
N PRO D 179 41.04 -6.18 27.15
CA PRO D 179 40.08 -6.54 28.19
C PRO D 179 39.46 -5.36 28.95
N HIS D 180 38.37 -5.63 29.66
CA HIS D 180 37.68 -4.61 30.43
C HIS D 180 38.05 -4.66 31.90
N THR D 181 38.59 -5.78 32.34
CA THR D 181 38.95 -5.95 33.74
C THR D 181 40.42 -6.29 33.90
N GLY D 182 40.95 -6.01 35.07
CA GLY D 182 42.35 -6.30 35.32
C GLY D 182 42.65 -6.29 36.80
N ARG D 183 43.30 -7.35 37.28
CA ARG D 183 43.63 -7.49 38.69
C ARG D 183 42.44 -7.14 39.58
N GLY D 184 41.29 -7.76 39.27
CA GLY D 184 40.09 -7.54 40.05
C GLY D 184 39.47 -6.16 39.88
N ILE D 185 39.93 -5.40 38.89
CA ILE D 185 39.40 -4.07 38.66
C ILE D 185 38.73 -3.96 37.29
N THR D 186 37.48 -3.52 37.27
CA THR D 186 36.74 -3.36 36.03
C THR D 186 36.69 -1.88 35.67
N VAL D 187 36.92 -1.57 34.39
CA VAL D 187 36.90 -0.20 33.91
C VAL D 187 35.66 -0.01 33.03
N THR D 188 34.73 0.81 33.49
CA THR D 188 33.52 1.05 32.72
C THR D 188 33.58 2.40 32.03
N ASP D 189 33.63 2.34 30.70
CA ASP D 189 33.72 3.51 29.84
C ASP D 189 32.34 4.16 29.71
N LEU D 190 32.20 5.38 30.21
CA LEU D 190 30.91 6.05 30.16
C LEU D 190 30.44 6.37 28.74
N ALA D 191 31.35 6.61 27.82
CA ALA D 191 30.93 6.91 26.45
C ALA D 191 30.31 5.63 25.89
N GLN D 192 30.94 4.51 26.22
CA GLN D 192 30.45 3.21 25.77
C GLN D 192 29.07 2.95 26.38
N GLU D 193 28.91 3.30 27.65
CA GLU D 193 27.63 3.11 28.33
C GLU D 193 26.61 3.95 27.61
N TRP D 194 27.03 5.11 27.14
CA TRP D 194 26.13 6.00 26.41
C TRP D 194 25.71 5.34 25.11
N PHE D 195 26.66 4.71 24.41
CA PHE D 195 26.31 4.05 23.16
C PHE D 195 25.31 2.90 23.41
N ASP D 196 25.61 2.07 24.40
CA ASP D 196 24.73 0.97 24.74
C ASP D 196 23.34 1.50 25.09
N LEU D 197 23.27 2.74 25.57
CA LEU D 197 21.99 3.32 25.93
C LEU D 197 21.26 4.05 24.81
N THR D 198 21.98 4.70 23.92
CA THR D 198 21.34 5.48 22.86
C THR D 198 21.74 5.10 21.43
N GLY D 199 22.79 4.30 21.30
CA GLY D 199 23.26 3.91 19.99
C GLY D 199 23.83 5.13 19.27
N HIS D 200 24.00 6.22 19.99
CA HIS D 200 24.52 7.45 19.42
C HIS D 200 25.84 7.91 20.03
N PRO D 201 26.55 8.79 19.33
CA PRO D 201 27.84 9.33 19.78
C PRO D 201 27.63 10.24 20.99
N PHE D 202 28.71 10.56 21.69
CA PHE D 202 28.60 11.47 22.80
C PHE D 202 29.59 12.62 22.57
N THR D 203 29.13 13.84 22.80
CA THR D 203 29.96 15.00 22.61
C THR D 203 30.39 15.47 23.99
N PHE D 204 31.69 15.39 24.27
CA PHE D 204 32.22 15.78 25.56
C PHE D 204 32.59 17.25 25.68
N ALA D 205 32.80 17.92 24.55
CA ALA D 205 33.19 19.33 24.60
C ALA D 205 33.01 20.08 23.30
N VAL D 206 32.83 21.39 23.44
CA VAL D 206 32.67 22.25 22.29
C VAL D 206 33.58 23.47 22.49
N TRP D 207 33.53 24.39 21.54
CA TRP D 207 34.31 25.62 21.61
C TRP D 207 33.25 26.72 21.75
N ALA D 208 33.12 27.28 22.95
CA ALA D 208 32.12 28.29 23.24
C ALA D 208 32.62 29.71 23.45
N TYR D 209 31.71 30.66 23.24
CA TYR D 209 31.98 32.08 23.38
C TYR D 209 30.63 32.79 23.58
N ARG D 210 30.65 33.97 24.22
CA ARG D 210 29.41 34.71 24.46
C ARG D 210 28.76 35.08 23.13
N LYS D 211 27.48 34.79 23.01
CA LYS D 211 26.74 35.06 21.78
C LYS D 211 27.06 36.38 21.07
N ASP D 212 27.15 37.47 21.83
CA ASP D 212 27.42 38.77 21.24
C ASP D 212 28.88 39.05 20.89
N ASN D 213 29.79 38.20 21.36
CA ASN D 213 31.21 38.40 21.10
C ASN D 213 31.84 37.31 20.25
N PRO D 214 31.36 37.14 19.01
CA PRO D 214 31.88 36.13 18.09
C PRO D 214 33.39 36.22 17.87
N PRO D 215 34.03 35.09 17.51
CA PRO D 215 35.47 35.05 17.27
C PRO D 215 35.82 35.57 15.87
N PRO D 216 37.03 36.12 15.69
CA PRO D 216 37.47 36.66 14.40
C PRO D 216 37.73 35.57 13.37
N ALA D 217 37.35 35.86 12.12
CA ALA D 217 37.54 34.92 11.02
C ALA D 217 38.95 34.34 10.98
N ALA D 218 39.96 35.18 11.20
CA ALA D 218 41.34 34.71 11.17
C ALA D 218 41.60 33.59 12.16
N LEU D 219 40.88 33.60 13.28
CA LEU D 219 41.05 32.57 14.28
C LEU D 219 40.43 31.24 13.83
N LEU D 220 39.30 31.31 13.15
CA LEU D 220 38.65 30.10 12.68
C LEU D 220 39.47 29.42 11.60
N GLN D 221 40.03 30.21 10.70
CA GLN D 221 40.84 29.64 9.64
C GLN D 221 42.13 29.09 10.22
N ALA D 222 42.62 29.75 11.28
CA ALA D 222 43.85 29.30 11.90
C ALA D 222 43.59 27.94 12.54
N MSE D 223 42.42 27.80 13.13
CA MSE D 223 42.04 26.57 13.79
C MSE D 223 41.82 25.42 12.81
O MSE D 223 42.33 24.32 13.01
CB MSE D 223 40.79 26.79 14.65
CG MSE D 223 41.10 27.41 15.99
SE MSE D 223 39.54 27.95 16.99
CE MSE D 223 38.95 26.22 17.63
N ARG D 224 41.06 25.68 11.76
CA ARG D 224 40.79 24.66 10.78
C ARG D 224 42.07 24.16 10.12
N GLU D 225 43.03 25.03 9.89
CA GLU D 225 44.29 24.63 9.27
C GLU D 225 45.11 23.79 10.25
N ALA D 226 45.10 24.18 11.51
CA ALA D 226 45.85 23.45 12.52
C ALA D 226 45.27 22.04 12.59
N ARG D 227 43.94 21.94 12.62
CA ARG D 227 43.29 20.65 12.69
C ARG D 227 43.72 19.79 11.50
N ARG D 228 43.69 20.35 10.29
CA ARG D 228 44.13 19.60 9.11
C ARG D 228 45.54 19.05 9.34
N ARG D 229 46.45 19.90 9.81
CA ARG D 229 47.81 19.44 10.08
C ARG D 229 47.85 18.29 11.09
N GLY D 230 47.17 18.46 12.22
CA GLY D 230 47.16 17.39 13.23
C GLY D 230 46.61 16.06 12.72
N ILE D 231 45.42 16.07 12.15
CA ILE D 231 44.80 14.86 11.62
C ILE D 231 45.70 14.21 10.56
N GLY D 232 46.42 15.04 9.81
CA GLY D 232 47.30 14.52 8.77
C GLY D 232 48.58 13.89 9.30
N HIS D 233 48.92 14.15 10.55
CA HIS D 233 50.15 13.61 11.13
C HIS D 233 49.93 13.10 12.55
N LEU D 234 48.96 12.19 12.71
CA LEU D 234 48.65 11.63 14.01
C LEU D 234 49.84 10.98 14.70
N ALA D 235 50.65 10.22 13.96
CA ALA D 235 51.80 9.56 14.57
C ALA D 235 52.70 10.59 15.24
N GLU D 236 53.01 11.66 14.51
CA GLU D 236 53.85 12.72 15.02
C GLU D 236 53.22 13.36 16.26
N VAL D 237 51.91 13.59 16.22
CA VAL D 237 51.21 14.19 17.34
C VAL D 237 51.17 13.25 18.54
N SER D 238 51.00 11.97 18.25
CA SER D 238 50.91 10.96 19.30
C SER D 238 52.18 10.76 20.11
N GLN D 239 53.32 10.71 19.43
CA GLN D 239 54.59 10.50 20.10
C GLN D 239 54.85 11.52 21.21
N ARG D 240 54.75 12.81 20.90
CA ARG D 240 54.98 13.84 21.90
C ARG D 240 54.22 13.55 23.19
N HIS D 241 52.92 13.35 23.06
CA HIS D 241 52.05 13.12 24.19
C HIS D 241 52.21 11.78 24.89
N ALA D 242 52.51 10.75 24.10
CA ALA D 242 52.70 9.41 24.65
C ALA D 242 53.86 9.41 25.65
N GLU D 243 54.93 10.10 25.29
CA GLU D 243 56.11 10.20 26.13
C GLU D 243 55.76 10.87 27.45
N LYS D 244 55.06 12.01 27.38
CA LYS D 244 54.66 12.73 28.59
C LYS D 244 53.79 11.87 29.50
N LEU D 245 52.86 11.12 28.91
CA LEU D 245 51.94 10.26 29.68
C LEU D 245 52.51 8.89 30.02
N GLY D 246 53.66 8.55 29.46
CA GLY D 246 54.25 7.26 29.74
C GLY D 246 53.44 6.12 29.13
N LEU D 247 52.88 6.36 27.94
CA LEU D 247 52.08 5.34 27.25
C LEU D 247 52.68 5.00 25.89
N PRO D 248 52.38 3.79 25.38
CA PRO D 248 52.90 3.39 24.08
C PRO D 248 52.33 4.35 23.02
N GLU D 249 53.13 4.71 22.03
CA GLU D 249 52.68 5.61 20.97
C GLU D 249 51.36 5.14 20.34
N ARG D 250 51.24 3.84 20.10
CA ARG D 250 50.04 3.31 19.47
C ARG D 250 48.78 3.48 20.33
N VAL D 251 48.94 3.65 21.64
CA VAL D 251 47.77 3.83 22.48
C VAL D 251 47.23 5.24 22.31
N VAL D 252 48.12 6.23 22.37
CA VAL D 252 47.71 7.61 22.19
C VAL D 252 47.18 7.81 20.77
N GLN D 253 47.75 7.07 19.82
CA GLN D 253 47.35 7.21 18.42
C GLN D 253 45.95 6.69 18.18
N HIS D 254 45.63 5.50 18.67
CA HIS D 254 44.27 5.03 18.44
C HIS D 254 43.34 5.98 19.18
N TYR D 255 43.74 6.35 20.39
CA TYR D 255 42.97 7.26 21.22
C TYR D 255 42.60 8.51 20.40
N LEU D 256 43.58 9.13 19.74
CA LEU D 256 43.30 10.34 18.95
C LEU D 256 42.50 10.04 17.68
N TRP D 257 42.83 8.94 17.03
CA TRP D 257 42.13 8.54 15.83
C TRP D 257 40.64 8.34 16.12
N ASN D 258 40.36 7.89 17.34
CA ASN D 258 39.00 7.60 17.75
C ASN D 258 38.11 8.82 18.00
N PHE D 259 38.71 10.01 18.08
CA PHE D 259 37.91 11.21 18.32
C PHE D 259 37.26 11.79 17.08
N ARG D 260 36.04 12.29 17.26
CA ARG D 260 35.27 12.91 16.19
C ARG D 260 35.35 14.41 16.52
N TYR D 261 36.00 15.16 15.62
CA TYR D 261 36.24 16.58 15.83
C TYR D 261 35.42 17.62 15.10
N HIS D 262 34.55 17.21 14.19
CA HIS D 262 33.81 18.17 13.40
C HIS D 262 32.38 18.57 13.79
N LEU D 263 31.94 18.14 14.98
CA LEU D 263 30.61 18.47 15.44
C LEU D 263 29.59 18.27 14.33
N GLU D 264 29.56 17.09 13.75
CA GLU D 264 28.63 16.78 12.68
C GLU D 264 27.25 16.42 13.25
N ALA D 265 26.29 16.14 12.37
CA ALA D 265 24.94 15.81 12.80
C ALA D 265 24.85 14.70 13.82
N PRO D 266 25.55 13.58 13.60
CA PRO D 266 25.47 12.50 14.59
C PRO D 266 25.89 12.99 15.97
N ASP D 267 26.91 13.85 16.00
CA ASP D 267 27.42 14.37 17.26
C ASP D 267 26.44 15.34 17.91
N ARG D 268 25.73 16.11 17.09
CA ARG D 268 24.78 17.08 17.64
C ARG D 268 23.56 16.36 18.17
N LEU D 269 23.24 15.22 17.57
CA LEU D 269 22.10 14.43 18.01
C LEU D 269 22.43 13.96 19.43
N GLY D 270 23.62 13.37 19.58
CA GLY D 270 24.04 12.90 20.88
C GLY D 270 24.11 14.03 21.90
N LEU D 271 24.53 15.20 21.44
CA LEU D 271 24.62 16.36 22.33
C LEU D 271 23.24 16.73 22.85
N ARG D 272 22.27 16.86 21.93
CA ARG D 272 20.91 17.22 22.31
C ARG D 272 20.27 16.15 23.18
N GLU D 273 20.53 14.89 22.85
CA GLU D 273 19.98 13.78 23.61
C GLU D 273 20.40 13.97 25.07
N PHE D 274 21.70 14.16 25.26
CA PHE D 274 22.26 14.36 26.58
C PHE D 274 21.66 15.59 27.23
N ALA D 275 21.68 16.69 26.51
CA ALA D 275 21.14 17.95 27.02
C ALA D 275 19.73 17.77 27.60
N ASP D 276 18.89 17.00 26.91
CA ASP D 276 17.53 16.78 27.40
C ASP D 276 17.49 15.99 28.70
N LEU D 277 18.32 14.95 28.81
CA LEU D 277 18.35 14.14 30.02
C LEU D 277 18.96 14.86 31.20
N ALA D 278 20.14 15.44 30.99
CA ALA D 278 20.87 16.11 32.03
C ALA D 278 20.44 17.52 32.39
N VAL D 279 19.81 18.22 31.47
CA VAL D 279 19.38 19.58 31.76
C VAL D 279 18.01 19.85 31.17
N PRO D 280 17.01 19.08 31.61
CA PRO D 280 15.65 19.27 31.10
C PRO D 280 15.23 20.73 31.12
N GLY D 281 14.68 21.20 30.01
CA GLY D 281 14.24 22.57 29.92
C GLY D 281 15.37 23.54 29.60
N HIS D 282 16.53 23.01 29.23
CA HIS D 282 17.69 23.85 28.91
C HIS D 282 17.39 24.81 27.77
N ALA D 283 18.19 25.86 27.66
CA ALA D 283 18.03 26.85 26.58
C ALA D 283 18.45 26.20 25.26
N GLU D 284 17.92 26.73 24.15
CA GLU D 284 18.25 26.19 22.84
C GLU D 284 19.75 26.32 22.54
N LEU D 285 20.38 25.20 22.19
CA LEU D 285 21.80 25.20 21.86
C LEU D 285 21.93 25.87 20.49
N THR D 286 22.79 26.86 20.37
CA THR D 286 22.98 27.57 19.11
C THR D 286 24.43 27.58 18.68
N PHE D 287 24.65 27.60 17.36
CA PHE D 287 26.00 27.57 16.82
C PHE D 287 26.28 28.71 15.83
N PRO E 16 -22.67 -46.07 31.78
CA PRO E 16 -23.38 -45.08 32.63
C PRO E 16 -22.60 -43.77 32.74
N TYR E 17 -22.84 -42.87 31.79
CA TYR E 17 -22.16 -41.57 31.75
C TYR E 17 -22.52 -40.68 32.94
N ARG E 18 -21.49 -40.23 33.66
CA ARG E 18 -21.67 -39.37 34.83
C ARG E 18 -21.33 -37.91 34.53
N ALA E 19 -21.93 -37.01 35.29
CA ALA E 19 -21.69 -35.59 35.12
C ALA E 19 -21.64 -34.92 36.48
N GLY E 20 -20.76 -33.94 36.62
CA GLY E 20 -20.65 -33.22 37.88
C GLY E 20 -20.84 -31.73 37.63
N TRP E 21 -22.00 -31.23 38.03
CA TRP E 21 -22.33 -29.82 37.82
C TRP E 21 -21.99 -28.93 39.01
N ILE E 22 -21.39 -27.78 38.71
CA ILE E 22 -21.11 -26.83 39.77
C ILE E 22 -22.23 -25.83 39.53
N HIS E 23 -23.27 -25.94 40.35
CA HIS E 23 -24.47 -25.12 40.24
C HIS E 23 -24.48 -23.70 40.77
N PHE E 24 -23.74 -22.77 40.18
CA PHE E 24 -23.86 -21.39 40.68
C PHE E 24 -24.94 -20.73 39.84
N THR E 25 -25.29 -19.51 40.20
CA THR E 25 -26.32 -18.77 39.48
C THR E 25 -25.97 -18.53 38.00
N ASN E 26 -24.72 -18.23 37.69
CA ASN E 26 -24.32 -17.96 36.30
C ASN E 26 -24.56 -19.08 35.26
N VAL E 27 -24.84 -20.30 35.70
CA VAL E 27 -25.10 -21.38 34.73
C VAL E 27 -26.56 -21.84 34.73
N ALA E 28 -27.40 -21.15 35.50
CA ALA E 28 -28.81 -21.49 35.62
C ALA E 28 -29.54 -21.59 34.28
N PRO E 29 -29.31 -20.62 33.37
CA PRO E 29 -29.99 -20.68 32.08
C PRO E 29 -29.77 -22.00 31.36
N ILE E 30 -28.64 -22.62 31.65
CA ILE E 30 -28.28 -23.88 31.01
C ILE E 30 -28.64 -25.12 31.80
N LEU E 31 -28.49 -25.08 33.12
CA LEU E 31 -28.77 -26.26 33.92
C LEU E 31 -30.15 -26.35 34.56
N ASP E 32 -30.70 -25.23 34.98
CA ASP E 32 -32.00 -25.24 35.63
C ASP E 32 -33.08 -26.12 35.00
N SER E 33 -33.16 -26.17 33.67
CA SER E 33 -34.21 -27.00 33.08
C SER E 33 -33.67 -28.21 32.34
N LEU E 34 -32.39 -28.50 32.52
CA LEU E 34 -31.78 -29.64 31.85
C LEU E 34 -32.46 -30.94 32.24
N GLU E 35 -32.70 -31.79 31.25
CA GLU E 35 -33.32 -33.08 31.50
C GLU E 35 -32.37 -34.15 30.99
N LEU E 36 -31.61 -34.71 31.92
CA LEU E 36 -30.64 -35.74 31.59
C LEU E 36 -31.27 -36.85 30.78
N PRO E 37 -30.65 -37.20 29.65
CA PRO E 37 -31.15 -38.26 28.77
C PRO E 37 -30.99 -39.63 29.43
N PRO E 38 -31.56 -40.68 28.82
CA PRO E 38 -31.42 -42.00 29.43
C PRO E 38 -29.97 -42.47 29.26
N GLY E 39 -29.38 -42.96 30.35
CA GLY E 39 -28.00 -43.43 30.28
C GLY E 39 -27.03 -42.59 31.08
N VAL E 40 -27.26 -41.28 31.11
CA VAL E 40 -26.38 -40.37 31.85
C VAL E 40 -27.03 -39.90 33.15
N THR E 41 -26.20 -39.71 34.16
CA THR E 41 -26.66 -39.26 35.47
C THR E 41 -25.79 -38.08 35.85
N ALA E 42 -26.02 -37.49 37.03
CA ALA E 42 -25.22 -36.35 37.44
C ALA E 42 -25.20 -36.12 38.94
N ILE E 43 -24.29 -35.26 39.39
CA ILE E 43 -24.13 -34.92 40.80
C ILE E 43 -23.65 -33.49 40.93
N THR E 44 -23.91 -32.87 42.07
CA THR E 44 -23.48 -31.49 42.29
C THR E 44 -22.28 -31.53 43.23
N GLY E 45 -21.82 -30.35 43.63
CA GLY E 45 -20.68 -30.26 44.53
C GLY E 45 -19.93 -28.97 44.22
N VAL E 46 -18.96 -28.62 45.06
CA VAL E 46 -18.19 -27.40 44.85
C VAL E 46 -16.99 -27.63 43.94
N PRO E 47 -16.50 -26.57 43.28
CA PRO E 47 -15.36 -26.62 42.36
C PRO E 47 -14.28 -27.65 42.69
N THR E 48 -13.69 -27.52 43.87
CA THR E 48 -12.63 -28.41 44.34
C THR E 48 -12.87 -29.89 44.12
N GLN E 49 -14.00 -30.39 44.59
CA GLN E 49 -14.31 -31.81 44.47
C GLN E 49 -14.56 -32.22 43.02
N MSE E 50 -15.36 -31.43 42.32
CA MSE E 50 -15.69 -31.72 40.93
C MSE E 50 -14.45 -31.80 40.04
O MSE E 50 -14.37 -32.65 39.16
CB MSE E 50 -16.66 -30.67 40.37
CG MSE E 50 -18.00 -30.56 41.10
SE MSE E 50 -19.05 -32.22 41.22
CE MSE E 50 -18.14 -33.31 39.88
N ASN E 51 -13.47 -30.92 40.27
CA ASN E 51 -12.26 -30.95 39.45
C ASN E 51 -11.61 -32.32 39.56
N ALA E 52 -11.26 -32.71 40.78
CA ALA E 52 -10.62 -34.00 41.02
C ALA E 52 -11.53 -35.13 40.54
N ALA E 53 -12.84 -34.92 40.70
CA ALA E 53 -13.83 -35.90 40.30
C ALA E 53 -13.76 -36.17 38.81
N LEU E 54 -13.46 -35.13 38.02
CA LEU E 54 -13.35 -35.29 36.58
C LEU E 54 -12.03 -35.96 36.24
N LEU E 55 -10.98 -35.52 36.92
CA LEU E 55 -9.65 -36.07 36.71
C LEU E 55 -9.57 -37.55 37.08
N SER E 56 -10.24 -37.93 38.16
CA SER E 56 -10.24 -39.32 38.62
C SER E 56 -10.95 -40.22 37.61
N GLY E 57 -12.27 -40.09 37.59
CA GLY E 57 -13.11 -40.87 36.70
C GLY E 57 -14.47 -40.84 37.36
N GLU E 58 -14.50 -40.30 38.58
CA GLU E 58 -15.72 -40.17 39.37
C GLU E 58 -16.80 -39.49 38.54
N VAL E 59 -16.37 -38.63 37.62
CA VAL E 59 -17.26 -37.89 36.74
C VAL E 59 -16.63 -37.84 35.38
N ASP E 60 -17.44 -37.90 34.32
CA ASP E 60 -16.90 -37.88 32.96
C ASP E 60 -16.91 -36.49 32.35
N ILE E 61 -17.75 -35.60 32.86
CA ILE E 61 -17.82 -34.25 32.32
C ILE E 61 -18.22 -33.30 33.43
N ALA E 62 -17.65 -32.10 33.38
CA ALA E 62 -17.96 -31.10 34.40
C ALA E 62 -17.66 -29.69 33.90
N ASN E 63 -18.34 -28.71 34.48
CA ASN E 63 -18.08 -27.33 34.08
C ASN E 63 -17.02 -26.77 35.02
N VAL E 64 -15.77 -26.94 34.62
CA VAL E 64 -14.63 -26.47 35.40
C VAL E 64 -14.19 -25.07 34.97
N SER E 65 -13.35 -24.46 35.79
CA SER E 65 -12.85 -23.11 35.49
C SER E 65 -11.86 -23.15 34.35
N ALA E 66 -11.67 -22.00 33.72
CA ALA E 66 -10.76 -21.90 32.60
C ALA E 66 -9.34 -22.34 32.99
N VAL E 67 -8.90 -21.95 34.18
CA VAL E 67 -7.57 -22.30 34.64
C VAL E 67 -7.43 -23.81 34.74
N GLU E 68 -8.46 -24.45 35.29
CA GLU E 68 -8.50 -25.89 35.44
C GLU E 68 -8.35 -26.57 34.09
N PHE E 69 -9.11 -26.09 33.11
CA PHE E 69 -9.06 -26.65 31.77
C PHE E 69 -7.70 -26.43 31.14
N ILE E 70 -7.19 -25.20 31.20
CA ILE E 70 -5.90 -24.90 30.63
C ILE E 70 -4.78 -25.78 31.22
N ARG E 71 -4.72 -25.92 32.53
CA ARG E 71 -3.68 -26.73 33.16
C ARG E 71 -3.78 -28.23 32.84
N HIS E 72 -4.84 -28.64 32.16
CA HIS E 72 -5.01 -30.05 31.80
C HIS E 72 -5.42 -30.21 30.34
N ALA E 73 -5.02 -29.24 29.52
CA ALA E 73 -5.35 -29.24 28.11
C ALA E 73 -4.79 -30.47 27.40
N ASP E 74 -3.91 -31.20 28.09
CA ASP E 74 -3.31 -32.39 27.51
C ASP E 74 -4.29 -33.56 27.56
N THR E 75 -4.90 -33.77 28.73
CA THR E 75 -5.84 -34.87 28.90
C THR E 75 -7.31 -34.48 28.76
N LEU E 76 -7.59 -33.17 28.84
CA LEU E 76 -8.97 -32.70 28.75
C LEU E 76 -9.30 -31.94 27.48
N ALA E 77 -10.57 -32.03 27.09
CA ALA E 77 -11.08 -31.32 25.92
C ALA E 77 -12.33 -30.60 26.41
N ALA E 78 -12.73 -29.55 25.68
CA ALA E 78 -13.90 -28.78 26.05
C ALA E 78 -14.92 -28.78 24.93
N LEU E 79 -16.20 -28.74 25.30
CA LEU E 79 -17.26 -28.69 24.29
C LEU E 79 -16.95 -27.43 23.48
N PRO E 80 -17.27 -27.43 22.19
CA PRO E 80 -16.98 -26.26 21.35
C PRO E 80 -17.97 -25.10 21.43
N ASP E 81 -19.19 -25.36 21.87
CA ASP E 81 -20.18 -24.29 21.91
C ASP E 81 -20.72 -23.93 23.30
N PHE E 82 -19.99 -24.28 24.35
CA PHE E 82 -20.43 -23.95 25.69
C PHE E 82 -19.39 -23.17 26.48
N SER E 83 -19.83 -22.10 27.12
CA SER E 83 -18.91 -21.30 27.89
C SER E 83 -19.61 -20.44 28.89
N VAL E 84 -18.82 -19.91 29.83
CA VAL E 84 -19.28 -18.99 30.85
C VAL E 84 -18.23 -17.90 30.70
N ALA E 85 -18.57 -16.88 29.93
CA ALA E 85 -17.67 -15.77 29.67
C ALA E 85 -18.45 -14.46 29.63
N VAL E 86 -17.75 -13.35 29.46
CA VAL E 86 -18.36 -12.03 29.38
C VAL E 86 -17.39 -11.06 28.74
N LEU E 87 -17.91 -9.89 28.37
CA LEU E 87 -17.14 -8.82 27.78
C LEU E 87 -17.47 -7.64 28.67
N GLY E 88 -16.53 -7.18 29.47
CA GLY E 88 -16.82 -6.08 30.37
C GLY E 88 -16.92 -6.64 31.78
N PRO E 89 -17.72 -6.04 32.66
CA PRO E 89 -17.83 -6.55 34.03
C PRO E 89 -18.52 -7.90 34.08
N VAL E 90 -18.23 -8.67 35.12
CA VAL E 90 -18.84 -9.97 35.30
C VAL E 90 -19.63 -9.91 36.60
N TYR E 91 -19.36 -8.87 37.39
CA TYR E 91 -20.04 -8.64 38.66
C TYR E 91 -19.88 -9.70 39.76
N SER E 92 -19.23 -10.82 39.46
CA SER E 92 -19.07 -11.85 40.48
C SER E 92 -17.63 -12.35 40.68
N VAL E 93 -16.66 -11.57 40.23
CA VAL E 93 -15.25 -11.89 40.41
C VAL E 93 -14.70 -10.52 40.78
N ASN E 94 -14.82 -10.17 42.06
CA ASN E 94 -14.43 -8.86 42.54
C ASN E 94 -13.35 -8.75 43.59
N LEU E 95 -12.69 -7.60 43.56
CA LEU E 95 -11.66 -7.27 44.53
C LEU E 95 -12.18 -6.07 45.32
N PHE E 96 -12.45 -6.29 46.59
CA PHE E 96 -12.95 -5.23 47.46
C PHE E 96 -11.72 -4.59 48.12
N HIS E 97 -11.64 -3.27 48.12
CA HIS E 97 -10.51 -2.59 48.76
C HIS E 97 -10.84 -1.22 49.34
N THR E 98 -10.08 -0.85 50.37
CA THR E 98 -10.27 0.42 51.06
C THR E 98 -9.13 1.38 50.78
N CYS E 99 -8.41 1.16 49.69
CA CYS E 99 -7.30 2.02 49.31
C CYS E 99 -6.98 1.77 47.85
N PRO E 100 -6.43 2.77 47.15
CA PRO E 100 -6.10 2.58 45.74
C PRO E 100 -5.28 1.31 45.54
N LEU E 101 -5.46 0.66 44.39
CA LEU E 101 -4.75 -0.57 44.10
C LEU E 101 -3.24 -0.55 44.36
N PRO E 102 -2.54 0.54 43.99
CA PRO E 102 -1.10 0.60 44.21
C PRO E 102 -0.71 0.58 45.69
N GLU E 103 -1.61 1.09 46.52
CA GLU E 103 -1.37 1.17 47.96
C GLU E 103 -1.83 -0.09 48.68
N LEU E 104 -2.18 -1.12 47.91
CA LEU E 104 -2.63 -2.37 48.49
C LEU E 104 -1.42 -3.08 49.07
N ARG E 105 -1.54 -3.55 50.32
CA ARG E 105 -0.42 -4.21 50.99
C ARG E 105 -0.71 -5.67 51.34
N ARG E 106 -1.98 -5.97 51.61
CA ARG E 106 -2.37 -7.34 51.95
C ARG E 106 -3.78 -7.64 51.46
N VAL E 107 -3.89 -8.74 50.73
CA VAL E 107 -5.16 -9.16 50.15
C VAL E 107 -5.55 -10.56 50.58
N ALA E 108 -6.82 -10.73 50.93
CA ALA E 108 -7.34 -12.02 51.35
C ALA E 108 -8.01 -12.77 50.20
N LEU E 109 -7.69 -14.05 50.08
CA LEU E 109 -8.26 -14.91 49.04
C LEU E 109 -9.33 -15.76 49.71
N THR E 110 -10.56 -15.26 49.68
CA THR E 110 -11.71 -15.90 50.32
C THR E 110 -11.97 -17.38 50.06
N SER E 111 -12.06 -17.77 48.79
CA SER E 111 -12.36 -19.16 48.46
C SER E 111 -11.15 -19.89 47.92
N GLN E 112 -11.24 -21.22 47.89
CA GLN E 112 -10.16 -22.02 47.35
C GLN E 112 -10.36 -21.98 45.83
N SER E 113 -10.24 -20.80 45.24
CA SER E 113 -10.45 -20.62 43.82
C SER E 113 -9.19 -20.29 43.04
N ALA E 114 -8.78 -21.18 42.15
CA ALA E 114 -7.58 -20.96 41.35
C ALA E 114 -7.86 -19.94 40.24
N MSE E 115 -9.10 -19.92 39.77
CA MSE E 115 -9.53 -19.02 38.71
C MSE E 115 -9.30 -17.57 39.09
O MSE E 115 -8.66 -16.80 38.36
CB MSE E 115 -11.01 -19.24 38.42
CG MSE E 115 -11.56 -18.39 37.30
SE MSE E 115 -10.81 -18.85 35.57
CE MSE E 115 -9.43 -17.48 35.45
N SER E 116 -9.84 -17.19 40.25
CA SER E 116 -9.72 -15.83 40.75
C SER E 116 -8.27 -15.37 40.94
N VAL E 117 -7.48 -16.11 41.70
CA VAL E 117 -6.10 -15.70 41.93
C VAL E 117 -5.31 -15.59 40.63
N ALA E 118 -5.50 -16.54 39.73
CA ALA E 118 -4.77 -16.51 38.46
C ALA E 118 -5.05 -15.21 37.70
N LEU E 119 -6.30 -14.80 37.66
CA LEU E 119 -6.64 -13.58 36.94
C LEU E 119 -6.12 -12.39 37.72
N LEU E 120 -6.24 -12.45 39.04
CA LEU E 120 -5.78 -11.37 39.91
C LEU E 120 -4.28 -11.14 39.77
N GLU E 121 -3.52 -12.22 39.64
CA GLU E 121 -2.07 -12.11 39.50
C GLU E 121 -1.68 -11.51 38.16
N VAL E 122 -2.34 -11.93 37.10
CA VAL E 122 -2.04 -11.40 35.78
C VAL E 122 -2.22 -9.88 35.77
N LEU E 123 -3.26 -9.43 36.47
CA LEU E 123 -3.57 -8.00 36.54
C LEU E 123 -2.59 -7.26 37.45
N LEU E 124 -2.23 -7.86 38.58
CA LEU E 124 -1.29 -7.24 39.49
C LEU E 124 0.10 -7.19 38.85
N ARG E 125 0.50 -8.29 38.24
CA ARG E 125 1.80 -8.36 37.57
C ARG E 125 1.93 -7.29 36.50
N GLN E 126 0.90 -7.14 35.69
CA GLN E 126 0.90 -6.16 34.62
C GLN E 126 1.07 -4.75 35.16
N LYS E 127 0.43 -4.47 36.29
CA LYS E 127 0.50 -3.15 36.91
C LYS E 127 1.78 -2.98 37.74
N GLY E 128 2.58 -4.04 37.81
CA GLY E 128 3.82 -3.97 38.57
C GLY E 128 3.68 -4.00 40.09
N LEU E 129 2.47 -4.32 40.57
CA LEU E 129 2.20 -4.39 42.02
C LEU E 129 2.53 -5.77 42.59
N SER E 130 2.78 -5.82 43.90
CA SER E 130 3.13 -7.09 44.55
C SER E 130 2.58 -7.22 45.97
N PRO E 131 1.29 -6.91 46.19
CA PRO E 131 0.78 -7.05 47.55
C PRO E 131 0.86 -8.50 48.02
N VAL E 132 0.91 -8.71 49.33
CA VAL E 132 0.98 -10.07 49.84
C VAL E 132 -0.42 -10.66 49.81
N LEU E 133 -0.50 -11.93 49.43
CA LEU E 133 -1.78 -12.63 49.37
C LEU E 133 -1.77 -13.75 50.40
N GLU E 134 -2.85 -13.85 51.17
CA GLU E 134 -2.96 -14.88 52.19
C GLU E 134 -4.30 -15.58 52.05
N ARG E 135 -4.33 -16.86 52.36
CA ARG E 135 -5.56 -17.63 52.31
C ARG E 135 -6.41 -17.12 53.47
N ALA E 136 -7.71 -16.96 53.26
CA ALA E 136 -8.58 -16.50 54.33
C ALA E 136 -10.04 -16.77 54.02
N GLU E 137 -10.89 -16.68 55.05
CA GLU E 137 -12.31 -16.92 54.89
C GLU E 137 -13.12 -15.80 55.54
N GLY E 138 -14.28 -15.50 54.97
CA GLY E 138 -15.13 -14.45 55.51
C GLY E 138 -15.69 -13.56 54.41
N THR E 139 -16.58 -12.65 54.78
CA THR E 139 -17.15 -11.74 53.80
C THR E 139 -16.09 -10.69 53.52
N ALA E 140 -16.30 -9.94 52.45
CA ALA E 140 -15.36 -8.89 52.10
C ALA E 140 -15.30 -7.86 53.22
N GLU E 141 -16.46 -7.44 53.70
CA GLU E 141 -16.56 -6.44 54.75
C GLU E 141 -15.95 -6.84 56.08
N SER E 142 -16.11 -8.10 56.48
CA SER E 142 -15.54 -8.54 57.75
C SER E 142 -14.03 -8.63 57.61
N LEU E 143 -13.55 -9.27 56.53
CA LEU E 143 -12.12 -9.41 56.34
C LEU E 143 -11.47 -8.04 56.21
N LEU E 144 -12.17 -7.11 55.57
CA LEU E 144 -11.67 -5.76 55.39
C LEU E 144 -11.61 -5.06 56.76
N ALA E 145 -12.48 -5.51 57.66
CA ALA E 145 -12.55 -4.97 59.02
C ALA E 145 -11.43 -5.55 59.87
N ALA E 146 -10.86 -6.65 59.40
CA ALA E 146 -9.74 -7.27 60.10
C ALA E 146 -8.54 -6.55 59.50
N GLY E 147 -7.46 -7.28 59.19
CA GLY E 147 -6.31 -6.59 58.66
C GLY E 147 -6.05 -6.61 57.17
N TYR E 148 -7.09 -6.52 56.34
CA TYR E 148 -6.87 -6.56 54.90
C TYR E 148 -7.27 -5.32 54.13
N ASP E 149 -6.41 -4.92 53.19
CA ASP E 149 -6.65 -3.77 52.33
C ASP E 149 -7.66 -4.19 51.27
N GLY E 150 -7.44 -5.38 50.74
CA GLY E 150 -8.32 -5.91 49.72
C GLY E 150 -8.76 -7.32 50.04
N VAL E 151 -9.84 -7.74 49.39
CA VAL E 151 -10.40 -9.07 49.57
C VAL E 151 -10.94 -9.53 48.23
N LEU E 152 -10.50 -10.69 47.79
CA LEU E 152 -10.94 -11.25 46.52
C LEU E 152 -12.10 -12.20 46.76
N ARG E 153 -13.18 -12.05 46.02
CA ARG E 153 -14.35 -12.91 46.16
C ARG E 153 -14.86 -13.32 44.79
N ILE E 154 -15.39 -14.54 44.70
CA ILE E 154 -15.88 -15.06 43.44
C ILE E 154 -17.17 -15.83 43.65
N GLY E 155 -18.08 -15.77 42.69
CA GLY E 155 -19.32 -16.49 42.79
C GLY E 155 -20.49 -15.69 43.35
N ASP E 156 -21.56 -16.38 43.70
CA ASP E 156 -22.74 -15.71 44.24
C ASP E 156 -22.45 -14.82 45.44
N ASP E 157 -21.56 -15.25 46.32
CA ASP E 157 -21.25 -14.40 47.47
C ASP E 157 -20.67 -13.09 46.99
N ALA E 158 -19.85 -13.17 45.94
CA ALA E 158 -19.23 -12.00 45.36
C ALA E 158 -20.27 -11.08 44.75
N LEU E 159 -21.33 -11.65 44.19
CA LEU E 159 -22.38 -10.82 43.59
C LEU E 159 -23.20 -10.08 44.66
N ARG E 160 -23.56 -10.81 45.71
CA ARG E 160 -24.35 -10.27 46.80
C ARG E 160 -23.63 -9.13 47.54
N GLU E 161 -22.35 -9.35 47.87
CA GLU E 161 -21.58 -8.35 48.59
C GLU E 161 -21.28 -7.11 47.76
N TRP E 162 -21.24 -7.30 46.44
CA TRP E 162 -21.01 -6.18 45.55
C TRP E 162 -22.26 -5.31 45.64
N TYR E 163 -23.42 -5.95 45.59
CA TYR E 163 -24.66 -5.21 45.67
C TYR E 163 -24.82 -4.59 47.05
N GLY E 164 -24.28 -5.23 48.07
CA GLY E 164 -24.38 -4.69 49.41
C GLY E 164 -23.62 -3.37 49.53
N VAL E 165 -22.43 -3.31 48.96
CA VAL E 165 -21.61 -2.11 49.02
C VAL E 165 -22.19 -1.07 48.10
N VAL E 166 -22.15 -1.37 46.80
CA VAL E 166 -22.69 -0.46 45.81
C VAL E 166 -24.21 -0.58 45.84
N GLY E 167 -24.93 0.43 45.37
CA GLY E 167 -26.38 0.36 45.40
C GLY E 167 -26.97 0.74 46.72
N PRO E 168 -28.26 0.52 46.99
CA PRO E 168 -29.33 -0.08 46.19
C PRO E 168 -29.53 0.48 44.79
N LEU E 169 -30.33 -0.24 44.01
CA LEU E 169 -30.63 0.14 42.64
C LEU E 169 -31.99 0.84 42.68
N THR E 170 -32.35 1.55 41.61
CA THR E 170 -33.63 2.24 41.55
C THR E 170 -34.23 2.16 40.15
N PRO E 171 -35.57 2.29 40.04
CA PRO E 171 -36.29 2.24 38.77
C PRO E 171 -35.63 2.92 37.56
N GLU E 172 -35.27 4.19 37.70
CA GLU E 172 -34.64 4.92 36.60
C GLU E 172 -33.14 4.63 36.48
N ARG E 173 -32.55 4.10 37.55
CA ARG E 173 -31.13 3.77 37.54
C ARG E 173 -30.89 2.46 36.80
N THR E 174 -29.76 2.42 36.10
CA THR E 174 -29.39 1.23 35.34
C THR E 174 -28.21 0.57 36.04
N MSE E 175 -28.28 -0.74 36.21
CA MSE E 175 -27.22 -1.47 36.86
C MSE E 175 -25.89 -1.21 36.18
O MSE E 175 -24.84 -1.15 36.82
CB MSE E 175 -27.52 -2.97 36.82
CG MSE E 175 -26.50 -3.79 37.55
SE MSE E 175 -27.10 -5.59 37.69
CE MSE E 175 -25.45 -6.51 37.28
N THR E 176 -25.95 -1.05 34.86
CA THR E 176 -24.79 -0.80 34.03
C THR E 176 -24.13 0.55 34.38
N SER E 177 -24.79 1.33 35.22
CA SER E 177 -24.27 2.63 35.63
C SER E 177 -24.56 2.88 37.10
N LEU E 178 -23.85 2.13 37.94
CA LEU E 178 -24.03 2.21 39.39
C LEU E 178 -22.65 2.54 39.97
N PRO E 179 -22.61 3.19 41.14
CA PRO E 179 -21.29 3.52 41.70
C PRO E 179 -20.41 2.29 41.91
N HIS E 180 -19.10 2.49 41.97
CA HIS E 180 -18.17 1.40 42.18
C HIS E 180 -17.67 1.44 43.61
N THR E 181 -18.15 2.41 44.37
CA THR E 181 -17.72 2.55 45.75
C THR E 181 -18.90 2.78 46.66
N GLY E 182 -18.76 2.33 47.91
CA GLY E 182 -19.83 2.51 48.88
C GLY E 182 -19.24 2.31 50.25
N ARG E 183 -19.60 3.21 51.17
CA ARG E 183 -19.11 3.15 52.54
C ARG E 183 -17.60 2.96 52.59
N GLY E 184 -16.89 3.72 51.77
CA GLY E 184 -15.44 3.65 51.73
C GLY E 184 -14.88 2.45 51.02
N ILE E 185 -15.74 1.54 50.57
CA ILE E 185 -15.26 0.36 49.88
C ILE E 185 -15.38 0.47 48.37
N THR E 186 -14.32 0.08 47.67
CA THR E 186 -14.33 0.11 46.22
C THR E 186 -14.38 -1.32 45.70
N VAL E 187 -15.20 -1.54 44.68
CA VAL E 187 -15.32 -2.86 44.09
C VAL E 187 -14.72 -2.81 42.70
N THR E 188 -13.67 -3.58 42.50
CA THR E 188 -13.01 -3.61 41.20
C THR E 188 -13.39 -4.92 40.53
N ASP E 189 -14.03 -4.80 39.38
CA ASP E 189 -14.46 -5.97 38.63
C ASP E 189 -13.29 -6.47 37.80
N LEU E 190 -12.79 -7.66 38.14
CA LEU E 190 -11.65 -8.23 37.43
C LEU E 190 -11.90 -8.46 35.93
N ALA E 191 -13.14 -8.73 35.56
CA ALA E 191 -13.43 -8.96 34.14
C ALA E 191 -13.30 -7.60 33.43
N GLN E 192 -13.71 -6.54 34.12
CA GLN E 192 -13.63 -5.20 33.58
C GLN E 192 -12.15 -4.81 33.44
N GLU E 193 -11.34 -5.19 34.41
CA GLU E 193 -9.92 -4.87 34.36
C GLU E 193 -9.33 -5.56 33.14
N TRP E 194 -9.72 -6.82 32.94
CA TRP E 194 -9.24 -7.59 31.82
C TRP E 194 -9.60 -6.94 30.48
N PHE E 195 -10.77 -6.32 30.42
CA PHE E 195 -11.18 -5.66 29.19
C PHE E 195 -10.31 -4.43 28.94
N ASP E 196 -10.14 -3.62 29.99
CA ASP E 196 -9.32 -2.44 29.87
C ASP E 196 -7.92 -2.83 29.43
N LEU E 197 -7.47 -4.03 29.81
CA LEU E 197 -6.14 -4.47 29.43
C LEU E 197 -6.04 -5.09 28.05
N THR E 198 -7.01 -5.93 27.69
CA THR E 198 -6.95 -6.60 26.40
C THR E 198 -7.99 -6.14 25.39
N GLY E 199 -9.07 -5.53 25.88
CA GLY E 199 -10.13 -5.09 25.00
C GLY E 199 -10.95 -6.27 24.49
N HIS E 200 -10.76 -7.43 25.11
CA HIS E 200 -11.43 -8.67 24.72
C HIS E 200 -12.25 -9.29 25.85
N PRO E 201 -13.05 -10.32 25.52
CA PRO E 201 -13.86 -10.95 26.57
C PRO E 201 -12.98 -11.87 27.40
N PHE E 202 -13.53 -12.38 28.50
CA PHE E 202 -12.81 -13.31 29.34
C PHE E 202 -13.69 -14.53 29.52
N THR E 203 -13.12 -15.72 29.36
CA THR E 203 -13.87 -16.96 29.52
C THR E 203 -13.49 -17.53 30.89
N PHE E 204 -14.47 -17.60 31.78
CA PHE E 204 -14.23 -18.10 33.14
C PHE E 204 -14.37 -19.61 33.33
N ALA E 205 -15.18 -20.26 32.51
CA ALA E 205 -15.39 -21.69 32.63
C ALA E 205 -15.81 -22.35 31.33
N VAL E 206 -15.63 -23.66 31.26
CA VAL E 206 -16.02 -24.45 30.10
C VAL E 206 -16.52 -25.81 30.56
N TRP E 207 -17.00 -26.61 29.61
CA TRP E 207 -17.49 -27.96 29.89
C TRP E 207 -16.45 -28.93 29.36
N ALA E 208 -15.52 -29.30 30.23
CA ALA E 208 -14.43 -30.20 29.88
C ALA E 208 -14.70 -31.67 30.19
N TYR E 209 -14.10 -32.54 29.39
CA TYR E 209 -14.23 -33.98 29.52
C TYR E 209 -12.92 -34.63 29.09
N ARG E 210 -12.66 -35.84 29.56
CA ARG E 210 -11.43 -36.54 29.19
C ARG E 210 -11.44 -36.85 27.70
N LYS E 211 -10.41 -36.40 27.00
CA LYS E 211 -10.31 -36.63 25.56
C LYS E 211 -10.66 -38.05 25.12
N ASP E 212 -10.39 -39.02 25.99
CA ASP E 212 -10.65 -40.43 25.68
C ASP E 212 -12.05 -40.90 26.03
N ASN E 213 -12.88 -39.99 26.53
CA ASN E 213 -14.25 -40.35 26.92
C ASN E 213 -15.24 -39.25 26.57
N PRO E 214 -15.38 -38.93 25.27
CA PRO E 214 -16.28 -37.90 24.76
C PRO E 214 -17.71 -38.06 25.27
N PRO E 215 -18.48 -36.97 25.30
CA PRO E 215 -19.87 -37.02 25.78
C PRO E 215 -20.84 -37.51 24.69
N PRO E 216 -21.90 -38.22 25.09
CA PRO E 216 -22.91 -38.76 24.17
C PRO E 216 -23.81 -37.70 23.55
N ALA E 217 -23.89 -37.74 22.22
CA ALA E 217 -24.71 -36.78 21.47
C ALA E 217 -26.00 -36.40 22.19
N ALA E 218 -26.69 -37.39 22.74
CA ALA E 218 -27.95 -37.13 23.44
C ALA E 218 -27.79 -36.04 24.50
N LEU E 219 -26.77 -36.17 25.34
CA LEU E 219 -26.53 -35.18 26.39
C LEU E 219 -26.22 -33.81 25.78
N LEU E 220 -25.46 -33.79 24.69
CA LEU E 220 -25.12 -32.52 24.06
C LEU E 220 -26.35 -31.81 23.55
N GLN E 221 -27.30 -32.58 23.02
CA GLN E 221 -28.54 -32.00 22.51
C GLN E 221 -29.42 -31.55 23.68
N ALA E 222 -29.51 -32.39 24.71
CA ALA E 222 -30.30 -32.08 25.88
C ALA E 222 -29.83 -30.80 26.55
N MSE E 223 -28.52 -30.53 26.45
CA MSE E 223 -27.95 -29.34 27.06
C MSE E 223 -28.32 -28.12 26.24
O MSE E 223 -28.59 -27.05 26.79
CB MSE E 223 -26.44 -29.48 27.16
CG MSE E 223 -25.99 -30.47 28.19
SE MSE E 223 -24.05 -30.58 28.34
CE MSE E 223 -23.72 -28.84 29.13
N ARG E 224 -28.34 -28.27 24.92
CA ARG E 224 -28.68 -27.16 24.03
C ARG E 224 -30.18 -26.86 24.11
N GLU E 225 -30.98 -27.86 24.47
CA GLU E 225 -32.41 -27.67 24.61
C GLU E 225 -32.60 -26.77 25.81
N ALA E 226 -31.95 -27.16 26.91
CA ALA E 226 -32.03 -26.43 28.16
C ALA E 226 -31.61 -24.98 27.99
N ARG E 227 -30.47 -24.75 27.36
CA ARG E 227 -29.99 -23.40 27.14
C ARG E 227 -31.03 -22.54 26.42
N ARG E 228 -31.59 -23.04 25.32
CA ARG E 228 -32.60 -22.26 24.61
C ARG E 228 -33.74 -21.86 25.55
N ARG E 229 -34.19 -22.81 26.36
CA ARG E 229 -35.27 -22.53 27.30
C ARG E 229 -34.89 -21.44 28.31
N GLY E 230 -33.72 -21.60 28.93
CA GLY E 230 -33.26 -20.59 29.88
C GLY E 230 -33.17 -19.20 29.28
N ILE E 231 -32.43 -19.09 28.17
CA ILE E 231 -32.26 -17.80 27.49
C ILE E 231 -33.61 -17.23 27.04
N GLY E 232 -34.55 -18.10 26.71
CA GLY E 232 -35.86 -17.64 26.27
C GLY E 232 -36.80 -17.19 27.39
N HIS E 233 -36.47 -17.57 28.63
CA HIS E 233 -37.31 -17.21 29.79
C HIS E 233 -36.46 -16.75 30.97
N LEU E 234 -35.59 -15.78 30.69
CA LEU E 234 -34.67 -15.21 31.67
C LEU E 234 -35.32 -14.65 32.95
N ALA E 235 -36.53 -14.11 32.84
CA ALA E 235 -37.19 -13.56 34.03
C ALA E 235 -37.56 -14.67 35.01
N GLU E 236 -38.05 -15.79 34.48
CA GLU E 236 -38.42 -16.91 35.34
C GLU E 236 -37.16 -17.52 35.94
N VAL E 237 -36.13 -17.67 35.11
CA VAL E 237 -34.87 -18.23 35.59
C VAL E 237 -34.31 -17.40 36.73
N SER E 238 -34.34 -16.08 36.57
CA SER E 238 -33.82 -15.17 37.58
C SER E 238 -34.50 -15.27 38.95
N GLN E 239 -35.82 -15.34 38.94
CA GLN E 239 -36.61 -15.41 40.17
C GLN E 239 -36.11 -16.26 41.32
N ARG E 240 -36.12 -17.57 41.14
CA ARG E 240 -35.68 -18.46 42.20
C ARG E 240 -34.30 -18.11 42.75
N HIS E 241 -33.35 -17.84 41.86
CA HIS E 241 -32.00 -17.50 42.28
C HIS E 241 -31.96 -16.14 42.98
N ALA E 242 -32.80 -15.21 42.53
CA ALA E 242 -32.85 -13.90 43.15
C ALA E 242 -33.38 -14.06 44.57
N GLU E 243 -34.40 -14.90 44.72
CA GLU E 243 -34.97 -15.15 46.03
C GLU E 243 -33.95 -15.80 46.95
N LYS E 244 -33.34 -16.89 46.51
CA LYS E 244 -32.35 -17.57 47.32
C LYS E 244 -31.13 -16.68 47.62
N LEU E 245 -30.87 -15.69 46.78
CA LEU E 245 -29.73 -14.81 46.99
C LEU E 245 -30.07 -13.49 47.69
N GLY E 246 -31.36 -13.27 47.93
CA GLY E 246 -31.77 -12.04 48.58
C GLY E 246 -31.48 -10.82 47.72
N LEU E 247 -31.61 -10.97 46.41
CA LEU E 247 -31.34 -9.85 45.49
C LEU E 247 -32.54 -9.51 44.62
N PRO E 248 -32.57 -8.28 44.09
CA PRO E 248 -33.69 -7.90 43.23
C PRO E 248 -33.66 -8.76 41.95
N GLU E 249 -34.82 -9.08 41.42
CA GLU E 249 -34.91 -9.90 40.21
C GLU E 249 -34.14 -9.26 39.07
N ARG E 250 -34.15 -7.93 39.00
CA ARG E 250 -33.47 -7.25 37.90
C ARG E 250 -31.95 -7.35 37.98
N VAL E 251 -31.40 -7.43 39.19
CA VAL E 251 -29.96 -7.54 39.33
C VAL E 251 -29.52 -8.89 38.75
N VAL E 252 -30.23 -9.95 39.11
CA VAL E 252 -29.92 -11.28 38.63
C VAL E 252 -30.21 -11.37 37.13
N GLN E 253 -31.29 -10.72 36.70
CA GLN E 253 -31.64 -10.77 35.29
C GLN E 253 -30.55 -10.18 34.41
N HIS E 254 -30.10 -8.97 34.74
CA HIS E 254 -29.05 -8.36 33.93
C HIS E 254 -27.78 -9.23 34.00
N TYR E 255 -27.48 -9.70 35.21
CA TYR E 255 -26.32 -10.56 35.46
C TYR E 255 -26.28 -11.73 34.47
N LEU E 256 -27.41 -12.42 34.30
CA LEU E 256 -27.45 -13.55 33.38
C LEU E 256 -27.40 -13.13 31.92
N TRP E 257 -28.05 -12.03 31.62
CA TRP E 257 -28.07 -11.52 30.26
C TRP E 257 -26.67 -11.09 29.81
N ASN E 258 -25.85 -10.72 30.77
CA ASN E 258 -24.51 -10.26 30.49
C ASN E 258 -23.53 -11.39 30.13
N PHE E 259 -23.93 -12.63 30.38
CA PHE E 259 -23.05 -13.76 30.08
C PHE E 259 -23.07 -14.25 28.64
N ARG E 260 -21.89 -14.62 28.14
CA ARG E 260 -21.76 -15.16 26.81
C ARG E 260 -21.63 -16.68 27.01
N TYR E 261 -22.60 -17.41 26.49
CA TYR E 261 -22.64 -18.84 26.70
C TYR E 261 -22.17 -19.79 25.60
N HIS E 262 -21.95 -19.28 24.40
CA HIS E 262 -21.58 -20.14 23.29
C HIS E 262 -20.11 -20.38 22.94
N LEU E 263 -19.19 -19.87 23.75
CA LEU E 263 -17.77 -20.06 23.48
C LEU E 263 -17.45 -19.73 22.02
N GLU E 264 -17.85 -18.55 21.58
CA GLU E 264 -17.62 -18.16 20.20
C GLU E 264 -16.16 -17.72 20.02
N ALA E 265 -15.79 -17.35 18.80
CA ALA E 265 -14.42 -16.95 18.51
C ALA E 265 -13.87 -15.92 19.50
N PRO E 266 -14.61 -14.83 19.75
CA PRO E 266 -14.12 -13.81 20.69
C PRO E 266 -13.81 -14.38 22.08
N ASP E 267 -14.58 -15.36 22.51
CA ASP E 267 -14.37 -15.96 23.81
C ASP E 267 -13.13 -16.86 23.78
N ARG E 268 -12.97 -17.60 22.69
CA ARG E 268 -11.81 -18.48 22.55
C ARG E 268 -10.57 -17.58 22.59
N LEU E 269 -10.71 -16.39 22.00
CA LEU E 269 -9.63 -15.44 21.94
C LEU E 269 -9.19 -15.05 23.33
N GLY E 270 -10.14 -14.55 24.13
CA GLY E 270 -9.81 -14.15 25.47
C GLY E 270 -9.21 -15.31 26.24
N LEU E 271 -9.72 -16.52 25.98
CA LEU E 271 -9.25 -17.71 26.67
C LEU E 271 -7.79 -17.97 26.33
N ARG E 272 -7.46 -17.98 25.05
CA ARG E 272 -6.09 -18.22 24.64
C ARG E 272 -5.18 -17.13 25.18
N GLU E 273 -5.60 -15.87 25.08
CA GLU E 273 -4.77 -14.80 25.59
C GLU E 273 -4.46 -15.07 27.05
N PHE E 274 -5.50 -15.37 27.82
CA PHE E 274 -5.34 -15.65 29.25
C PHE E 274 -4.45 -16.86 29.49
N ALA E 275 -4.76 -17.95 28.80
CA ALA E 275 -3.98 -19.17 28.93
C ALA E 275 -2.47 -18.92 28.76
N ASP E 276 -2.11 -18.09 27.80
CA ASP E 276 -0.70 -17.81 27.55
C ASP E 276 -0.05 -17.00 28.66
N LEU E 277 -0.75 -15.98 29.13
CA LEU E 277 -0.23 -15.14 30.20
C LEU E 277 -0.12 -15.84 31.55
N ALA E 278 -1.14 -16.62 31.88
CA ALA E 278 -1.20 -17.33 33.15
C ALA E 278 -0.55 -18.72 33.19
N VAL E 279 -0.59 -19.45 32.07
CA VAL E 279 -0.02 -20.79 32.06
C VAL E 279 0.92 -21.00 30.86
N PRO E 280 2.04 -20.26 30.81
CA PRO E 280 3.03 -20.33 29.73
C PRO E 280 3.37 -21.77 29.34
N GLY E 281 3.32 -22.06 28.03
CA GLY E 281 3.62 -23.39 27.56
C GLY E 281 2.62 -24.46 27.95
N HIS E 282 1.34 -24.09 27.96
CA HIS E 282 0.29 -25.04 28.31
C HIS E 282 0.07 -25.91 27.08
N ALA E 283 -0.56 -27.07 27.27
CA ALA E 283 -0.86 -27.95 26.15
C ALA E 283 -1.86 -27.16 25.31
N GLU E 284 -1.95 -27.46 24.03
CA GLU E 284 -2.88 -26.78 23.14
C GLU E 284 -4.31 -27.02 23.60
N LEU E 285 -5.15 -25.99 23.49
CA LEU E 285 -6.54 -26.10 23.89
C LEU E 285 -7.36 -26.71 22.75
N THR E 286 -7.98 -27.86 23.02
CA THR E 286 -8.78 -28.54 22.00
C THR E 286 -10.27 -28.58 22.35
N PHE E 287 -11.10 -28.44 21.31
CA PHE E 287 -12.55 -28.43 21.50
C PHE E 287 -13.23 -29.51 20.66
N PRO F 16 -44.98 18.13 24.34
CA PRO F 16 -45.35 17.27 23.18
C PRO F 16 -44.09 16.66 22.55
N TYR F 17 -43.37 15.87 23.34
CA TYR F 17 -42.14 15.22 22.89
C TYR F 17 -42.51 14.10 21.91
N ARG F 18 -42.03 14.22 20.67
CA ARG F 18 -42.32 13.24 19.63
C ARG F 18 -41.17 12.27 19.36
N ALA F 19 -41.50 11.00 19.21
CA ALA F 19 -40.49 9.98 18.94
C ALA F 19 -40.73 9.35 17.58
N GLY F 20 -39.66 9.17 16.82
CA GLY F 20 -39.76 8.54 15.52
C GLY F 20 -39.10 7.18 15.57
N TRP F 21 -39.90 6.12 15.72
CA TRP F 21 -39.34 4.77 15.80
C TRP F 21 -39.43 4.04 14.47
N ILE F 22 -38.52 3.09 14.29
CA ILE F 22 -38.52 2.21 13.14
C ILE F 22 -38.40 0.87 13.83
N HIS F 23 -39.44 0.05 13.70
CA HIS F 23 -39.46 -1.23 14.37
C HIS F 23 -38.69 -2.36 13.71
N PHE F 24 -37.37 -2.21 13.65
CA PHE F 24 -36.52 -3.26 13.08
C PHE F 24 -36.63 -4.43 14.05
N THR F 25 -36.54 -5.65 13.52
CA THR F 25 -36.62 -6.83 14.37
C THR F 25 -35.64 -6.79 15.55
N ASN F 26 -34.39 -6.40 15.32
CA ASN F 26 -33.39 -6.38 16.38
C ASN F 26 -33.58 -5.31 17.44
N VAL F 27 -34.66 -4.55 17.31
CA VAL F 27 -34.94 -3.48 18.26
C VAL F 27 -36.20 -3.83 19.07
N ALA F 28 -36.86 -4.92 18.67
CA ALA F 28 -38.09 -5.39 19.31
C ALA F 28 -38.05 -5.60 20.81
N PRO F 29 -36.94 -6.15 21.34
CA PRO F 29 -36.86 -6.37 22.79
C PRO F 29 -37.04 -5.09 23.59
N ILE F 30 -36.73 -3.97 22.94
CA ILE F 30 -36.82 -2.67 23.56
C ILE F 30 -38.11 -1.91 23.30
N LEU F 31 -38.55 -1.86 22.06
CA LEU F 31 -39.76 -1.11 21.73
C LEU F 31 -41.11 -1.85 21.75
N ASP F 32 -41.10 -3.18 21.78
CA ASP F 32 -42.35 -3.94 21.76
C ASP F 32 -43.34 -3.71 22.90
N SER F 33 -42.83 -3.65 24.12
CA SER F 33 -43.68 -3.46 25.28
C SER F 33 -43.58 -2.05 25.83
N LEU F 34 -42.98 -1.16 25.05
CA LEU F 34 -42.82 0.22 25.48
C LEU F 34 -44.16 0.91 25.73
N GLU F 35 -44.34 1.42 26.94
CA GLU F 35 -45.57 2.12 27.31
C GLU F 35 -45.23 3.61 27.41
N LEU F 36 -45.65 4.39 26.42
CA LEU F 36 -45.35 5.82 26.41
C LEU F 36 -46.02 6.61 27.52
N PRO F 37 -45.23 7.40 28.25
CA PRO F 37 -45.79 8.22 29.33
C PRO F 37 -46.61 9.31 28.65
N PRO F 38 -47.46 10.00 29.42
CA PRO F 38 -48.25 11.06 28.77
C PRO F 38 -47.28 12.14 28.30
N GLY F 39 -47.67 12.87 27.25
CA GLY F 39 -46.80 13.93 26.77
C GLY F 39 -45.83 13.49 25.68
N VAL F 40 -45.77 12.18 25.42
CA VAL F 40 -44.90 11.68 24.37
C VAL F 40 -45.70 10.83 23.41
N THR F 41 -45.46 11.04 22.12
CA THR F 41 -46.14 10.31 21.06
C THR F 41 -45.10 9.70 20.16
N ALA F 42 -45.51 8.70 19.38
CA ALA F 42 -44.56 8.05 18.49
C ALA F 42 -45.14 7.82 17.09
N ILE F 43 -44.28 7.96 16.09
CA ILE F 43 -44.65 7.74 14.70
C ILE F 43 -43.50 6.99 14.06
N THR F 44 -43.73 6.47 12.86
CA THR F 44 -42.71 5.70 12.17
C THR F 44 -42.54 6.16 10.74
N GLY F 45 -41.69 5.47 9.99
CA GLY F 45 -41.41 5.79 8.60
C GLY F 45 -40.07 5.19 8.19
N VAL F 46 -39.60 5.54 7.00
CA VAL F 46 -38.31 5.02 6.55
C VAL F 46 -37.19 5.86 7.17
N PRO F 47 -35.99 5.29 7.29
CA PRO F 47 -34.81 5.95 7.86
C PRO F 47 -34.54 7.35 7.34
N THR F 48 -34.64 7.53 6.03
CA THR F 48 -34.41 8.84 5.43
C THR F 48 -35.37 9.85 6.04
N GLN F 49 -36.66 9.51 6.02
CA GLN F 49 -37.70 10.37 6.54
C GLN F 49 -37.52 10.69 8.02
N MSE F 50 -37.17 9.66 8.81
CA MSE F 50 -37.01 9.86 10.24
C MSE F 50 -35.75 10.65 10.62
O MSE F 50 -35.83 11.56 11.45
CB MSE F 50 -37.02 8.51 10.95
CG MSE F 50 -37.89 8.52 12.20
SE MSE F 50 -39.81 8.48 11.83
CE MSE F 50 -40.08 10.19 10.96
N ASN F 51 -34.61 10.32 10.03
CA ASN F 51 -33.39 11.07 10.34
C ASN F 51 -33.60 12.54 10.03
N ALA F 52 -34.25 12.82 8.90
CA ALA F 52 -34.51 14.20 8.51
C ALA F 52 -35.42 14.85 9.53
N ALA F 53 -36.50 14.14 9.86
CA ALA F 53 -37.47 14.63 10.83
C ALA F 53 -36.79 14.99 12.14
N LEU F 54 -35.87 14.13 12.56
CA LEU F 54 -35.13 14.34 13.80
C LEU F 54 -34.29 15.63 13.75
N LEU F 55 -33.50 15.78 12.69
CA LEU F 55 -32.63 16.94 12.54
C LEU F 55 -33.39 18.24 12.30
N SER F 56 -34.53 18.16 11.61
CA SER F 56 -35.29 19.36 11.34
C SER F 56 -36.15 19.82 12.51
N GLY F 57 -36.47 18.91 13.44
CA GLY F 57 -37.29 19.29 14.58
C GLY F 57 -38.71 18.75 14.60
N GLU F 58 -39.07 17.94 13.61
CA GLU F 58 -40.41 17.36 13.57
C GLU F 58 -40.45 16.21 14.57
N VAL F 59 -39.30 15.61 14.77
CA VAL F 59 -39.15 14.49 15.69
C VAL F 59 -38.11 14.91 16.72
N ASP F 60 -38.31 14.49 17.96
CA ASP F 60 -37.41 14.85 19.04
C ASP F 60 -36.41 13.77 19.43
N ILE F 61 -36.79 12.51 19.25
CA ILE F 61 -35.90 11.40 19.54
C ILE F 61 -36.16 10.28 18.55
N ALA F 62 -35.13 9.48 18.24
CA ALA F 62 -35.31 8.40 17.30
C ALA F 62 -34.13 7.45 17.30
N ASN F 63 -34.39 6.20 16.92
CA ASN F 63 -33.33 5.21 16.84
C ASN F 63 -32.74 5.36 15.44
N VAL F 64 -31.47 5.80 15.38
CA VAL F 64 -30.80 6.01 14.09
C VAL F 64 -29.51 5.20 14.00
N SER F 65 -28.94 5.14 12.80
CA SER F 65 -27.71 4.39 12.55
C SER F 65 -26.48 5.05 13.16
N ALA F 66 -25.43 4.26 13.37
CA ALA F 66 -24.21 4.80 13.94
C ALA F 66 -23.68 5.89 13.01
N VAL F 67 -23.72 5.64 11.71
CA VAL F 67 -23.25 6.60 10.74
C VAL F 67 -24.05 7.90 10.79
N GLU F 68 -25.37 7.80 10.85
CA GLU F 68 -26.23 8.98 10.93
C GLU F 68 -25.84 9.81 12.15
N PHE F 69 -25.59 9.13 13.26
CA PHE F 69 -25.20 9.82 14.50
C PHE F 69 -23.82 10.45 14.36
N ILE F 70 -22.86 9.66 13.92
CA ILE F 70 -21.49 10.16 13.77
C ILE F 70 -21.41 11.37 12.86
N ARG F 71 -22.11 11.34 11.72
CA ARG F 71 -22.09 12.45 10.78
C ARG F 71 -22.78 13.70 11.32
N HIS F 72 -23.47 13.56 12.45
CA HIS F 72 -24.15 14.70 13.03
C HIS F 72 -23.92 14.87 14.54
N ALA F 73 -22.76 14.42 15.03
CA ALA F 73 -22.45 14.52 16.46
C ALA F 73 -22.44 15.98 16.90
N ASP F 74 -22.47 16.87 15.91
CA ASP F 74 -22.48 18.30 16.13
C ASP F 74 -23.77 18.77 16.80
N THR F 75 -24.90 18.40 16.18
CA THR F 75 -26.23 18.78 16.64
C THR F 75 -26.89 17.73 17.53
N LEU F 76 -26.60 16.46 17.25
CA LEU F 76 -27.19 15.35 17.99
C LEU F 76 -26.35 14.76 19.10
N ALA F 77 -27.03 14.18 20.08
CA ALA F 77 -26.39 13.51 21.21
C ALA F 77 -27.09 12.16 21.29
N ALA F 78 -26.45 11.18 21.93
CA ALA F 78 -27.07 9.87 22.06
C ALA F 78 -27.31 9.50 23.53
N LEU F 79 -28.28 8.60 23.75
CA LEU F 79 -28.55 8.13 25.09
C LEU F 79 -27.29 7.38 25.49
N PRO F 80 -26.91 7.44 26.77
CA PRO F 80 -25.69 6.76 27.23
C PRO F 80 -25.78 5.24 27.36
N ASP F 81 -26.97 4.72 27.62
CA ASP F 81 -27.11 3.28 27.83
C ASP F 81 -28.02 2.55 26.86
N PHE F 82 -28.03 2.96 25.60
CA PHE F 82 -28.88 2.28 24.62
C PHE F 82 -28.16 2.11 23.30
N SER F 83 -28.19 0.89 22.78
CA SER F 83 -27.54 0.63 21.53
C SER F 83 -28.05 -0.61 20.85
N VAL F 84 -27.62 -0.77 19.60
CA VAL F 84 -27.92 -1.96 18.84
C VAL F 84 -26.51 -2.28 18.36
N ALA F 85 -25.86 -3.17 19.09
CA ALA F 85 -24.49 -3.55 18.79
C ALA F 85 -24.33 -5.06 18.91
N VAL F 86 -23.16 -5.57 18.51
CA VAL F 86 -22.88 -6.98 18.59
C VAL F 86 -21.37 -7.18 18.68
N LEU F 87 -20.98 -8.38 19.10
CA LEU F 87 -19.57 -8.75 19.20
C LEU F 87 -19.49 -10.01 18.38
N GLY F 88 -18.84 -9.91 17.23
CA GLY F 88 -18.75 -11.08 16.35
C GLY F 88 -19.79 -10.92 15.26
N PRO F 89 -20.43 -12.01 14.81
CA PRO F 89 -21.44 -11.95 13.75
C PRO F 89 -22.71 -11.19 14.15
N VAL F 90 -23.38 -10.60 13.16
CA VAL F 90 -24.63 -9.89 13.42
C VAL F 90 -25.77 -10.64 12.70
N TYR F 91 -25.42 -11.35 11.63
CA TYR F 91 -26.37 -12.15 10.82
C TYR F 91 -27.30 -11.37 9.89
N SER F 92 -27.47 -10.07 10.10
CA SER F 92 -28.37 -9.30 9.26
C SER F 92 -27.69 -8.15 8.49
N VAL F 93 -26.40 -8.32 8.23
CA VAL F 93 -25.59 -7.36 7.46
C VAL F 93 -24.60 -8.24 6.73
N ASN F 94 -25.07 -8.85 5.65
CA ASN F 94 -24.27 -9.80 4.87
C ASN F 94 -23.89 -9.43 3.44
N LEU F 95 -22.71 -9.88 3.05
CA LEU F 95 -22.19 -9.69 1.71
C LEU F 95 -22.14 -11.08 1.09
N PHE F 96 -23.07 -11.36 0.19
CA PHE F 96 -23.16 -12.65 -0.48
C PHE F 96 -22.27 -12.64 -1.72
N HIS F 97 -21.48 -13.69 -1.92
CA HIS F 97 -20.63 -13.73 -3.09
C HIS F 97 -20.34 -15.13 -3.56
N THR F 98 -19.99 -15.24 -4.84
CA THR F 98 -19.72 -16.52 -5.48
C THR F 98 -18.25 -16.73 -5.78
N CYS F 99 -17.43 -15.73 -5.48
CA CYS F 99 -15.99 -15.82 -5.70
C CYS F 99 -15.31 -15.25 -4.48
N PRO F 100 -14.02 -15.57 -4.28
CA PRO F 100 -13.28 -15.05 -3.12
C PRO F 100 -13.33 -13.52 -3.08
N LEU F 101 -13.44 -12.97 -1.87
CA LEU F 101 -13.54 -11.53 -1.68
C LEU F 101 -12.54 -10.68 -2.46
N PRO F 102 -11.26 -11.06 -2.47
CA PRO F 102 -10.28 -10.26 -3.20
C PRO F 102 -10.56 -10.17 -4.70
N GLU F 103 -11.52 -10.96 -5.17
CA GLU F 103 -11.83 -10.98 -6.59
C GLU F 103 -13.15 -10.32 -6.98
N LEU F 104 -13.87 -9.76 -6.01
CA LEU F 104 -15.12 -9.09 -6.35
C LEU F 104 -14.78 -7.98 -7.32
N ARG F 105 -15.52 -7.93 -8.42
CA ARG F 105 -15.30 -6.91 -9.44
C ARG F 105 -16.37 -5.85 -9.29
N ARG F 106 -17.57 -6.30 -8.94
CA ARG F 106 -18.68 -5.39 -8.76
C ARG F 106 -19.65 -5.95 -7.73
N VAL F 107 -20.04 -5.11 -6.79
CA VAL F 107 -20.97 -5.48 -5.72
C VAL F 107 -22.25 -4.67 -5.87
N ALA F 108 -23.40 -5.31 -5.71
CA ALA F 108 -24.66 -4.61 -5.83
C ALA F 108 -25.18 -4.19 -4.46
N LEU F 109 -25.81 -3.02 -4.40
CA LEU F 109 -26.37 -2.51 -3.16
C LEU F 109 -27.87 -2.61 -3.39
N THR F 110 -28.54 -3.36 -2.53
CA THR F 110 -29.97 -3.59 -2.69
C THR F 110 -30.86 -2.47 -2.12
N SER F 111 -30.45 -1.92 -0.99
CA SER F 111 -31.20 -0.86 -0.34
C SER F 111 -30.41 0.44 -0.33
N GLN F 112 -30.95 1.46 0.33
CA GLN F 112 -30.28 2.74 0.43
C GLN F 112 -29.90 2.93 1.90
N SER F 113 -28.89 2.20 2.35
CA SER F 113 -28.47 2.31 3.73
C SER F 113 -27.02 2.78 3.81
N ALA F 114 -26.84 3.96 4.37
CA ALA F 114 -25.52 4.55 4.52
C ALA F 114 -24.67 3.73 5.46
N MSE F 115 -25.33 3.09 6.42
CA MSE F 115 -24.66 2.27 7.42
C MSE F 115 -23.88 1.09 6.84
O MSE F 115 -22.69 0.95 7.09
CB MSE F 115 -25.68 1.76 8.45
CG MSE F 115 -25.09 0.89 9.58
SE MSE F 115 -23.95 1.85 10.86
CE MSE F 115 -22.22 1.60 10.01
N SER F 116 -24.56 0.24 6.08
CA SER F 116 -23.90 -0.93 5.51
C SER F 116 -22.78 -0.57 4.53
N VAL F 117 -23.05 0.31 3.58
CA VAL F 117 -22.01 0.68 2.63
C VAL F 117 -20.81 1.30 3.33
N ALA F 118 -21.06 2.12 4.35
CA ALA F 118 -19.94 2.75 5.07
C ALA F 118 -19.04 1.70 5.71
N LEU F 119 -19.66 0.71 6.34
CA LEU F 119 -18.89 -0.35 6.98
C LEU F 119 -18.14 -1.18 5.93
N LEU F 120 -18.80 -1.43 4.80
CA LEU F 120 -18.21 -2.20 3.72
C LEU F 120 -17.00 -1.48 3.15
N GLU F 121 -17.15 -0.17 2.95
CA GLU F 121 -16.06 0.63 2.41
C GLU F 121 -14.85 0.59 3.33
N VAL F 122 -15.10 0.69 4.63
CA VAL F 122 -14.00 0.64 5.58
C VAL F 122 -13.27 -0.71 5.48
N LEU F 123 -14.02 -1.81 5.39
CA LEU F 123 -13.40 -3.12 5.30
C LEU F 123 -12.74 -3.30 3.94
N LEU F 124 -13.32 -2.72 2.90
CA LEU F 124 -12.75 -2.82 1.57
C LEU F 124 -11.43 -2.04 1.48
N ARG F 125 -11.45 -0.80 1.94
CA ARG F 125 -10.25 0.04 1.91
C ARG F 125 -9.10 -0.60 2.67
N GLN F 126 -9.42 -1.31 3.77
CA GLN F 126 -8.41 -1.99 4.59
C GLN F 126 -7.74 -3.15 3.87
N LYS F 127 -8.54 -3.97 3.19
CA LYS F 127 -8.00 -5.10 2.47
C LYS F 127 -7.39 -4.61 1.15
N GLY F 128 -7.47 -3.31 0.90
CA GLY F 128 -6.94 -2.74 -0.32
C GLY F 128 -7.79 -3.01 -1.55
N LEU F 129 -9.00 -3.52 -1.34
CA LEU F 129 -9.91 -3.84 -2.43
C LEU F 129 -10.75 -2.64 -2.88
N SER F 130 -11.33 -2.73 -4.06
CA SER F 130 -12.14 -1.63 -4.54
C SER F 130 -13.12 -1.98 -5.64
N PRO F 131 -13.89 -3.06 -5.47
CA PRO F 131 -14.85 -3.43 -6.52
C PRO F 131 -15.85 -2.28 -6.75
N VAL F 132 -16.54 -2.33 -7.88
CA VAL F 132 -17.52 -1.32 -8.19
C VAL F 132 -18.78 -1.56 -7.38
N LEU F 133 -19.32 -0.52 -6.78
CA LEU F 133 -20.56 -0.66 -6.01
C LEU F 133 -21.64 0.02 -6.84
N GLU F 134 -22.81 -0.61 -6.95
CA GLU F 134 -23.90 0.00 -7.68
C GLU F 134 -25.26 -0.43 -7.18
N ARG F 135 -26.21 0.49 -7.21
CA ARG F 135 -27.55 0.22 -6.78
C ARG F 135 -28.22 -0.67 -7.81
N ALA F 136 -28.85 -1.74 -7.33
CA ALA F 136 -29.54 -2.67 -8.19
C ALA F 136 -30.72 -3.17 -7.39
N GLU F 137 -31.70 -3.79 -8.06
CA GLU F 137 -32.85 -4.27 -7.33
C GLU F 137 -33.00 -5.77 -7.46
N GLY F 138 -33.43 -6.41 -6.37
CA GLY F 138 -33.60 -7.85 -6.39
C GLY F 138 -33.07 -8.51 -5.13
N THR F 139 -33.02 -9.84 -5.15
CA THR F 139 -32.51 -10.60 -4.03
C THR F 139 -31.06 -10.92 -4.34
N ALA F 140 -30.35 -11.45 -3.35
CA ALA F 140 -28.95 -11.81 -3.54
C ALA F 140 -28.86 -12.87 -4.62
N GLU F 141 -29.75 -13.84 -4.54
CA GLU F 141 -29.79 -14.95 -5.48
C GLU F 141 -29.94 -14.48 -6.93
N SER F 142 -30.94 -13.62 -7.16
CA SER F 142 -31.16 -13.12 -8.50
C SER F 142 -30.07 -12.18 -9.00
N LEU F 143 -29.54 -11.34 -8.10
CA LEU F 143 -28.51 -10.41 -8.53
C LEU F 143 -27.19 -11.15 -8.80
N LEU F 144 -26.94 -12.21 -8.04
CA LEU F 144 -25.74 -13.01 -8.19
C LEU F 144 -25.80 -13.72 -9.55
N ALA F 145 -27.00 -13.95 -10.04
CA ALA F 145 -27.20 -14.60 -11.33
C ALA F 145 -27.05 -13.59 -12.46
N ALA F 146 -27.45 -12.35 -12.22
CA ALA F 146 -27.37 -11.30 -13.23
C ALA F 146 -26.03 -10.59 -13.33
N GLY F 147 -24.93 -11.29 -13.09
CA GLY F 147 -23.65 -10.64 -13.24
C GLY F 147 -23.02 -9.85 -12.11
N TYR F 148 -23.31 -10.21 -10.87
CA TYR F 148 -22.69 -9.54 -9.74
C TYR F 148 -21.88 -10.59 -9.03
N ASP F 149 -20.68 -10.22 -8.57
CA ASP F 149 -19.85 -11.16 -7.84
C ASP F 149 -20.35 -11.18 -6.40
N GLY F 150 -20.90 -10.04 -5.98
CA GLY F 150 -21.40 -9.93 -4.63
C GLY F 150 -22.60 -9.02 -4.47
N VAL F 151 -23.37 -9.31 -3.43
CA VAL F 151 -24.56 -8.54 -3.11
C VAL F 151 -24.57 -8.25 -1.61
N LEU F 152 -24.76 -6.98 -1.25
CA LEU F 152 -24.83 -6.60 0.15
C LEU F 152 -26.30 -6.48 0.57
N ARG F 153 -26.66 -7.13 1.68
CA ARG F 153 -28.04 -7.08 2.17
C ARG F 153 -28.11 -6.80 3.68
N ILE F 154 -29.19 -6.16 4.10
CA ILE F 154 -29.36 -5.85 5.50
C ILE F 154 -30.75 -6.21 6.00
N GLY F 155 -30.95 -6.09 7.31
CA GLY F 155 -32.24 -6.36 7.91
C GLY F 155 -32.81 -7.75 7.73
N ASP F 156 -34.13 -7.84 7.82
CA ASP F 156 -34.85 -9.11 7.70
C ASP F 156 -34.56 -9.85 6.41
N ASP F 157 -34.38 -9.12 5.31
CA ASP F 157 -34.09 -9.79 4.06
C ASP F 157 -32.76 -10.51 4.17
N ALA F 158 -31.77 -9.82 4.72
CA ALA F 158 -30.43 -10.40 4.88
C ALA F 158 -30.45 -11.62 5.78
N LEU F 159 -31.26 -11.56 6.83
CA LEU F 159 -31.38 -12.67 7.78
C LEU F 159 -31.97 -13.91 7.11
N ARG F 160 -33.11 -13.73 6.43
CA ARG F 160 -33.78 -14.85 5.74
C ARG F 160 -32.86 -15.46 4.70
N GLU F 161 -32.30 -14.61 3.84
CA GLU F 161 -31.43 -15.10 2.80
C GLU F 161 -30.23 -15.87 3.35
N TRP F 162 -29.70 -15.41 4.48
CA TRP F 162 -28.57 -16.09 5.08
C TRP F 162 -29.02 -17.49 5.49
N TYR F 163 -30.20 -17.55 6.12
CA TYR F 163 -30.72 -18.81 6.57
C TYR F 163 -31.11 -19.68 5.38
N GLY F 164 -31.42 -19.05 4.26
CA GLY F 164 -31.77 -19.81 3.08
C GLY F 164 -30.54 -20.46 2.46
N VAL F 165 -29.41 -19.74 2.51
CA VAL F 165 -28.17 -20.24 1.95
C VAL F 165 -27.60 -21.36 2.82
N VAL F 166 -27.30 -21.03 4.08
CA VAL F 166 -26.79 -22.01 5.03
C VAL F 166 -28.02 -22.48 5.80
N GLY F 167 -28.00 -23.72 6.28
CA GLY F 167 -29.16 -24.21 7.00
C GLY F 167 -29.89 -25.27 6.21
N PRO F 168 -31.04 -25.78 6.68
CA PRO F 168 -31.72 -25.42 7.94
C PRO F 168 -30.97 -25.88 9.17
N LEU F 169 -31.55 -25.59 10.32
CA LEU F 169 -30.98 -25.99 11.58
C LEU F 169 -31.69 -27.30 11.94
N THR F 170 -31.12 -28.06 12.86
CA THR F 170 -31.71 -29.31 13.28
C THR F 170 -31.60 -29.36 14.78
N PRO F 171 -32.40 -30.22 15.44
CA PRO F 171 -32.36 -30.33 16.90
C PRO F 171 -30.95 -30.22 17.48
N GLU F 172 -30.02 -31.03 16.98
CA GLU F 172 -28.64 -30.97 17.46
C GLU F 172 -27.98 -29.79 16.74
N ARG F 173 -26.66 -29.80 16.61
CA ARG F 173 -26.00 -28.69 15.93
C ARG F 173 -26.21 -27.41 16.76
N THR F 174 -26.29 -26.25 16.10
CA THR F 174 -26.50 -24.98 16.81
C THR F 174 -26.39 -23.88 15.75
N MSE F 175 -26.89 -22.68 16.06
CA MSE F 175 -26.80 -21.61 15.08
C MSE F 175 -25.36 -21.12 14.87
O MSE F 175 -24.95 -20.89 13.74
CB MSE F 175 -27.69 -20.44 15.48
CG MSE F 175 -27.74 -19.35 14.42
SE MSE F 175 -29.29 -18.22 14.54
CE MSE F 175 -28.51 -16.47 14.30
N THR F 176 -24.61 -20.98 15.97
CA THR F 176 -23.23 -20.51 15.88
C THR F 176 -22.27 -21.45 15.15
N SER F 177 -22.71 -22.68 14.87
CA SER F 177 -21.83 -23.62 14.19
C SER F 177 -22.31 -23.95 12.80
N LEU F 178 -23.23 -23.14 12.29
CA LEU F 178 -23.79 -23.32 10.96
C LEU F 178 -22.71 -22.88 9.97
N PRO F 179 -22.67 -23.50 8.78
CA PRO F 179 -21.66 -23.12 7.79
C PRO F 179 -21.85 -21.70 7.23
N HIS F 180 -20.84 -21.21 6.50
CA HIS F 180 -20.89 -19.88 5.91
C HIS F 180 -21.11 -19.94 4.41
N THR F 181 -21.25 -21.14 3.87
CA THR F 181 -21.47 -21.30 2.43
C THR F 181 -22.59 -22.27 2.14
N GLY F 182 -23.30 -22.03 1.05
CA GLY F 182 -24.39 -22.92 0.67
C GLY F 182 -24.67 -22.80 -0.82
N ARG F 183 -24.79 -23.94 -1.50
CA ARG F 183 -25.04 -23.92 -2.94
C ARG F 183 -24.04 -23.01 -3.65
N GLY F 184 -22.78 -23.10 -3.23
CA GLY F 184 -21.73 -22.28 -3.84
C GLY F 184 -21.71 -20.80 -3.48
N ILE F 185 -22.58 -20.40 -2.57
CA ILE F 185 -22.65 -19.00 -2.17
C ILE F 185 -22.08 -18.83 -0.76
N THR F 186 -21.11 -17.92 -0.64
CA THR F 186 -20.51 -17.65 0.66
C THR F 186 -21.17 -16.41 1.25
N VAL F 187 -21.48 -16.48 2.55
CA VAL F 187 -22.08 -15.34 3.21
C VAL F 187 -21.06 -14.75 4.18
N THR F 188 -20.58 -13.55 3.88
CA THR F 188 -19.61 -12.90 4.74
C THR F 188 -20.31 -11.88 5.63
N ASP F 189 -20.28 -12.14 6.93
CA ASP F 189 -20.90 -11.27 7.91
C ASP F 189 -19.99 -10.07 8.17
N LEU F 190 -20.47 -8.87 7.86
CA LEU F 190 -19.66 -7.67 8.04
C LEU F 190 -19.26 -7.37 9.48
N ALA F 191 -20.11 -7.71 10.45
CA ALA F 191 -19.75 -7.46 11.85
C ALA F 191 -18.60 -8.39 12.24
N GLN F 192 -18.61 -9.59 11.68
CA GLN F 192 -17.57 -10.58 11.94
C GLN F 192 -16.26 -10.06 11.33
N GLU F 193 -16.34 -9.48 10.14
CA GLU F 193 -15.14 -8.93 9.50
C GLU F 193 -14.58 -7.85 10.42
N TRP F 194 -15.47 -7.05 10.99
CA TRP F 194 -15.04 -5.98 11.89
C TRP F 194 -14.41 -6.58 13.13
N PHE F 195 -14.91 -7.72 13.60
CA PHE F 195 -14.29 -8.32 14.77
C PHE F 195 -12.88 -8.80 14.43
N ASP F 196 -12.74 -9.47 13.30
CA ASP F 196 -11.43 -9.98 12.88
C ASP F 196 -10.42 -8.85 12.75
N LEU F 197 -10.87 -7.72 12.24
CA LEU F 197 -10.02 -6.56 12.05
C LEU F 197 -9.66 -5.83 13.34
N THR F 198 -10.68 -5.47 14.10
CA THR F 198 -10.50 -4.71 15.33
C THR F 198 -10.53 -5.47 16.64
N GLY F 199 -11.08 -6.68 16.61
CA GLY F 199 -11.18 -7.48 17.81
C GLY F 199 -12.22 -6.91 18.78
N HIS F 200 -12.99 -5.92 18.32
CA HIS F 200 -14.00 -5.29 19.16
C HIS F 200 -15.44 -5.37 18.65
N PRO F 201 -16.40 -4.99 19.50
CA PRO F 201 -17.81 -5.02 19.10
C PRO F 201 -18.02 -3.93 18.07
N PHE F 202 -19.16 -3.99 17.39
CA PHE F 202 -19.51 -2.96 16.43
C PHE F 202 -20.87 -2.40 16.81
N THR F 203 -21.00 -1.07 16.78
CA THR F 203 -22.26 -0.43 17.11
C THR F 203 -22.95 0.04 15.83
N PHE F 204 -24.09 -0.59 15.52
CA PHE F 204 -24.86 -0.27 14.33
C PHE F 204 -25.85 0.86 14.49
N ALA F 205 -26.43 0.99 15.68
CA ALA F 205 -27.42 2.04 15.87
C ALA F 205 -27.51 2.54 17.31
N VAL F 206 -28.00 3.77 17.46
CA VAL F 206 -28.14 4.37 18.78
C VAL F 206 -29.48 5.07 18.88
N TRP F 207 -29.68 5.76 19.99
CA TRP F 207 -30.90 6.53 20.21
C TRP F 207 -30.42 7.96 20.30
N ALA F 208 -30.73 8.75 19.29
CA ALA F 208 -30.29 10.13 19.24
C ALA F 208 -31.40 11.17 19.39
N TYR F 209 -30.98 12.37 19.79
CA TYR F 209 -31.89 13.50 19.99
C TYR F 209 -31.07 14.79 19.88
N ARG F 210 -31.73 15.92 19.67
CA ARG F 210 -31.00 17.18 19.55
C ARG F 210 -30.49 17.64 20.91
N LYS F 211 -29.18 17.91 20.99
CA LYS F 211 -28.53 18.36 22.21
C LYS F 211 -29.32 19.38 23.05
N ASP F 212 -30.05 20.26 22.36
CA ASP F 212 -30.81 21.31 23.03
C ASP F 212 -32.24 20.91 23.41
N ASN F 213 -32.57 19.64 23.17
CA ASN F 213 -33.91 19.16 23.48
C ASN F 213 -33.86 17.75 24.06
N PRO F 214 -33.19 17.59 25.22
CA PRO F 214 -33.04 16.30 25.91
C PRO F 214 -34.40 15.65 26.17
N PRO F 215 -34.47 14.31 26.15
CA PRO F 215 -35.73 13.63 26.39
C PRO F 215 -36.12 13.63 27.87
N PRO F 216 -37.44 13.65 28.16
CA PRO F 216 -37.93 13.67 29.54
C PRO F 216 -37.59 12.37 30.27
N ALA F 217 -37.21 12.48 31.54
CA ALA F 217 -36.85 11.31 32.33
C ALA F 217 -37.89 10.18 32.29
N ALA F 218 -39.17 10.53 32.22
CA ALA F 218 -40.21 9.52 32.19
C ALA F 218 -40.10 8.61 30.96
N LEU F 219 -39.70 9.18 29.84
CA LEU F 219 -39.55 8.37 28.64
C LEU F 219 -38.38 7.40 28.80
N LEU F 220 -37.29 7.87 29.39
CA LEU F 220 -36.13 7.00 29.59
C LEU F 220 -36.44 5.87 30.56
N GLN F 221 -37.24 6.15 31.58
CA GLN F 221 -37.56 5.10 32.53
C GLN F 221 -38.43 4.06 31.86
N ALA F 222 -39.38 4.52 31.05
CA ALA F 222 -40.28 3.62 30.37
C ALA F 222 -39.48 2.71 29.44
N MSE F 223 -38.53 3.29 28.70
CA MSE F 223 -37.71 2.51 27.77
C MSE F 223 -36.90 1.46 28.51
O MSE F 223 -36.74 0.34 28.02
CB MSE F 223 -36.77 3.43 26.99
CG MSE F 223 -37.47 4.15 25.85
SE MSE F 223 -36.39 5.57 25.12
CE MSE F 223 -35.01 4.52 24.23
N ARG F 224 -36.39 1.82 29.68
CA ARG F 224 -35.62 0.89 30.47
C ARG F 224 -36.52 -0.21 31.03
N GLU F 225 -37.75 0.14 31.37
CA GLU F 225 -38.69 -0.87 31.87
C GLU F 225 -38.95 -1.85 30.73
N ALA F 226 -39.26 -1.30 29.56
CA ALA F 226 -39.55 -2.10 28.38
C ALA F 226 -38.40 -3.03 28.02
N ARG F 227 -37.17 -2.52 28.05
CA ARG F 227 -36.01 -3.33 27.72
C ARG F 227 -35.88 -4.50 28.70
N ARG F 228 -36.15 -4.26 29.98
CA ARG F 228 -36.06 -5.35 30.95
C ARG F 228 -37.06 -6.44 30.57
N ARG F 229 -38.29 -6.04 30.29
CA ARG F 229 -39.31 -6.99 29.89
C ARG F 229 -38.89 -7.81 28.67
N GLY F 230 -38.46 -7.13 27.61
CA GLY F 230 -38.04 -7.83 26.39
C GLY F 230 -36.94 -8.84 26.66
N ILE F 231 -35.85 -8.38 27.26
CA ILE F 231 -34.72 -9.22 27.58
C ILE F 231 -35.19 -10.37 28.47
N GLY F 232 -36.14 -10.08 29.35
CA GLY F 232 -36.65 -11.10 30.26
C GLY F 232 -37.57 -12.16 29.68
N HIS F 233 -38.17 -11.85 28.53
CA HIS F 233 -39.07 -12.80 27.86
C HIS F 233 -38.74 -12.89 26.37
N LEU F 234 -37.52 -13.35 26.07
CA LEU F 234 -37.03 -13.46 24.71
C LEU F 234 -37.78 -14.44 23.83
N ALA F 235 -38.28 -15.53 24.40
CA ALA F 235 -39.01 -16.49 23.60
C ALA F 235 -40.27 -15.81 23.07
N GLU F 236 -40.96 -15.08 23.93
CA GLU F 236 -42.18 -14.38 23.54
C GLU F 236 -41.90 -13.41 22.40
N VAL F 237 -40.85 -12.61 22.57
CA VAL F 237 -40.49 -11.63 21.56
C VAL F 237 -40.10 -12.31 20.26
N SER F 238 -39.33 -13.39 20.38
CA SER F 238 -38.90 -14.13 19.20
C SER F 238 -40.08 -14.76 18.48
N GLN F 239 -40.97 -15.41 19.22
CA GLN F 239 -42.11 -16.05 18.58
C GLN F 239 -42.94 -15.06 17.76
N ARG F 240 -43.31 -13.94 18.39
CA ARG F 240 -44.11 -12.93 17.71
C ARG F 240 -43.52 -12.53 16.36
N HIS F 241 -42.20 -12.38 16.31
CA HIS F 241 -41.52 -11.97 15.08
C HIS F 241 -41.09 -13.09 14.15
N ALA F 242 -40.96 -14.30 14.69
CA ALA F 242 -40.56 -15.44 13.89
C ALA F 242 -41.60 -15.75 12.82
N GLU F 243 -42.86 -15.84 13.23
CA GLU F 243 -43.96 -16.14 12.32
C GLU F 243 -44.02 -15.14 11.18
N LYS F 244 -43.87 -13.87 11.53
CA LYS F 244 -43.93 -12.79 10.56
C LYS F 244 -42.80 -12.89 9.55
N LEU F 245 -41.63 -13.30 10.01
CA LEU F 245 -40.46 -13.41 9.14
C LEU F 245 -40.36 -14.73 8.40
N GLY F 246 -41.21 -15.69 8.74
CA GLY F 246 -41.13 -16.98 8.08
C GLY F 246 -39.82 -17.64 8.49
N LEU F 247 -39.46 -17.50 9.77
CA LEU F 247 -38.24 -18.10 10.30
C LEU F 247 -38.51 -18.86 11.58
N PRO F 248 -37.73 -19.91 11.85
CA PRO F 248 -37.93 -20.69 13.06
C PRO F 248 -37.65 -19.84 14.31
N GLU F 249 -38.43 -20.05 15.36
CA GLU F 249 -38.26 -19.28 16.58
C GLU F 249 -36.83 -19.28 17.11
N ARG F 250 -36.15 -20.42 17.06
CA ARG F 250 -34.78 -20.47 17.59
C ARG F 250 -33.80 -19.56 16.86
N VAL F 251 -34.02 -19.35 15.57
CA VAL F 251 -33.14 -18.48 14.81
C VAL F 251 -33.32 -17.05 15.30
N VAL F 252 -34.56 -16.61 15.39
CA VAL F 252 -34.83 -15.25 15.85
C VAL F 252 -34.39 -15.02 17.29
N GLN F 253 -34.54 -16.05 18.12
CA GLN F 253 -34.16 -15.91 19.53
C GLN F 253 -32.65 -15.71 19.68
N HIS F 254 -31.84 -16.57 19.04
CA HIS F 254 -30.40 -16.42 19.14
C HIS F 254 -30.01 -15.06 18.56
N TYR F 255 -30.65 -14.72 17.44
CA TYR F 255 -30.41 -13.44 16.78
C TYR F 255 -30.54 -12.28 17.77
N LEU F 256 -31.64 -12.26 18.52
CA LEU F 256 -31.89 -11.21 19.50
C LEU F 256 -30.99 -11.32 20.73
N TRP F 257 -30.70 -12.56 21.13
CA TRP F 257 -29.86 -12.81 22.30
C TRP F 257 -28.43 -12.33 22.05
N ASN F 258 -28.07 -12.30 20.78
CA ASN F 258 -26.75 -11.91 20.34
C ASN F 258 -26.49 -10.40 20.34
N PHE F 259 -27.54 -9.58 20.41
CA PHE F 259 -27.35 -8.13 20.40
C PHE F 259 -26.97 -7.56 21.75
N ARG F 260 -26.14 -6.53 21.71
CA ARG F 260 -25.70 -5.85 22.92
C ARG F 260 -26.49 -4.53 22.94
N TYR F 261 -27.34 -4.36 23.95
CA TYR F 261 -28.22 -3.19 24.05
C TYR F 261 -27.88 -2.07 25.00
N HIS F 262 -26.79 -2.17 25.75
CA HIS F 262 -26.52 -1.12 26.71
C HIS F 262 -25.46 -0.08 26.39
N LEU F 263 -24.93 -0.10 25.17
CA LEU F 263 -23.91 0.89 24.78
C LEU F 263 -22.87 1.05 25.90
N GLU F 264 -22.25 -0.06 26.29
CA GLU F 264 -21.24 -0.07 27.34
C GLU F 264 -19.88 0.36 26.78
N ALA F 265 -18.85 0.36 27.62
CA ALA F 265 -17.52 0.77 27.19
C ALA F 265 -17.02 0.09 25.91
N PRO F 266 -17.18 -1.23 25.82
CA PRO F 266 -16.71 -1.89 24.60
C PRO F 266 -17.47 -1.44 23.35
N ASP F 267 -18.75 -1.12 23.51
CA ASP F 267 -19.55 -0.69 22.36
C ASP F 267 -19.18 0.72 21.96
N ARG F 268 -18.79 1.55 22.93
CA ARG F 268 -18.39 2.92 22.63
C ARG F 268 -17.04 2.88 21.95
N LEU F 269 -16.22 1.91 22.35
CA LEU F 269 -14.89 1.75 21.75
C LEU F 269 -15.06 1.48 20.26
N GLY F 270 -15.71 0.37 19.93
CA GLY F 270 -15.94 0.01 18.54
C GLY F 270 -16.63 1.14 17.79
N LEU F 271 -17.53 1.86 18.45
CA LEU F 271 -18.23 2.97 17.82
C LEU F 271 -17.23 4.08 17.46
N ARG F 272 -16.32 4.40 18.38
CA ARG F 272 -15.32 5.45 18.15
C ARG F 272 -14.33 5.05 17.08
N GLU F 273 -13.90 3.78 17.11
CA GLU F 273 -12.94 3.29 16.13
C GLU F 273 -13.56 3.40 14.75
N PHE F 274 -14.83 3.05 14.65
CA PHE F 274 -15.52 3.12 13.37
C PHE F 274 -15.64 4.56 12.89
N ALA F 275 -16.12 5.44 13.77
CA ALA F 275 -16.28 6.85 13.40
C ALA F 275 -14.97 7.41 12.82
N ASP F 276 -13.86 7.17 13.49
CA ASP F 276 -12.56 7.64 13.04
C ASP F 276 -12.20 7.18 11.63
N LEU F 277 -12.55 5.94 11.33
CA LEU F 277 -12.26 5.39 10.02
C LEU F 277 -13.22 5.86 8.94
N ALA F 278 -14.52 5.77 9.22
CA ALA F 278 -15.55 6.14 8.25
C ALA F 278 -15.87 7.61 8.10
N VAL F 279 -15.73 8.37 9.19
CA VAL F 279 -16.05 9.80 9.14
C VAL F 279 -14.93 10.66 9.75
N PRO F 280 -13.76 10.69 9.10
CA PRO F 280 -12.59 11.46 9.53
C PRO F 280 -12.97 12.88 9.88
N GLY F 281 -12.58 13.36 11.06
CA GLY F 281 -12.89 14.72 11.45
C GLY F 281 -14.29 14.95 12.00
N HIS F 282 -14.99 13.86 12.31
CA HIS F 282 -16.34 13.95 12.85
C HIS F 282 -16.32 14.71 14.18
N ALA F 283 -17.42 15.37 14.49
CA ALA F 283 -17.53 16.11 15.73
C ALA F 283 -17.33 15.12 16.87
N GLU F 284 -17.20 15.60 18.09
CA GLU F 284 -17.01 14.69 19.21
C GLU F 284 -18.33 13.99 19.52
N LEU F 285 -18.27 12.69 19.77
CA LEU F 285 -19.48 11.93 20.09
C LEU F 285 -19.84 12.21 21.55
N THR F 286 -21.04 12.73 21.78
CA THR F 286 -21.47 13.03 23.14
C THR F 286 -22.71 12.22 23.54
N PHE F 287 -22.85 12.00 24.85
CA PHE F 287 -23.97 11.23 25.38
C PHE F 287 -24.73 11.95 26.51
N PRO G 16 -48.80 26.07 -1.25
CA PRO G 16 -47.73 27.08 -1.06
C PRO G 16 -46.36 26.43 -1.15
N TYR G 17 -45.65 26.66 -2.26
CA TYR G 17 -44.33 26.07 -2.44
C TYR G 17 -43.31 26.78 -1.56
N ARG G 18 -42.62 26.02 -0.73
CA ARG G 18 -41.64 26.58 0.18
C ARG G 18 -40.20 26.38 -0.29
N ALA G 19 -39.43 27.46 -0.23
CA ALA G 19 -38.03 27.41 -0.63
C ALA G 19 -37.14 27.77 0.56
N GLY G 20 -36.05 27.03 0.72
CA GLY G 20 -35.12 27.29 1.80
C GLY G 20 -33.77 27.65 1.22
N TRP G 21 -33.45 28.94 1.23
CA TRP G 21 -32.19 29.41 0.67
C TRP G 21 -31.17 29.67 1.78
N ILE G 22 -29.91 29.65 1.41
CA ILE G 22 -28.83 30.01 2.33
C ILE G 22 -28.09 30.99 1.45
N HIS G 23 -28.12 32.27 1.82
CA HIS G 23 -27.50 33.31 1.02
C HIS G 23 -25.96 33.45 1.02
N PHE G 24 -25.26 32.37 0.64
CA PHE G 24 -23.80 32.41 0.56
C PHE G 24 -23.45 33.49 -0.46
N THR G 25 -22.28 34.11 -0.29
CA THR G 25 -21.82 35.13 -1.21
C THR G 25 -21.90 34.68 -2.68
N ASN G 26 -21.34 33.51 -2.99
CA ASN G 26 -21.33 33.05 -4.37
C ASN G 26 -22.69 32.79 -5.03
N VAL G 27 -23.78 32.88 -4.28
CA VAL G 27 -25.08 32.64 -4.90
C VAL G 27 -25.83 33.96 -5.10
N ALA G 28 -25.27 35.05 -4.58
CA ALA G 28 -25.88 36.36 -4.69
C ALA G 28 -26.34 36.73 -6.10
N PRO G 29 -25.52 36.45 -7.13
CA PRO G 29 -25.92 36.79 -8.50
C PRO G 29 -27.26 36.16 -8.90
N ILE G 30 -27.64 35.09 -8.21
CA ILE G 30 -28.90 34.42 -8.51
C ILE G 30 -30.03 34.81 -7.58
N LEU G 31 -29.80 34.73 -6.27
CA LEU G 31 -30.83 35.05 -5.28
C LEU G 31 -31.06 36.51 -4.90
N ASP G 32 -30.01 37.32 -4.93
CA ASP G 32 -30.14 38.72 -4.54
C ASP G 32 -31.37 39.46 -5.04
N SER G 33 -31.69 39.34 -6.33
CA SER G 33 -32.85 40.06 -6.87
C SER G 33 -34.07 39.20 -7.17
N LEU G 34 -34.10 37.99 -6.62
CA LEU G 34 -35.20 37.08 -6.86
C LEU G 34 -36.55 37.59 -6.35
N GLU G 35 -37.54 37.56 -7.22
CA GLU G 35 -38.90 37.97 -6.89
C GLU G 35 -39.76 36.71 -6.94
N LEU G 36 -40.07 36.15 -5.77
CA LEU G 36 -40.89 34.96 -5.69
C LEU G 36 -42.26 35.21 -6.28
N PRO G 37 -42.72 34.34 -7.18
CA PRO G 37 -44.05 34.56 -7.77
C PRO G 37 -45.15 34.26 -6.77
N PRO G 38 -46.42 34.50 -7.14
CA PRO G 38 -47.52 34.22 -6.21
C PRO G 38 -47.59 32.72 -5.89
N GLY G 39 -47.72 32.40 -4.61
CA GLY G 39 -47.83 31.01 -4.21
C GLY G 39 -46.51 30.33 -3.83
N VAL G 40 -45.53 31.11 -3.41
CA VAL G 40 -44.24 30.56 -3.02
C VAL G 40 -43.52 31.50 -2.04
N THR G 41 -43.04 30.93 -0.94
CA THR G 41 -42.34 31.72 0.06
C THR G 41 -40.94 31.18 0.25
N ALA G 42 -40.18 31.83 1.12
CA ALA G 42 -38.82 31.38 1.37
C ALA G 42 -38.38 31.71 2.78
N ILE G 43 -37.52 30.86 3.33
CA ILE G 43 -36.97 31.01 4.68
C ILE G 43 -35.48 30.68 4.57
N THR G 44 -34.78 30.75 5.69
CA THR G 44 -33.36 30.47 5.71
C THR G 44 -32.95 29.75 6.99
N GLY G 45 -31.66 29.47 7.13
CA GLY G 45 -31.15 28.79 8.30
C GLY G 45 -29.78 28.21 7.99
N VAL G 46 -29.26 27.38 8.88
CA VAL G 46 -27.96 26.76 8.63
C VAL G 46 -28.17 25.54 7.73
N PRO G 47 -27.14 25.14 6.98
CA PRO G 47 -27.22 23.98 6.08
C PRO G 47 -27.89 22.74 6.69
N THR G 48 -27.49 22.38 7.92
CA THR G 48 -28.04 21.21 8.60
C THR G 48 -29.57 21.27 8.64
N GLN G 49 -30.08 22.38 9.15
CA GLN G 49 -31.51 22.57 9.28
C GLN G 49 -32.20 22.58 7.91
N MSE G 50 -31.59 23.25 6.93
CA MSE G 50 -32.18 23.34 5.60
C MSE G 50 -32.24 22.00 4.87
O MSE G 50 -33.29 21.63 4.34
CB MSE G 50 -31.41 24.35 4.76
CG MSE G 50 -32.32 25.34 4.04
SE MSE G 50 -33.38 26.49 5.23
CE MSE G 50 -34.94 25.37 5.41
N ASN G 51 -31.11 21.28 4.86
CA ASN G 51 -31.07 19.99 4.20
C ASN G 51 -32.14 19.07 4.81
N ALA G 52 -32.24 19.09 6.14
CA ALA G 52 -33.22 18.25 6.83
C ALA G 52 -34.63 18.67 6.46
N ALA G 53 -34.87 19.97 6.46
CA ALA G 53 -36.18 20.50 6.13
C ALA G 53 -36.60 20.05 4.74
N LEU G 54 -35.63 19.97 3.83
CA LEU G 54 -35.90 19.56 2.45
C LEU G 54 -36.24 18.08 2.40
N LEU G 55 -35.40 17.27 3.04
CA LEU G 55 -35.61 15.82 3.04
C LEU G 55 -36.87 15.41 3.79
N SER G 56 -37.24 16.19 4.81
CA SER G 56 -38.43 15.88 5.60
C SER G 56 -39.74 16.38 5.02
N GLY G 57 -39.68 17.40 4.18
CA GLY G 57 -40.91 17.92 3.58
C GLY G 57 -41.32 19.28 4.14
N GLU G 58 -40.45 19.89 4.94
CA GLU G 58 -40.71 21.21 5.51
C GLU G 58 -40.48 22.29 4.46
N VAL G 59 -39.55 22.01 3.56
CA VAL G 59 -39.21 22.91 2.48
C VAL G 59 -39.27 22.06 1.22
N ASP G 60 -39.64 22.66 0.10
CA ASP G 60 -39.77 21.91 -1.14
C ASP G 60 -38.61 22.05 -2.10
N ILE G 61 -37.80 23.08 -1.90
CA ILE G 61 -36.64 23.29 -2.75
C ILE G 61 -35.59 24.11 -2.02
N ALA G 62 -34.31 23.77 -2.24
CA ALA G 62 -33.23 24.48 -1.57
C ALA G 62 -31.88 24.35 -2.29
N ASN G 63 -30.98 25.27 -2.00
CA ASN G 63 -29.64 25.19 -2.58
C ASN G 63 -28.84 24.40 -1.56
N VAL G 64 -28.32 23.25 -2.00
CA VAL G 64 -27.57 22.35 -1.13
C VAL G 64 -26.25 21.93 -1.77
N SER G 65 -25.35 21.39 -0.96
CA SER G 65 -24.04 20.95 -1.44
C SER G 65 -24.17 19.74 -2.36
N ALA G 66 -23.17 19.55 -3.22
CA ALA G 66 -23.17 18.42 -4.15
C ALA G 66 -23.22 17.13 -3.36
N VAL G 67 -22.51 17.09 -2.24
CA VAL G 67 -22.49 15.91 -1.40
C VAL G 67 -23.86 15.61 -0.83
N GLU G 68 -24.57 16.66 -0.41
CA GLU G 68 -25.90 16.49 0.14
C GLU G 68 -26.82 15.91 -0.93
N PHE G 69 -26.67 16.39 -2.16
CA PHE G 69 -27.51 15.92 -3.23
C PHE G 69 -27.15 14.47 -3.59
N ILE G 70 -25.87 14.21 -3.79
CA ILE G 70 -25.42 12.86 -4.15
C ILE G 70 -25.92 11.79 -3.18
N ARG G 71 -25.67 12.00 -1.89
CA ARG G 71 -26.09 11.02 -0.88
C ARG G 71 -27.62 10.84 -0.81
N HIS G 72 -28.37 11.63 -1.58
CA HIS G 72 -29.83 11.50 -1.59
C HIS G 72 -30.42 11.57 -3.00
N ALA G 73 -29.63 11.15 -3.97
CA ALA G 73 -30.05 11.17 -5.36
C ALA G 73 -31.30 10.31 -5.57
N ASP G 74 -31.59 9.42 -4.61
CA ASP G 74 -32.76 8.56 -4.74
C ASP G 74 -34.05 9.28 -4.41
N THR G 75 -33.98 10.20 -3.45
CA THR G 75 -35.15 10.95 -3.04
C THR G 75 -35.19 12.36 -3.64
N LEU G 76 -34.03 12.92 -3.94
CA LEU G 76 -33.96 14.26 -4.51
C LEU G 76 -33.53 14.33 -5.97
N ALA G 77 -33.94 15.42 -6.62
CA ALA G 77 -33.57 15.69 -8.00
C ALA G 77 -33.03 17.12 -8.02
N ALA G 78 -32.27 17.46 -9.04
CA ALA G 78 -31.69 18.80 -9.14
C ALA G 78 -32.14 19.54 -10.38
N LEU G 79 -32.31 20.86 -10.26
CA LEU G 79 -32.67 21.69 -11.41
C LEU G 79 -31.60 21.38 -12.45
N PRO G 80 -31.99 21.28 -13.73
CA PRO G 80 -31.00 20.98 -14.76
C PRO G 80 -30.05 22.09 -15.18
N ASP G 81 -30.41 23.33 -14.90
CA ASP G 81 -29.57 24.43 -15.35
C ASP G 81 -29.09 25.40 -14.28
N PHE G 82 -28.93 24.90 -13.06
CA PHE G 82 -28.45 25.74 -11.98
C PHE G 82 -27.35 25.01 -11.25
N SER G 83 -26.32 25.76 -10.84
CA SER G 83 -25.21 25.15 -10.14
C SER G 83 -24.28 26.20 -9.55
N VAL G 84 -23.32 25.70 -8.77
CA VAL G 84 -22.28 26.54 -8.23
C VAL G 84 -21.07 25.64 -8.47
N ALA G 85 -20.41 25.91 -9.59
CA ALA G 85 -19.25 25.13 -9.98
C ALA G 85 -18.17 26.10 -10.42
N VAL G 86 -16.99 25.58 -10.74
CA VAL G 86 -15.89 26.38 -11.22
C VAL G 86 -14.92 25.52 -11.99
N LEU G 87 -14.12 26.15 -12.86
CA LEU G 87 -13.12 25.43 -13.61
C LEU G 87 -11.81 25.98 -13.09
N GLY G 88 -11.12 25.20 -12.28
CA GLY G 88 -9.87 25.65 -11.71
C GLY G 88 -10.05 26.12 -10.28
N PRO G 89 -9.51 27.29 -9.92
CA PRO G 89 -9.65 27.81 -8.54
C PRO G 89 -11.05 28.24 -8.16
N VAL G 90 -11.36 28.14 -6.86
CA VAL G 90 -12.66 28.55 -6.36
C VAL G 90 -12.42 29.66 -5.33
N TYR G 91 -11.19 29.71 -4.81
CA TYR G 91 -10.76 30.71 -3.83
C TYR G 91 -11.41 30.66 -2.44
N SER G 92 -12.51 29.92 -2.28
CA SER G 92 -13.17 29.83 -0.98
C SER G 92 -13.24 28.42 -0.37
N VAL G 93 -12.38 27.51 -0.82
CA VAL G 93 -12.32 26.17 -0.23
C VAL G 93 -10.82 25.93 -0.23
N ASN G 94 -10.17 26.43 0.83
CA ASN G 94 -8.72 26.38 0.92
C ASN G 94 -8.10 25.60 2.07
N LEU G 95 -6.98 24.96 1.78
CA LEU G 95 -6.23 24.21 2.77
C LEU G 95 -4.96 25.01 3.04
N PHE G 96 -4.89 25.66 4.20
CA PHE G 96 -3.73 26.45 4.57
C PHE G 96 -2.70 25.57 5.28
N HIS G 97 -1.46 25.61 4.81
CA HIS G 97 -0.43 24.81 5.44
C HIS G 97 0.94 25.48 5.47
N THR G 98 1.78 25.03 6.38
CA THR G 98 3.11 25.58 6.54
C THR G 98 4.21 24.62 6.13
N CYS G 99 3.83 23.40 5.79
CA CYS G 99 4.78 22.38 5.37
C CYS G 99 4.24 21.79 4.08
N PRO G 100 5.08 21.11 3.29
CA PRO G 100 4.56 20.52 2.05
C PRO G 100 3.41 19.55 2.35
N LEU G 101 2.45 19.47 1.43
CA LEU G 101 1.29 18.59 1.61
C LEU G 101 1.60 17.17 2.07
N PRO G 102 2.57 16.49 1.44
CA PRO G 102 2.92 15.12 1.83
C PRO G 102 3.36 15.00 3.29
N GLU G 103 3.97 16.06 3.82
CA GLU G 103 4.45 16.03 5.20
C GLU G 103 3.37 16.41 6.21
N LEU G 104 2.16 16.67 5.73
CA LEU G 104 1.04 17.04 6.59
C LEU G 104 0.70 15.92 7.59
N ARG G 105 0.73 16.23 8.87
CA ARG G 105 0.44 15.23 9.90
C ARG G 105 -0.96 15.36 10.50
N ARG G 106 -1.38 16.59 10.73
CA ARG G 106 -2.72 16.83 11.29
C ARG G 106 -3.35 18.10 10.74
N VAL G 107 -4.57 17.95 10.24
CA VAL G 107 -5.30 19.06 9.66
C VAL G 107 -6.52 19.41 10.49
N ALA G 108 -6.71 20.70 10.71
CA ALA G 108 -7.83 21.19 11.49
C ALA G 108 -9.03 21.56 10.62
N LEU G 109 -10.20 21.10 11.04
CA LEU G 109 -11.46 21.39 10.35
C LEU G 109 -12.15 22.46 11.17
N THR G 110 -12.14 23.68 10.67
CA THR G 110 -12.73 24.80 11.38
C THR G 110 -14.25 24.73 11.43
N SER G 111 -14.88 24.36 10.33
CA SER G 111 -16.33 24.31 10.28
C SER G 111 -16.88 22.91 10.01
N GLN G 112 -18.15 22.72 10.33
CA GLN G 112 -18.84 21.47 10.08
C GLN G 112 -19.23 21.55 8.59
N SER G 113 -18.51 20.84 7.73
CA SER G 113 -18.79 20.92 6.29
C SER G 113 -18.51 19.61 5.58
N ALA G 114 -19.56 18.87 5.27
CA ALA G 114 -19.42 17.59 4.60
C ALA G 114 -18.79 17.76 3.23
N MSE G 115 -19.14 18.85 2.55
CA MSE G 115 -18.62 19.12 1.21
C MSE G 115 -17.09 19.21 1.13
O MSE G 115 -16.45 18.39 0.47
CB MSE G 115 -19.22 20.43 0.69
CG MSE G 115 -18.76 20.82 -0.73
SE MSE G 115 -19.48 19.66 -2.12
CE MSE G 115 -17.97 18.46 -2.35
N SER G 116 -16.51 20.19 1.82
CA SER G 116 -15.06 20.37 1.82
C SER G 116 -14.28 19.14 2.29
N VAL G 117 -14.76 18.47 3.33
CA VAL G 117 -14.07 17.29 3.85
C VAL G 117 -14.07 16.18 2.79
N ALA G 118 -15.22 15.96 2.17
CA ALA G 118 -15.33 14.93 1.14
C ALA G 118 -14.32 15.19 0.04
N LEU G 119 -14.24 16.44 -0.42
CA LEU G 119 -13.29 16.76 -1.47
C LEU G 119 -11.85 16.61 -0.95
N LEU G 120 -11.59 17.06 0.28
CA LEU G 120 -10.24 16.93 0.84
C LEU G 120 -9.86 15.46 0.95
N GLU G 121 -10.81 14.65 1.43
CA GLU G 121 -10.60 13.23 1.60
C GLU G 121 -10.34 12.53 0.26
N VAL G 122 -11.07 12.93 -0.78
CA VAL G 122 -10.88 12.33 -2.10
C VAL G 122 -9.48 12.62 -2.62
N LEU G 123 -9.01 13.86 -2.39
CA LEU G 123 -7.70 14.29 -2.85
C LEU G 123 -6.58 13.61 -2.08
N LEU G 124 -6.76 13.42 -0.78
CA LEU G 124 -5.75 12.76 0.04
C LEU G 124 -5.65 11.26 -0.31
N ARG G 125 -6.78 10.59 -0.48
CA ARG G 125 -6.76 9.18 -0.83
C ARG G 125 -5.96 9.00 -2.11
N GLN G 126 -6.14 9.92 -3.05
CA GLN G 126 -5.42 9.84 -4.31
C GLN G 126 -3.92 9.92 -4.10
N LYS G 127 -3.48 10.87 -3.31
CA LYS G 127 -2.05 11.04 -3.08
C LYS G 127 -1.50 10.00 -2.12
N GLY G 128 -2.36 9.10 -1.65
CA GLY G 128 -1.91 8.10 -0.72
C GLY G 128 -1.64 8.71 0.66
N LEU G 129 -2.18 9.90 0.91
CA LEU G 129 -1.99 10.58 2.19
C LEU G 129 -3.09 10.23 3.18
N SER G 130 -2.80 10.40 4.46
CA SER G 130 -3.76 10.07 5.50
C SER G 130 -3.55 10.82 6.81
N PRO G 131 -3.45 12.15 6.76
CA PRO G 131 -3.25 12.92 7.99
C PRO G 131 -4.49 12.87 8.88
N VAL G 132 -4.29 13.14 10.16
CA VAL G 132 -5.39 13.14 11.15
C VAL G 132 -6.27 14.38 10.98
N LEU G 133 -7.58 14.18 10.92
CA LEU G 133 -8.51 15.29 10.76
C LEU G 133 -9.19 15.56 12.08
N GLU G 134 -9.11 16.81 12.55
CA GLU G 134 -9.72 17.16 13.82
C GLU G 134 -10.49 18.47 13.79
N ARG G 135 -11.61 18.50 14.50
CA ARG G 135 -12.41 19.72 14.61
C ARG G 135 -11.63 20.63 15.55
N ALA G 136 -11.70 21.93 15.31
CA ALA G 136 -11.01 22.90 16.14
C ALA G 136 -11.62 24.23 15.77
N GLU G 137 -11.39 25.25 16.58
CA GLU G 137 -11.97 26.54 16.29
C GLU G 137 -10.90 27.62 16.18
N GLY G 138 -11.16 28.59 15.31
CA GLY G 138 -10.22 29.67 15.13
C GLY G 138 -9.94 29.96 13.67
N THR G 139 -8.88 30.70 13.42
CA THR G 139 -8.48 31.06 12.07
C THR G 139 -7.30 30.22 11.63
N ALA G 140 -7.09 30.14 10.32
CA ALA G 140 -6.01 29.36 9.77
C ALA G 140 -4.68 29.72 10.42
N GLU G 141 -4.44 31.01 10.62
CA GLU G 141 -3.18 31.43 11.22
C GLU G 141 -3.07 31.12 12.71
N SER G 142 -4.17 31.25 13.45
CA SER G 142 -4.11 30.95 14.87
C SER G 142 -3.92 29.45 15.07
N LEU G 143 -4.66 28.66 14.30
CA LEU G 143 -4.57 27.20 14.40
C LEU G 143 -3.22 26.69 13.91
N LEU G 144 -2.69 27.33 12.88
CA LEU G 144 -1.39 26.96 12.32
C LEU G 144 -0.30 27.35 13.32
N ALA G 145 -0.61 28.31 14.18
CA ALA G 145 0.35 28.77 15.18
C ALA G 145 0.16 27.99 16.47
N ALA G 146 -0.86 27.13 16.50
CA ALA G 146 -1.15 26.34 17.69
C ALA G 146 -1.08 24.84 17.46
N GLY G 147 -0.07 24.40 16.73
CA GLY G 147 0.11 22.96 16.52
C GLY G 147 -0.62 22.22 15.41
N TYR G 148 -0.90 22.90 14.30
CA TYR G 148 -1.57 22.25 13.17
C TYR G 148 -0.74 22.44 11.92
N ASP G 149 -0.59 21.37 11.15
CA ASP G 149 0.17 21.44 9.91
C ASP G 149 -0.66 22.11 8.83
N GLY G 150 -1.97 21.90 8.91
CA GLY G 150 -2.87 22.48 7.93
C GLY G 150 -4.22 22.77 8.54
N VAL G 151 -4.93 23.72 7.93
CA VAL G 151 -6.25 24.12 8.38
C VAL G 151 -7.13 24.30 7.15
N LEU G 152 -8.26 23.61 7.13
CA LEU G 152 -9.19 23.71 6.00
C LEU G 152 -10.26 24.72 6.35
N ARG G 153 -10.49 25.68 5.45
CA ARG G 153 -11.51 26.70 5.65
C ARG G 153 -12.36 26.83 4.39
N ILE G 154 -13.60 27.25 4.55
CA ILE G 154 -14.52 27.42 3.44
C ILE G 154 -15.23 28.75 3.55
N GLY G 155 -16.01 29.07 2.53
CA GLY G 155 -16.77 30.31 2.52
C GLY G 155 -16.02 31.61 2.65
N ASP G 156 -16.75 32.65 3.04
CA ASP G 156 -16.18 33.99 3.19
C ASP G 156 -14.91 34.04 4.03
N ASP G 157 -14.86 33.25 5.11
CA ASP G 157 -13.67 33.25 5.94
C ASP G 157 -12.50 32.79 5.08
N ALA G 158 -12.69 31.71 4.34
CA ALA G 158 -11.63 31.19 3.48
C ALA G 158 -11.18 32.24 2.48
N LEU G 159 -12.14 32.85 1.79
CA LEU G 159 -11.81 33.87 0.82
C LEU G 159 -11.05 35.00 1.49
N ARG G 160 -11.57 35.44 2.64
CA ARG G 160 -10.97 36.53 3.40
C ARG G 160 -9.53 36.21 3.84
N GLU G 161 -9.31 35.03 4.40
CA GLU G 161 -7.96 34.68 4.84
C GLU G 161 -6.98 34.47 3.69
N TRP G 162 -7.44 33.84 2.61
CA TRP G 162 -6.59 33.62 1.44
C TRP G 162 -6.05 34.97 0.98
N TYR G 163 -6.94 35.96 0.87
CA TYR G 163 -6.53 37.28 0.42
C TYR G 163 -5.56 37.92 1.40
N GLY G 164 -5.82 37.74 2.69
CA GLY G 164 -4.95 38.31 3.70
C GLY G 164 -3.60 37.64 3.75
N VAL G 165 -3.48 36.44 3.20
CA VAL G 165 -2.22 35.72 3.22
C VAL G 165 -1.41 35.96 1.94
N VAL G 166 -2.11 36.04 0.82
CA VAL G 166 -1.47 36.17 -0.47
C VAL G 166 -1.53 37.54 -1.13
N GLY G 167 -2.36 38.43 -0.59
CA GLY G 167 -2.51 39.76 -1.18
C GLY G 167 -1.49 40.78 -0.67
N PRO G 168 -1.74 42.07 -0.88
CA PRO G 168 -2.93 42.62 -1.56
C PRO G 168 -2.70 42.75 -3.06
N LEU G 169 -3.76 43.12 -3.79
CA LEU G 169 -3.68 43.32 -5.22
C LEU G 169 -3.22 44.76 -5.46
N THR G 170 -2.99 45.10 -6.72
CA THR G 170 -2.60 46.44 -7.12
C THR G 170 -3.20 46.65 -8.51
N PRO G 171 -3.31 47.91 -8.96
CA PRO G 171 -3.88 48.17 -10.29
C PRO G 171 -3.28 47.26 -11.36
N GLU G 172 -1.96 47.10 -11.30
CA GLU G 172 -1.26 46.21 -12.22
C GLU G 172 -1.39 44.82 -11.60
N ARG G 173 -1.26 43.77 -12.41
CA ARG G 173 -1.39 42.39 -11.91
C ARG G 173 -2.85 42.01 -11.64
N THR G 174 -3.20 40.80 -12.04
CA THR G 174 -4.54 40.29 -11.89
C THR G 174 -4.68 39.35 -10.69
N MSE G 175 -5.93 39.00 -10.35
CA MSE G 175 -6.19 38.11 -9.23
C MSE G 175 -5.68 36.70 -9.55
O MSE G 175 -5.13 36.02 -8.67
CB MSE G 175 -7.69 38.06 -8.93
CG MSE G 175 -8.02 37.30 -7.65
SE MSE G 175 -9.83 37.53 -6.97
CE MSE G 175 -10.21 35.73 -6.41
N THR G 176 -5.86 36.27 -10.79
CA THR G 176 -5.43 34.96 -11.22
C THR G 176 -3.91 34.86 -11.31
N SER G 177 -3.21 35.94 -10.96
CA SER G 177 -1.76 35.93 -11.04
C SER G 177 -1.11 36.05 -9.67
N LEU G 178 -1.92 36.29 -8.66
CA LEU G 178 -1.44 36.42 -7.29
C LEU G 178 -0.63 35.16 -6.91
N PRO G 179 0.24 35.26 -5.90
CA PRO G 179 1.02 34.08 -5.50
C PRO G 179 0.14 33.10 -4.72
N HIS G 180 0.74 32.00 -4.28
CA HIS G 180 0.01 31.00 -3.51
C HIS G 180 0.62 30.89 -2.14
N THR G 181 1.58 31.75 -1.86
CA THR G 181 2.27 31.74 -0.59
C THR G 181 2.37 33.13 -0.01
N GLY G 182 2.50 33.20 1.30
CA GLY G 182 2.61 34.48 1.97
C GLY G 182 2.96 34.23 3.41
N ARG G 183 4.03 34.88 3.88
CA ARG G 183 4.49 34.73 5.24
C ARG G 183 4.64 33.26 5.64
N GLY G 184 5.26 32.49 4.76
CA GLY G 184 5.46 31.06 5.04
C GLY G 184 4.23 30.18 4.95
N ILE G 185 3.08 30.77 4.67
CA ILE G 185 1.86 29.99 4.57
C ILE G 185 1.44 29.78 3.12
N THR G 186 1.18 28.53 2.77
CA THR G 186 0.77 28.18 1.42
C THR G 186 -0.72 27.92 1.44
N VAL G 187 -1.45 28.45 0.45
CA VAL G 187 -2.88 28.23 0.37
C VAL G 187 -3.15 27.33 -0.83
N THR G 188 -3.57 26.10 -0.55
CA THR G 188 -3.89 25.15 -1.61
C THR G 188 -5.39 25.19 -1.83
N ASP G 189 -5.76 25.50 -3.07
CA ASP G 189 -7.15 25.60 -3.49
C ASP G 189 -7.62 24.20 -3.89
N LEU G 190 -8.61 23.67 -3.19
CA LEU G 190 -9.09 22.33 -3.49
C LEU G 190 -9.70 22.19 -4.86
N ALA G 191 -10.36 23.22 -5.35
CA ALA G 191 -10.95 23.15 -6.69
C ALA G 191 -9.83 23.03 -7.73
N GLN G 192 -8.72 23.71 -7.47
CA GLN G 192 -7.57 23.68 -8.36
C GLN G 192 -6.95 22.28 -8.32
N GLU G 193 -6.90 21.70 -7.13
CA GLU G 193 -6.35 20.36 -6.97
C GLU G 193 -7.21 19.42 -7.82
N TRP G 194 -8.51 19.65 -7.81
CA TRP G 194 -9.44 18.84 -8.59
C TRP G 194 -9.11 18.96 -10.06
N PHE G 195 -8.85 20.18 -10.52
CA PHE G 195 -8.53 20.36 -11.91
C PHE G 195 -7.23 19.65 -12.29
N ASP G 196 -6.18 19.83 -11.50
CA ASP G 196 -4.92 19.16 -11.81
C ASP G 196 -5.12 17.65 -11.88
N LEU G 197 -6.00 17.14 -11.03
CA LEU G 197 -6.29 15.71 -10.99
C LEU G 197 -7.17 15.19 -12.13
N THR G 198 -8.23 15.90 -12.44
CA THR G 198 -9.18 15.46 -13.47
C THR G 198 -9.30 16.31 -14.73
N GLY G 199 -8.79 17.54 -14.68
CA GLY G 199 -8.87 18.43 -15.83
C GLY G 199 -10.27 18.95 -16.08
N HIS G 200 -11.18 18.67 -15.15
CA HIS G 200 -12.57 19.09 -15.29
C HIS G 200 -13.02 20.04 -14.19
N PRO G 201 -14.18 20.68 -14.37
CA PRO G 201 -14.65 21.60 -13.32
C PRO G 201 -15.22 20.83 -12.14
N PHE G 202 -15.41 21.52 -11.02
CA PHE G 202 -15.98 20.87 -9.85
C PHE G 202 -17.30 21.57 -9.54
N THR G 203 -18.31 20.79 -9.15
CA THR G 203 -19.61 21.33 -8.80
C THR G 203 -19.76 21.19 -7.30
N PHE G 204 -19.88 22.34 -6.63
CA PHE G 204 -19.99 22.40 -5.19
C PHE G 204 -21.41 22.34 -4.67
N ALA G 205 -22.36 22.81 -5.47
CA ALA G 205 -23.74 22.82 -5.03
C ALA G 205 -24.73 22.92 -6.18
N VAL G 206 -25.95 22.49 -5.91
CA VAL G 206 -27.03 22.49 -6.89
C VAL G 206 -28.34 22.91 -6.20
N TRP G 207 -29.43 22.98 -6.94
CA TRP G 207 -30.73 23.32 -6.38
C TRP G 207 -31.52 22.02 -6.40
N ALA G 208 -31.84 21.52 -5.23
CA ALA G 208 -32.53 20.24 -5.13
C ALA G 208 -33.96 20.32 -4.59
N TYR G 209 -34.78 19.40 -5.08
CA TYR G 209 -36.17 19.29 -4.67
C TYR G 209 -36.52 17.82 -4.58
N ARG G 210 -37.63 17.50 -3.91
CA ARG G 210 -38.04 16.11 -3.80
C ARG G 210 -38.67 15.70 -5.12
N LYS G 211 -38.24 14.55 -5.64
CA LYS G 211 -38.78 14.06 -6.89
C LYS G 211 -40.30 14.03 -6.94
N ASP G 212 -40.94 13.76 -5.81
CA ASP G 212 -42.40 13.69 -5.77
C ASP G 212 -43.07 15.06 -5.73
N ASN G 213 -42.28 16.13 -5.77
CA ASN G 213 -42.87 17.46 -5.69
C ASN G 213 -42.08 18.54 -6.43
N PRO G 214 -42.02 18.43 -7.77
CA PRO G 214 -41.30 19.38 -8.64
C PRO G 214 -41.74 20.83 -8.45
N PRO G 215 -40.80 21.78 -8.65
CA PRO G 215 -41.08 23.21 -8.49
C PRO G 215 -41.99 23.73 -9.59
N PRO G 216 -42.75 24.79 -9.31
CA PRO G 216 -43.64 25.38 -10.30
C PRO G 216 -42.87 26.18 -11.35
N ALA G 217 -43.36 26.11 -12.59
CA ALA G 217 -42.72 26.80 -13.70
C ALA G 217 -42.44 28.28 -13.43
N ALA G 218 -43.33 28.94 -12.69
CA ALA G 218 -43.17 30.36 -12.42
C ALA G 218 -41.93 30.64 -11.58
N LEU G 219 -41.59 29.73 -10.68
CA LEU G 219 -40.41 29.91 -9.84
C LEU G 219 -39.15 29.77 -10.69
N LEU G 220 -39.12 28.80 -11.59
CA LEU G 220 -37.95 28.61 -12.42
C LEU G 220 -37.67 29.85 -13.26
N GLN G 221 -38.72 30.43 -13.82
CA GLN G 221 -38.56 31.62 -14.64
C GLN G 221 -38.10 32.79 -13.77
N ALA G 222 -38.70 32.93 -12.60
CA ALA G 222 -38.32 34.00 -11.70
C ALA G 222 -36.83 33.87 -11.36
N MSE G 223 -36.37 32.63 -11.20
CA MSE G 223 -34.98 32.39 -10.87
C MSE G 223 -34.05 32.71 -12.05
O MSE G 223 -32.97 33.28 -11.85
CB MSE G 223 -34.77 30.93 -10.43
CG MSE G 223 -35.36 30.62 -9.06
SE MSE G 223 -35.16 28.75 -8.54
CE MSE G 223 -33.23 28.61 -8.64
N ARG G 224 -34.46 32.34 -13.26
CA ARG G 224 -33.63 32.61 -14.43
C ARG G 224 -33.54 34.11 -14.70
N GLU G 225 -34.59 34.83 -14.37
CA GLU G 225 -34.62 36.27 -14.57
C GLU G 225 -33.75 36.93 -13.52
N ALA G 226 -33.67 36.30 -12.34
CA ALA G 226 -32.85 36.83 -11.26
C ALA G 226 -31.39 36.66 -11.64
N ARG G 227 -31.02 35.46 -12.07
CA ARG G 227 -29.65 35.17 -12.48
C ARG G 227 -29.23 36.09 -13.63
N ARG G 228 -30.14 36.28 -14.57
CA ARG G 228 -29.89 37.15 -15.72
C ARG G 228 -29.48 38.54 -15.23
N ARG G 229 -30.15 39.04 -14.20
CA ARG G 229 -29.86 40.36 -13.64
C ARG G 229 -28.53 40.39 -12.91
N GLY G 230 -28.31 39.42 -12.02
CA GLY G 230 -27.07 39.38 -11.28
C GLY G 230 -25.86 39.31 -12.21
N ILE G 231 -25.91 38.40 -13.18
CA ILE G 231 -24.82 38.26 -14.14
C ILE G 231 -24.65 39.54 -14.94
N GLY G 232 -25.76 40.23 -15.21
CA GLY G 232 -25.67 41.46 -15.99
C GLY G 232 -25.15 42.66 -15.23
N HIS G 233 -25.06 42.54 -13.91
CA HIS G 233 -24.58 43.63 -13.07
C HIS G 233 -23.69 43.13 -11.93
N LEU G 234 -22.61 42.44 -12.29
CA LEU G 234 -21.67 41.91 -11.30
C LEU G 234 -21.14 42.99 -10.37
N ALA G 235 -20.81 44.15 -10.93
CA ALA G 235 -20.27 45.22 -10.11
C ALA G 235 -21.23 45.55 -8.97
N GLU G 236 -22.50 45.74 -9.29
CA GLU G 236 -23.50 46.05 -8.25
C GLU G 236 -23.59 44.93 -7.21
N VAL G 237 -23.74 43.70 -7.69
CA VAL G 237 -23.82 42.57 -6.79
C VAL G 237 -22.57 42.53 -5.92
N SER G 238 -21.44 42.89 -6.52
CA SER G 238 -20.15 42.88 -5.81
C SER G 238 -19.98 43.97 -4.77
N GLN G 239 -20.24 45.22 -5.15
CA GLN G 239 -20.12 46.34 -4.24
C GLN G 239 -20.94 46.03 -2.99
N ARG G 240 -22.22 45.76 -3.21
CA ARG G 240 -23.16 45.44 -2.15
C ARG G 240 -22.67 44.43 -1.12
N HIS G 241 -21.78 43.51 -1.54
CA HIS G 241 -21.25 42.48 -0.64
C HIS G 241 -19.81 42.70 -0.18
N ALA G 242 -19.09 43.53 -0.93
CA ALA G 242 -17.68 43.83 -0.64
C ALA G 242 -17.47 44.42 0.74
N GLU G 243 -18.14 45.52 1.03
CA GLU G 243 -18.04 46.19 2.32
C GLU G 243 -18.29 45.24 3.49
N LYS G 244 -19.32 44.41 3.38
CA LYS G 244 -19.64 43.47 4.45
C LYS G 244 -18.55 42.41 4.65
N LEU G 245 -17.79 42.12 3.60
CA LEU G 245 -16.74 41.12 3.70
C LEU G 245 -15.38 41.69 4.05
N GLY G 246 -15.22 43.00 3.86
CA GLY G 246 -13.95 43.64 4.12
C GLY G 246 -12.97 43.25 3.02
N LEU G 247 -13.40 43.37 1.76
CA LEU G 247 -12.55 43.03 0.64
C LEU G 247 -12.77 44.00 -0.50
N PRO G 248 -11.77 44.15 -1.39
CA PRO G 248 -11.92 45.07 -2.52
C PRO G 248 -13.03 44.59 -3.45
N GLU G 249 -13.76 45.53 -4.07
CA GLU G 249 -14.82 45.16 -5.00
C GLU G 249 -14.28 44.22 -6.07
N ARG G 250 -13.06 44.49 -6.54
CA ARG G 250 -12.49 43.66 -7.58
C ARG G 250 -12.22 42.21 -7.14
N VAL G 251 -11.95 41.98 -5.87
CA VAL G 251 -11.71 40.61 -5.44
C VAL G 251 -13.03 39.84 -5.48
N VAL G 252 -14.11 40.48 -5.07
CA VAL G 252 -15.42 39.85 -5.08
C VAL G 252 -15.95 39.72 -6.50
N GLN G 253 -15.67 40.72 -7.33
CA GLN G 253 -16.17 40.67 -8.69
C GLN G 253 -15.60 39.48 -9.44
N HIS G 254 -14.28 39.29 -9.39
CA HIS G 254 -13.68 38.17 -10.09
C HIS G 254 -14.15 36.85 -9.47
N TYR G 255 -14.30 36.85 -8.15
CA TYR G 255 -14.74 35.67 -7.43
C TYR G 255 -16.07 35.19 -8.01
N LEU G 256 -16.99 36.12 -8.24
CA LEU G 256 -18.29 35.76 -8.78
C LEU G 256 -18.24 35.47 -10.28
N TRP G 257 -17.35 36.17 -10.98
CA TRP G 257 -17.21 35.96 -12.42
C TRP G 257 -16.67 34.57 -12.70
N ASN G 258 -15.88 34.09 -11.74
CA ASN G 258 -15.26 32.79 -11.86
C ASN G 258 -16.21 31.60 -11.65
N PHE G 259 -17.42 31.84 -11.18
CA PHE G 259 -18.36 30.74 -10.96
C PHE G 259 -19.13 30.32 -12.22
N ARG G 260 -19.51 29.05 -12.26
CA ARG G 260 -20.28 28.49 -13.38
C ARG G 260 -21.66 28.15 -12.79
N TYR G 261 -22.69 28.81 -13.30
CA TYR G 261 -24.04 28.67 -12.76
C TYR G 261 -25.10 27.88 -13.54
N HIS G 262 -24.74 27.34 -14.69
CA HIS G 262 -25.74 26.65 -15.49
C HIS G 262 -25.75 25.13 -15.49
N LEU G 263 -24.91 24.53 -14.65
CA LEU G 263 -24.82 23.08 -14.55
C LEU G 263 -24.82 22.46 -15.96
N GLU G 264 -23.83 22.85 -16.76
CA GLU G 264 -23.72 22.36 -18.12
C GLU G 264 -23.03 20.98 -18.14
N ALA G 265 -22.94 20.39 -19.32
CA ALA G 265 -22.32 19.08 -19.45
C ALA G 265 -20.99 18.95 -18.71
N PRO G 266 -20.05 19.90 -18.90
CA PRO G 266 -18.77 19.78 -18.19
C PRO G 266 -18.95 19.73 -16.67
N ASP G 267 -19.88 20.53 -16.15
CA ASP G 267 -20.12 20.56 -14.71
C ASP G 267 -20.73 19.26 -14.21
N ARG G 268 -21.63 18.67 -14.99
CA ARG G 268 -22.27 17.43 -14.59
C ARG G 268 -21.24 16.30 -14.67
N LEU G 269 -20.23 16.48 -15.54
CA LEU G 269 -19.18 15.50 -15.69
C LEU G 269 -18.36 15.47 -14.40
N GLY G 270 -18.05 16.65 -13.87
CA GLY G 270 -17.30 16.74 -12.64
C GLY G 270 -18.13 16.20 -11.50
N LEU G 271 -19.41 16.53 -11.51
CA LEU G 271 -20.32 16.08 -10.45
C LEU G 271 -20.32 14.57 -10.35
N ARG G 272 -20.39 13.90 -11.50
CA ARG G 272 -20.42 12.45 -11.51
C ARG G 272 -19.11 11.82 -11.09
N GLU G 273 -17.99 12.37 -11.55
CA GLU G 273 -16.69 11.83 -11.19
C GLU G 273 -16.50 11.92 -9.69
N PHE G 274 -16.91 13.05 -9.12
CA PHE G 274 -16.76 13.26 -7.69
C PHE G 274 -17.64 12.27 -6.95
N ALA G 275 -18.90 12.17 -7.37
CA ALA G 275 -19.85 11.27 -6.76
C ALA G 275 -19.30 9.84 -6.71
N ASP G 276 -18.78 9.37 -7.83
CA ASP G 276 -18.23 8.03 -7.91
C ASP G 276 -17.07 7.77 -6.93
N LEU G 277 -16.24 8.79 -6.69
CA LEU G 277 -15.12 8.61 -5.79
C LEU G 277 -15.52 8.80 -4.33
N ALA G 278 -16.35 9.79 -4.07
CA ALA G 278 -16.75 10.12 -2.71
C ALA G 278 -17.90 9.30 -2.14
N VAL G 279 -18.86 8.92 -2.97
CA VAL G 279 -20.00 8.14 -2.51
C VAL G 279 -20.24 6.96 -3.42
N PRO G 280 -19.34 5.97 -3.37
CA PRO G 280 -19.45 4.76 -4.20
C PRO G 280 -20.82 4.12 -4.01
N GLY G 281 -21.46 3.75 -5.11
CA GLY G 281 -22.76 3.13 -5.03
C GLY G 281 -23.96 4.06 -4.87
N HIS G 282 -23.72 5.37 -4.97
CA HIS G 282 -24.79 6.34 -4.86
C HIS G 282 -25.85 6.07 -5.91
N ALA G 283 -27.07 6.53 -5.63
CA ALA G 283 -28.17 6.37 -6.57
C ALA G 283 -27.83 7.20 -7.81
N GLU G 284 -28.53 6.96 -8.91
CA GLU G 284 -28.26 7.73 -10.12
C GLU G 284 -28.67 9.19 -9.91
N LEU G 285 -27.82 10.10 -10.37
CA LEU G 285 -28.13 11.52 -10.23
C LEU G 285 -29.16 11.90 -11.30
N THR G 286 -30.30 12.46 -10.90
CA THR G 286 -31.31 12.86 -11.88
C THR G 286 -31.62 14.35 -11.82
N PHE G 287 -32.05 14.89 -12.96
CA PHE G 287 -32.35 16.31 -13.09
C PHE G 287 -33.74 16.61 -13.65
N PRO H 16 5.73 55.45 -30.65
CA PRO H 16 4.31 55.32 -31.04
C PRO H 16 3.92 53.85 -31.17
N TYR H 17 3.53 53.22 -30.06
CA TYR H 17 3.14 51.82 -30.07
C TYR H 17 1.77 51.68 -30.74
N ARG H 18 1.70 50.83 -31.76
CA ARG H 18 0.46 50.64 -32.51
C ARG H 18 -0.22 49.31 -32.19
N ALA H 19 -1.54 49.34 -32.05
CA ALA H 19 -2.30 48.13 -31.77
C ALA H 19 -3.37 47.97 -32.83
N GLY H 20 -3.50 46.76 -33.36
CA GLY H 20 -4.51 46.48 -34.36
C GLY H 20 -5.55 45.56 -33.75
N TRP H 21 -6.73 46.09 -33.49
CA TRP H 21 -7.81 45.30 -32.91
C TRP H 21 -8.77 44.77 -33.95
N ILE H 22 -9.34 43.59 -33.69
CA ILE H 22 -10.36 43.04 -34.55
C ILE H 22 -11.56 42.97 -33.62
N HIS H 23 -12.41 44.00 -33.71
CA HIS H 23 -13.58 44.16 -32.87
C HIS H 23 -14.75 43.21 -33.06
N PHE H 24 -14.59 41.96 -32.63
CA PHE H 24 -15.71 41.03 -32.73
C PHE H 24 -16.48 41.28 -31.45
N THR H 25 -17.74 40.87 -31.43
CA THR H 25 -18.54 41.06 -30.23
C THR H 25 -17.97 40.30 -29.04
N ASN H 26 -17.37 39.13 -29.28
CA ASN H 26 -16.84 38.33 -28.16
C ASN H 26 -15.73 39.00 -27.36
N VAL H 27 -15.15 40.07 -27.91
CA VAL H 27 -14.07 40.75 -27.24
C VAL H 27 -14.48 42.12 -26.69
N ALA H 28 -15.77 42.45 -26.80
CA ALA H 28 -16.30 43.73 -26.33
C ALA H 28 -16.05 44.03 -24.86
N PRO H 29 -16.19 43.04 -23.96
CA PRO H 29 -15.95 43.35 -22.55
C PRO H 29 -14.57 43.92 -22.30
N ILE H 30 -13.63 43.65 -23.20
CA ILE H 30 -12.28 44.15 -22.99
C ILE H 30 -11.96 45.44 -23.71
N LEU H 31 -12.46 45.59 -24.94
CA LEU H 31 -12.17 46.78 -25.73
C LEU H 31 -13.17 47.93 -25.69
N ASP H 32 -14.43 47.66 -25.38
CA ASP H 32 -15.44 48.72 -25.35
C ASP H 32 -15.08 49.97 -24.53
N SER H 33 -14.49 49.79 -23.34
CA SER H 33 -14.17 50.94 -22.50
C SER H 33 -12.67 51.16 -22.38
N LEU H 34 -11.91 50.51 -23.25
CA LEU H 34 -10.47 50.67 -23.22
C LEU H 34 -10.06 52.09 -23.60
N GLU H 35 -9.34 52.76 -22.71
CA GLU H 35 -8.85 54.09 -23.03
C GLU H 35 -7.34 53.97 -23.08
N LEU H 36 -6.83 54.10 -24.29
CA LEU H 36 -5.40 54.00 -24.55
C LEU H 36 -4.60 55.09 -23.84
N PRO H 37 -3.43 54.73 -23.31
CA PRO H 37 -2.61 55.75 -22.64
C PRO H 37 -1.91 56.57 -23.72
N PRO H 38 -1.28 57.69 -23.34
CA PRO H 38 -0.61 58.45 -24.39
C PRO H 38 0.48 57.55 -24.99
N GLY H 39 0.85 57.81 -26.24
CA GLY H 39 1.89 57.01 -26.87
C GLY H 39 1.44 55.79 -27.66
N VAL H 40 0.21 55.34 -27.47
CA VAL H 40 -0.26 54.19 -28.21
C VAL H 40 -1.52 54.58 -28.96
N THR H 41 -1.64 54.07 -30.18
CA THR H 41 -2.78 54.34 -31.01
C THR H 41 -3.38 53.00 -31.44
N ALA H 42 -4.57 53.03 -32.01
CA ALA H 42 -5.19 51.79 -32.43
C ALA H 42 -5.96 51.94 -33.73
N ILE H 43 -6.02 50.84 -34.47
CA ILE H 43 -6.74 50.81 -35.74
C ILE H 43 -7.47 49.47 -35.75
N THR H 44 -8.38 49.28 -36.71
CA THR H 44 -9.11 48.03 -36.76
C THR H 44 -9.15 47.46 -38.18
N GLY H 45 -9.83 46.34 -38.34
CA GLY H 45 -9.92 45.72 -39.65
C GLY H 45 -10.26 44.23 -39.55
N VAL H 46 -10.13 43.53 -40.67
CA VAL H 46 -10.43 42.10 -40.71
C VAL H 46 -9.17 41.30 -40.37
N PRO H 47 -9.34 40.08 -39.84
CA PRO H 47 -8.23 39.19 -39.47
C PRO H 47 -7.06 39.17 -40.45
N THR H 48 -7.36 38.93 -41.73
CA THR H 48 -6.33 38.89 -42.76
C THR H 48 -5.44 40.12 -42.68
N GLN H 49 -6.07 41.29 -42.71
CA GLN H 49 -5.36 42.55 -42.66
C GLN H 49 -4.61 42.77 -41.35
N MSE H 50 -5.24 42.36 -40.25
CA MSE H 50 -4.60 42.55 -38.95
C MSE H 50 -3.44 41.58 -38.70
O MSE H 50 -2.37 42.00 -38.24
CB MSE H 50 -5.64 42.47 -37.83
CG MSE H 50 -6.64 43.65 -37.84
SE MSE H 50 -5.84 45.43 -37.55
CE MSE H 50 -5.36 45.90 -39.36
N ASN H 51 -3.61 40.30 -39.02
CA ASN H 51 -2.51 39.36 -38.83
C ASN H 51 -1.36 39.82 -39.70
N ALA H 52 -1.69 40.19 -40.94
CA ALA H 52 -0.69 40.68 -41.87
C ALA H 52 0.02 41.88 -41.26
N ALA H 53 -0.78 42.76 -40.65
CA ALA H 53 -0.27 43.96 -40.02
C ALA H 53 0.69 43.68 -38.87
N LEU H 54 0.31 42.74 -38.01
CA LEU H 54 1.15 42.37 -36.88
C LEU H 54 2.47 41.81 -37.41
N LEU H 55 2.37 40.86 -38.33
CA LEU H 55 3.53 40.22 -38.93
C LEU H 55 4.40 41.19 -39.72
N SER H 56 3.77 42.09 -40.47
CA SER H 56 4.53 43.04 -41.28
C SER H 56 5.22 44.10 -40.44
N GLY H 57 4.66 44.41 -39.28
CA GLY H 57 5.27 45.42 -38.44
C GLY H 57 4.48 46.71 -38.41
N GLU H 58 3.39 46.77 -39.17
CA GLU H 58 2.54 47.95 -39.21
C GLU H 58 1.80 48.13 -37.88
N VAL H 59 1.66 47.03 -37.16
CA VAL H 59 1.01 47.02 -35.85
C VAL H 59 1.92 46.25 -34.91
N ASP H 60 2.00 46.70 -33.67
CA ASP H 60 2.87 46.04 -32.70
C ASP H 60 2.19 44.96 -31.86
N ILE H 61 0.86 45.02 -31.78
CA ILE H 61 0.13 44.05 -30.98
C ILE H 61 -1.26 43.90 -31.54
N ALA H 62 -1.81 42.68 -31.43
CA ALA H 62 -3.15 42.41 -31.94
C ALA H 62 -3.75 41.14 -31.35
N ASN H 63 -5.07 41.07 -31.28
CA ASN H 63 -5.72 39.87 -30.78
C ASN H 63 -5.92 38.95 -31.97
N VAL H 64 -5.04 37.96 -32.09
CA VAL H 64 -5.10 37.02 -33.20
C VAL H 64 -5.55 35.64 -32.77
N SER H 65 -6.00 34.86 -33.75
CA SER H 65 -6.46 33.50 -33.52
C SER H 65 -5.34 32.65 -32.94
N ALA H 66 -5.72 31.60 -32.22
CA ALA H 66 -4.76 30.67 -31.62
C ALA H 66 -3.85 30.03 -32.66
N VAL H 67 -4.42 29.61 -33.79
CA VAL H 67 -3.64 28.97 -34.83
C VAL H 67 -2.60 29.90 -35.39
N GLU H 68 -2.98 31.17 -35.59
CA GLU H 68 -2.08 32.19 -36.11
C GLU H 68 -0.89 32.36 -35.15
N PHE H 69 -1.20 32.42 -33.86
CA PHE H 69 -0.17 32.55 -32.84
C PHE H 69 0.72 31.31 -32.80
N ILE H 70 0.10 30.13 -32.80
CA ILE H 70 0.86 28.90 -32.74
C ILE H 70 1.79 28.74 -33.94
N ARG H 71 1.31 29.01 -35.14
CA ARG H 71 2.17 28.86 -36.32
C ARG H 71 3.29 29.89 -36.34
N HIS H 72 3.13 30.98 -35.59
CA HIS H 72 4.18 32.00 -35.54
C HIS H 72 4.78 32.15 -34.15
N ALA H 73 4.68 31.08 -33.38
CA ALA H 73 5.21 31.06 -32.01
C ALA H 73 6.72 31.25 -31.93
N ASP H 74 7.39 31.17 -33.08
CA ASP H 74 8.83 31.35 -33.12
C ASP H 74 9.20 32.83 -32.99
N THR H 75 8.41 33.70 -33.63
CA THR H 75 8.66 35.13 -33.57
C THR H 75 7.68 35.87 -32.67
N LEU H 76 6.51 35.27 -32.41
CA LEU H 76 5.52 35.92 -31.56
C LEU H 76 5.39 35.34 -30.16
N ALA H 77 4.93 36.19 -29.25
CA ALA H 77 4.68 35.84 -27.85
C ALA H 77 3.30 36.39 -27.58
N ALA H 78 2.67 35.94 -26.49
CA ALA H 78 1.33 36.42 -26.16
C ALA H 78 1.25 36.87 -24.72
N LEU H 79 0.27 37.73 -24.42
CA LEU H 79 0.10 38.18 -23.05
C LEU H 79 -0.31 36.96 -22.24
N PRO H 80 0.13 36.87 -20.99
CA PRO H 80 -0.18 35.73 -20.11
C PRO H 80 -1.56 35.68 -19.45
N ASP H 81 -2.29 36.78 -19.43
CA ASP H 81 -3.58 36.76 -18.75
C ASP H 81 -4.76 37.20 -19.60
N PHE H 82 -4.57 37.21 -20.92
CA PHE H 82 -5.65 37.57 -21.82
C PHE H 82 -5.94 36.46 -22.82
N SER H 83 -7.22 36.22 -23.07
CA SER H 83 -7.62 35.17 -23.99
C SER H 83 -9.09 35.27 -24.33
N VAL H 84 -9.47 34.56 -25.38
CA VAL H 84 -10.84 34.44 -25.81
C VAL H 84 -10.97 32.92 -25.87
N ALA H 85 -11.47 32.34 -24.79
CA ALA H 85 -11.60 30.90 -24.69
C ALA H 85 -12.96 30.52 -24.11
N VAL H 86 -13.29 29.24 -24.20
CA VAL H 86 -14.54 28.72 -23.67
C VAL H 86 -14.41 27.26 -23.28
N LEU H 87 -15.37 26.80 -22.46
CA LEU H 87 -15.45 25.41 -22.05
C LEU H 87 -16.84 25.03 -22.48
N GLY H 88 -16.95 24.13 -23.45
CA GLY H 88 -18.26 23.76 -23.93
C GLY H 88 -18.56 24.52 -25.22
N PRO H 89 -19.81 24.92 -25.46
CA PRO H 89 -20.10 25.64 -26.71
C PRO H 89 -19.58 27.08 -26.75
N VAL H 90 -19.34 27.58 -27.96
CA VAL H 90 -18.86 28.94 -28.13
C VAL H 90 -19.91 29.76 -28.90
N TYR H 91 -20.84 29.05 -29.54
CA TYR H 91 -21.93 29.65 -30.31
C TYR H 91 -21.59 30.46 -31.56
N SER H 92 -20.32 30.82 -31.74
CA SER H 92 -19.94 31.62 -32.91
C SER H 92 -18.91 30.95 -33.84
N VAL H 93 -18.77 29.63 -33.72
CA VAL H 93 -17.86 28.86 -34.57
C VAL H 93 -18.68 27.61 -34.87
N ASN H 94 -19.50 27.71 -35.92
CA ASN H 94 -20.41 26.64 -36.27
C ASN H 94 -20.33 25.98 -37.63
N LEU H 95 -20.78 24.72 -37.67
CA LEU H 95 -20.83 23.94 -38.89
C LEU H 95 -22.31 23.65 -39.08
N PHE H 96 -22.90 24.27 -40.09
CA PHE H 96 -24.31 24.09 -40.41
C PHE H 96 -24.39 22.98 -41.44
N HIS H 97 -25.27 22.00 -41.22
CA HIS H 97 -25.38 20.89 -42.16
C HIS H 97 -26.78 20.27 -42.24
N THR H 98 -27.18 19.90 -43.45
CA THR H 98 -28.50 19.30 -43.67
C THR H 98 -28.53 17.78 -43.58
N CYS H 99 -27.39 17.15 -43.34
CA CYS H 99 -27.29 15.70 -43.22
C CYS H 99 -26.32 15.35 -42.10
N PRO H 100 -26.40 14.12 -41.56
CA PRO H 100 -25.49 13.77 -40.48
C PRO H 100 -24.03 13.91 -40.90
N LEU H 101 -23.16 14.22 -39.93
CA LEU H 101 -21.74 14.39 -40.21
C LEU H 101 -21.07 13.30 -41.04
N PRO H 102 -21.31 12.02 -40.68
CA PRO H 102 -20.67 10.94 -41.45
C PRO H 102 -21.01 10.99 -42.96
N GLU H 103 -22.20 11.50 -43.28
CA GLU H 103 -22.64 11.57 -44.66
C GLU H 103 -22.28 12.89 -45.34
N LEU H 104 -21.62 13.78 -44.60
CA LEU H 104 -21.23 15.08 -45.14
C LEU H 104 -20.29 14.89 -46.32
N ARG H 105 -20.65 15.42 -47.49
CA ARG H 105 -19.83 15.26 -48.69
C ARG H 105 -19.21 16.56 -49.24
N ARG H 106 -19.83 17.70 -48.98
CA ARG H 106 -19.29 18.98 -49.47
C ARG H 106 -19.52 20.08 -48.42
N VAL H 107 -18.43 20.69 -47.96
CA VAL H 107 -18.48 21.76 -46.96
C VAL H 107 -17.91 23.08 -47.47
N ALA H 108 -18.71 24.14 -47.36
CA ALA H 108 -18.28 25.47 -47.79
C ALA H 108 -17.59 26.19 -46.64
N LEU H 109 -16.47 26.84 -46.96
CA LEU H 109 -15.70 27.60 -45.98
C LEU H 109 -15.97 29.07 -46.24
N THR H 110 -16.79 29.66 -45.38
CA THR H 110 -17.23 31.04 -45.49
C THR H 110 -16.18 32.16 -45.48
N SER H 111 -15.15 32.07 -44.64
CA SER H 111 -14.17 33.15 -44.61
C SER H 111 -12.73 32.65 -44.63
N GLN H 112 -11.78 33.59 -44.80
CA GLN H 112 -10.37 33.23 -44.81
C GLN H 112 -9.89 33.08 -43.37
N SER H 113 -10.53 32.15 -42.65
CA SER H 113 -10.17 31.91 -41.26
C SER H 113 -9.46 30.58 -41.18
N ALA H 114 -8.19 30.62 -40.80
CA ALA H 114 -7.42 29.41 -40.66
C ALA H 114 -7.84 28.78 -39.35
N MSE H 115 -8.32 29.62 -38.43
CA MSE H 115 -8.76 29.15 -37.12
C MSE H 115 -9.91 28.19 -37.30
O MSE H 115 -9.86 27.05 -36.81
CB MSE H 115 -9.20 30.33 -36.25
CG MSE H 115 -9.70 29.92 -34.86
SE MSE H 115 -8.33 29.17 -33.69
CE MSE H 115 -8.53 27.29 -34.11
N SER H 116 -10.94 28.61 -38.01
CA SER H 116 -12.09 27.76 -38.20
C SER H 116 -11.68 26.50 -38.94
N VAL H 117 -11.01 26.67 -40.08
CA VAL H 117 -10.57 25.54 -40.91
C VAL H 117 -9.72 24.52 -40.15
N ALA H 118 -8.68 25.01 -39.47
CA ALA H 118 -7.79 24.13 -38.73
C ALA H 118 -8.56 23.31 -37.71
N LEU H 119 -9.38 23.97 -36.90
CA LEU H 119 -10.16 23.26 -35.88
C LEU H 119 -11.09 22.25 -36.56
N LEU H 120 -11.79 22.69 -37.60
CA LEU H 120 -12.69 21.81 -38.33
C LEU H 120 -11.96 20.59 -38.87
N GLU H 121 -10.80 20.78 -39.50
CA GLU H 121 -10.08 19.66 -40.05
C GLU H 121 -9.59 18.73 -38.95
N VAL H 122 -9.12 19.30 -37.84
CA VAL H 122 -8.65 18.49 -36.74
C VAL H 122 -9.78 17.59 -36.25
N LEU H 123 -10.98 18.16 -36.11
CA LEU H 123 -12.13 17.40 -35.63
C LEU H 123 -12.58 16.33 -36.62
N LEU H 124 -12.60 16.69 -37.90
CA LEU H 124 -13.02 15.75 -38.94
C LEU H 124 -12.08 14.55 -39.03
N ARG H 125 -10.79 14.79 -38.87
CA ARG H 125 -9.83 13.70 -38.95
C ARG H 125 -9.96 12.72 -37.79
N GLN H 126 -10.20 13.22 -36.58
CA GLN H 126 -10.36 12.34 -35.45
C GLN H 126 -11.51 11.39 -35.73
N LYS H 127 -12.49 11.87 -36.49
CA LYS H 127 -13.66 11.07 -36.83
C LYS H 127 -13.47 10.24 -38.10
N GLY H 128 -12.36 10.46 -38.79
CA GLY H 128 -12.07 9.72 -40.00
C GLY H 128 -12.89 10.15 -41.21
N LEU H 129 -13.45 11.35 -41.16
CA LEU H 129 -14.26 11.87 -42.25
C LEU H 129 -13.39 12.71 -43.16
N SER H 130 -13.75 12.81 -44.43
CA SER H 130 -12.97 13.59 -45.38
C SER H 130 -13.82 14.18 -46.50
N PRO H 131 -14.81 15.01 -46.14
CA PRO H 131 -15.67 15.62 -47.16
C PRO H 131 -14.89 16.69 -47.92
N VAL H 132 -15.45 17.17 -49.01
CA VAL H 132 -14.81 18.19 -49.83
C VAL H 132 -14.95 19.58 -49.19
N LEU H 133 -13.83 20.28 -49.05
CA LEU H 133 -13.84 21.62 -48.48
C LEU H 133 -13.61 22.63 -49.60
N GLU H 134 -14.55 23.55 -49.79
CA GLU H 134 -14.42 24.57 -50.82
C GLU H 134 -14.66 25.96 -50.27
N ARG H 135 -13.86 26.90 -50.72
CA ARG H 135 -14.02 28.27 -50.29
C ARG H 135 -15.17 28.87 -51.10
N ALA H 136 -16.07 29.57 -50.42
CA ALA H 136 -17.21 30.19 -51.07
C ALA H 136 -17.83 31.17 -50.07
N GLU H 137 -18.68 32.06 -50.56
CA GLU H 137 -19.30 33.00 -49.65
C GLU H 137 -20.83 32.91 -49.68
N GLY H 138 -21.43 33.34 -48.58
CA GLY H 138 -22.87 33.33 -48.45
C GLY H 138 -23.21 33.05 -47.00
N THR H 139 -24.49 32.99 -46.70
CA THR H 139 -24.93 32.70 -45.35
C THR H 139 -25.04 31.20 -45.22
N ALA H 140 -25.25 30.70 -44.01
CA ALA H 140 -25.37 29.27 -43.82
C ALA H 140 -26.52 28.75 -44.69
N GLU H 141 -27.64 29.46 -44.67
CA GLU H 141 -28.78 29.01 -45.45
C GLU H 141 -28.64 29.22 -46.97
N SER H 142 -27.97 30.29 -47.39
CA SER H 142 -27.77 30.50 -48.83
C SER H 142 -27.05 29.28 -49.40
N LEU H 143 -25.80 29.13 -48.97
CA LEU H 143 -24.93 28.05 -49.41
C LEU H 143 -25.52 26.67 -49.26
N LEU H 144 -26.29 26.46 -48.19
CA LEU H 144 -26.89 25.15 -47.93
C LEU H 144 -27.96 24.80 -48.97
N ALA H 145 -28.60 25.81 -49.54
CA ALA H 145 -29.61 25.59 -50.57
C ALA H 145 -28.97 25.88 -51.92
N ALA H 146 -27.64 25.79 -51.96
CA ALA H 146 -26.89 26.04 -53.18
C ALA H 146 -25.91 24.90 -53.45
N GLY H 147 -26.24 23.70 -52.99
CA GLY H 147 -25.39 22.56 -53.25
C GLY H 147 -24.41 22.03 -52.22
N TYR H 148 -24.42 22.56 -50.99
CA TYR H 148 -23.49 22.06 -49.98
C TYR H 148 -24.21 21.31 -48.86
N ASP H 149 -23.51 20.35 -48.26
CA ASP H 149 -24.06 19.57 -47.15
C ASP H 149 -23.84 20.36 -45.86
N GLY H 150 -22.74 21.08 -45.82
CA GLY H 150 -22.43 21.86 -44.65
C GLY H 150 -21.73 23.16 -44.98
N VAL H 151 -21.80 24.12 -44.06
CA VAL H 151 -21.18 25.42 -44.21
C VAL H 151 -20.53 25.80 -42.89
N LEU H 152 -19.26 26.20 -42.94
CA LEU H 152 -18.54 26.60 -41.74
C LEU H 152 -18.65 28.14 -41.59
N ARG H 153 -19.09 28.60 -40.42
CA ARG H 153 -19.22 30.03 -40.20
C ARG H 153 -18.66 30.46 -38.86
N ILE H 154 -18.03 31.63 -38.82
CA ILE H 154 -17.47 32.14 -37.59
C ILE H 154 -17.75 33.62 -37.42
N GLY H 155 -17.60 34.10 -36.19
CA GLY H 155 -17.83 35.50 -35.92
C GLY H 155 -19.28 35.83 -35.66
N ASP H 156 -19.58 37.12 -35.62
CA ASP H 156 -20.92 37.60 -35.36
C ASP H 156 -21.97 37.00 -36.29
N ASP H 157 -21.69 36.91 -37.58
CA ASP H 157 -22.70 36.35 -38.49
C ASP H 157 -23.02 34.90 -38.15
N ALA H 158 -22.07 34.21 -37.52
CA ALA H 158 -22.25 32.82 -37.12
C ALA H 158 -23.18 32.75 -35.93
N LEU H 159 -23.03 33.70 -35.01
CA LEU H 159 -23.89 33.73 -33.83
C LEU H 159 -25.34 33.99 -34.27
N ARG H 160 -25.52 34.97 -35.16
CA ARG H 160 -26.85 35.32 -35.63
C ARG H 160 -27.54 34.21 -36.42
N GLU H 161 -26.82 33.59 -37.34
CA GLU H 161 -27.40 32.53 -38.15
C GLU H 161 -27.72 31.32 -37.29
N TRP H 162 -26.96 31.13 -36.23
CA TRP H 162 -27.21 30.02 -35.33
C TRP H 162 -28.58 30.26 -34.69
N TYR H 163 -28.80 31.50 -34.25
CA TYR H 163 -30.04 31.87 -33.60
C TYR H 163 -31.17 31.87 -34.63
N GLY H 164 -30.85 32.17 -35.88
CA GLY H 164 -31.85 32.16 -36.92
C GLY H 164 -32.39 30.75 -37.11
N VAL H 165 -31.51 29.75 -37.01
CA VAL H 165 -31.93 28.37 -37.16
C VAL H 165 -32.64 27.89 -35.91
N VAL H 166 -31.89 27.80 -34.82
CA VAL H 166 -32.45 27.38 -33.55
C VAL H 166 -33.11 28.59 -32.91
N GLY H 167 -34.25 28.42 -32.28
CA GLY H 167 -34.88 29.58 -31.67
C GLY H 167 -36.15 30.01 -32.36
N PRO H 168 -36.74 31.15 -31.95
CA PRO H 168 -36.30 32.07 -30.90
C PRO H 168 -36.28 31.52 -29.49
N LEU H 169 -35.73 32.31 -28.58
CA LEU H 169 -35.63 31.96 -27.18
C LEU H 169 -36.86 32.53 -26.45
N THR H 170 -37.60 31.66 -25.78
CA THR H 170 -38.81 32.08 -25.05
C THR H 170 -38.49 32.45 -23.60
N PRO H 171 -39.18 33.47 -23.07
CA PRO H 171 -38.97 33.92 -21.70
C PRO H 171 -39.01 32.83 -20.64
N GLU H 172 -39.46 31.63 -21.01
CA GLU H 172 -39.51 30.52 -20.06
C GLU H 172 -38.25 29.65 -20.09
N ARG H 173 -37.83 29.25 -21.28
CA ARG H 173 -36.66 28.40 -21.44
C ARG H 173 -35.36 29.18 -21.61
N THR H 174 -34.26 28.60 -21.14
CA THR H 174 -32.94 29.22 -21.20
C THR H 174 -32.15 28.93 -22.48
N MSE H 175 -31.14 29.75 -22.75
CA MSE H 175 -30.31 29.60 -23.94
C MSE H 175 -29.69 28.21 -24.08
O MSE H 175 -29.63 27.66 -25.17
CB MSE H 175 -29.20 30.65 -23.97
CG MSE H 175 -28.31 30.56 -25.20
SE MSE H 175 -27.63 32.27 -25.80
CE MSE H 175 -25.83 31.81 -26.34
N THR H 176 -29.24 27.65 -22.97
CA THR H 176 -28.63 26.32 -22.97
C THR H 176 -29.69 25.25 -23.11
N SER H 177 -30.91 25.65 -23.44
CA SER H 177 -32.03 24.73 -23.60
C SER H 177 -32.53 24.73 -25.03
N LEU H 178 -31.87 25.50 -25.88
CA LEU H 178 -32.27 25.59 -27.27
C LEU H 178 -31.87 24.32 -28.02
N PRO H 179 -32.71 23.88 -28.97
CA PRO H 179 -32.40 22.67 -29.73
C PRO H 179 -31.18 22.92 -30.61
N HIS H 180 -30.68 21.85 -31.23
CA HIS H 180 -29.52 22.00 -32.09
C HIS H 180 -29.90 21.91 -33.56
N THR H 181 -31.17 21.67 -33.83
CA THR H 181 -31.65 21.55 -35.20
C THR H 181 -32.88 22.40 -35.44
N GLY H 182 -32.93 23.02 -36.61
CA GLY H 182 -34.07 23.86 -36.96
C GLY H 182 -34.30 23.84 -38.45
N ARG H 183 -35.55 23.70 -38.86
CA ARG H 183 -35.92 23.66 -40.28
C ARG H 183 -35.01 22.75 -41.09
N GLY H 184 -34.73 21.57 -40.53
CA GLY H 184 -33.88 20.60 -41.21
C GLY H 184 -32.38 20.85 -41.10
N ILE H 185 -32.00 22.00 -40.55
CA ILE H 185 -30.58 22.32 -40.43
C ILE H 185 -30.06 22.05 -39.02
N THR H 186 -28.88 21.45 -38.95
CA THR H 186 -28.27 21.15 -37.67
C THR H 186 -27.04 22.04 -37.51
N VAL H 187 -26.90 22.60 -36.31
CA VAL H 187 -25.77 23.47 -36.04
C VAL H 187 -24.83 22.76 -35.05
N THR H 188 -23.66 22.35 -35.53
CA THR H 188 -22.70 21.69 -34.67
C THR H 188 -21.68 22.72 -34.20
N ASP H 189 -21.60 22.89 -32.88
CA ASP H 189 -20.67 23.84 -32.29
C ASP H 189 -19.30 23.18 -32.19
N LEU H 190 -18.30 23.76 -32.86
CA LEU H 190 -16.97 23.17 -32.86
C LEU H 190 -16.28 23.18 -31.49
N ALA H 191 -16.59 24.15 -30.64
CA ALA H 191 -15.98 24.16 -29.32
C ALA H 191 -16.56 23.00 -28.52
N GLN H 192 -17.85 22.74 -28.71
CA GLN H 192 -18.50 21.65 -27.99
C GLN H 192 -17.89 20.33 -28.46
N GLU H 193 -17.67 20.19 -29.77
CA GLU H 193 -17.06 18.98 -30.31
C GLU H 193 -15.71 18.80 -29.62
N TRP H 194 -14.95 19.88 -29.53
CA TRP H 194 -13.64 19.85 -28.88
C TRP H 194 -13.77 19.39 -27.43
N PHE H 195 -14.85 19.79 -26.76
CA PHE H 195 -15.03 19.37 -25.38
C PHE H 195 -15.29 17.86 -25.34
N ASP H 196 -16.21 17.41 -26.19
CA ASP H 196 -16.52 15.98 -26.27
C ASP H 196 -15.27 15.14 -26.53
N LEU H 197 -14.32 15.71 -27.28
CA LEU H 197 -13.09 15.01 -27.62
C LEU H 197 -12.00 15.09 -26.56
N THR H 198 -11.88 16.23 -25.88
CA THR H 198 -10.82 16.40 -24.90
C THR H 198 -11.27 16.65 -23.47
N GLY H 199 -12.50 17.12 -23.31
CA GLY H 199 -13.01 17.41 -21.98
C GLY H 199 -12.37 18.68 -21.45
N HIS H 200 -11.75 19.44 -22.34
CA HIS H 200 -11.07 20.67 -21.93
C HIS H 200 -11.56 21.91 -22.67
N PRO H 201 -11.16 23.08 -22.18
CA PRO H 201 -11.57 24.34 -22.82
C PRO H 201 -10.83 24.49 -24.14
N PHE H 202 -11.28 25.42 -24.97
CA PHE H 202 -10.61 25.69 -26.23
C PHE H 202 -10.34 27.19 -26.27
N THR H 203 -9.10 27.54 -26.57
CA THR H 203 -8.70 28.94 -26.67
C THR H 203 -8.71 29.30 -28.13
N PHE H 204 -9.56 30.25 -28.49
CA PHE H 204 -9.67 30.70 -29.86
C PHE H 204 -8.73 31.83 -30.23
N ALA H 205 -8.43 32.72 -29.28
CA ALA H 205 -7.56 33.83 -29.58
C ALA H 205 -6.76 34.31 -28.38
N VAL H 206 -5.70 35.05 -28.67
CA VAL H 206 -4.83 35.62 -27.66
C VAL H 206 -4.35 36.99 -28.14
N TRP H 207 -3.50 37.63 -27.35
CA TRP H 207 -2.95 38.93 -27.71
C TRP H 207 -1.46 38.72 -27.99
N ALA H 208 -1.10 38.75 -29.26
CA ALA H 208 0.28 38.52 -29.67
C ALA H 208 1.03 39.77 -30.14
N TYR H 209 2.35 39.69 -30.05
CA TYR H 209 3.28 40.74 -30.45
C TYR H 209 4.66 40.13 -30.67
N ARG H 210 5.52 40.83 -31.41
CA ARG H 210 6.87 40.35 -31.69
C ARG H 210 7.72 40.29 -30.42
N LYS H 211 8.28 39.11 -30.15
CA LYS H 211 9.10 38.90 -28.95
C LYS H 211 10.07 40.01 -28.55
N ASP H 212 10.65 40.70 -29.52
CA ASP H 212 11.60 41.76 -29.23
C ASP H 212 10.92 43.14 -29.23
N ASN H 213 9.61 43.15 -29.09
CA ASN H 213 8.86 44.40 -29.10
C ASN H 213 7.65 44.34 -28.15
N PRO H 214 7.91 44.12 -26.85
CA PRO H 214 6.87 44.04 -25.83
C PRO H 214 6.04 45.31 -25.74
N PRO H 215 4.79 45.20 -25.24
CA PRO H 215 3.84 46.30 -25.07
C PRO H 215 4.19 47.12 -23.84
N PRO H 216 3.87 48.41 -23.85
CA PRO H 216 4.19 49.21 -22.65
C PRO H 216 3.26 48.86 -21.49
N ALA H 217 3.83 48.87 -20.28
CA ALA H 217 3.08 48.56 -19.06
C ALA H 217 1.76 49.30 -18.96
N ALA H 218 1.73 50.54 -19.42
CA ALA H 218 0.52 51.36 -19.36
C ALA H 218 -0.65 50.78 -20.19
N LEU H 219 -0.32 50.03 -21.23
CA LEU H 219 -1.36 49.44 -22.07
C LEU H 219 -1.94 48.21 -21.39
N LEU H 220 -1.08 47.44 -20.72
CA LEU H 220 -1.53 46.25 -20.03
C LEU H 220 -2.48 46.65 -18.92
N GLN H 221 -2.08 47.66 -18.15
CA GLN H 221 -2.92 48.12 -17.06
C GLN H 221 -4.25 48.65 -17.60
N ALA H 222 -4.19 49.35 -18.73
CA ALA H 222 -5.39 49.91 -19.34
C ALA H 222 -6.35 48.79 -19.75
N MSE H 223 -5.80 47.71 -20.32
CA MSE H 223 -6.61 46.59 -20.77
C MSE H 223 -7.26 45.85 -19.61
O MSE H 223 -8.41 45.40 -19.70
CB MSE H 223 -5.75 45.62 -21.58
CG MSE H 223 -5.43 46.14 -22.97
SE MSE H 223 -4.11 45.11 -23.94
CE MSE H 223 -5.10 43.46 -24.14
N ARG H 224 -6.53 45.76 -18.51
CA ARG H 224 -7.03 45.09 -17.33
C ARG H 224 -8.14 45.88 -16.67
N GLU H 225 -8.01 47.21 -16.71
CA GLU H 225 -9.01 48.10 -16.13
C GLU H 225 -10.29 47.99 -16.94
N ALA H 226 -10.12 47.95 -18.26
CA ALA H 226 -11.26 47.85 -19.17
C ALA H 226 -12.03 46.54 -19.03
N ARG H 227 -11.30 45.45 -18.80
CA ARG H 227 -11.91 44.14 -18.65
C ARG H 227 -12.73 44.11 -17.35
N ARG H 228 -12.19 44.70 -16.28
CA ARG H 228 -12.92 44.75 -15.01
C ARG H 228 -14.25 45.46 -15.22
N ARG H 229 -14.23 46.57 -15.94
CA ARG H 229 -15.44 47.34 -16.23
C ARG H 229 -16.41 46.53 -17.07
N GLY H 230 -15.91 45.97 -18.17
CA GLY H 230 -16.75 45.17 -19.04
C GLY H 230 -17.42 44.02 -18.28
N ILE H 231 -16.60 43.18 -17.64
CA ILE H 231 -17.12 42.05 -16.89
C ILE H 231 -18.10 42.49 -15.81
N GLY H 232 -17.87 43.67 -15.24
CA GLY H 232 -18.74 44.17 -14.21
C GLY H 232 -20.03 44.78 -14.72
N HIS H 233 -20.12 44.98 -16.04
CA HIS H 233 -21.33 45.57 -16.60
C HIS H 233 -21.75 44.91 -17.90
N LEU H 234 -21.89 43.59 -17.84
CA LEU H 234 -22.29 42.78 -18.98
C LEU H 234 -23.62 43.22 -19.61
N ALA H 235 -24.59 43.61 -18.79
CA ALA H 235 -25.88 44.03 -19.34
C ALA H 235 -25.64 45.24 -20.25
N GLU H 236 -24.86 46.19 -19.78
CA GLU H 236 -24.56 47.38 -20.54
C GLU H 236 -23.83 47.01 -21.83
N VAL H 237 -22.79 46.18 -21.72
CA VAL H 237 -22.04 45.76 -22.88
C VAL H 237 -22.91 45.01 -23.89
N SER H 238 -23.69 44.05 -23.40
CA SER H 238 -24.56 43.25 -24.26
C SER H 238 -25.61 44.03 -25.03
N GLN H 239 -26.37 44.86 -24.33
CA GLN H 239 -27.42 45.66 -24.95
C GLN H 239 -26.90 46.38 -26.19
N ARG H 240 -25.76 47.04 -26.02
CA ARG H 240 -25.11 47.80 -27.08
C ARG H 240 -24.82 46.96 -28.32
N HIS H 241 -24.31 45.75 -28.09
CA HIS H 241 -23.98 44.87 -29.21
C HIS H 241 -25.18 44.08 -29.71
N ALA H 242 -26.12 43.78 -28.82
CA ALA H 242 -27.32 43.05 -29.23
C ALA H 242 -27.98 43.88 -30.32
N GLU H 243 -28.13 45.17 -30.06
CA GLU H 243 -28.76 46.11 -31.00
C GLU H 243 -28.07 46.09 -32.35
N LYS H 244 -26.75 46.11 -32.36
CA LYS H 244 -26.01 46.06 -33.62
C LYS H 244 -26.25 44.75 -34.36
N LEU H 245 -26.31 43.65 -33.62
CA LEU H 245 -26.50 42.33 -34.21
C LEU H 245 -27.94 41.94 -34.52
N GLY H 246 -28.90 42.76 -34.09
CA GLY H 246 -30.28 42.39 -34.33
C GLY H 246 -30.63 41.15 -33.52
N LEU H 247 -30.06 41.03 -32.33
CA LEU H 247 -30.30 39.90 -31.44
C LEU H 247 -30.86 40.29 -30.08
N PRO H 248 -31.51 39.35 -29.40
CA PRO H 248 -32.05 39.69 -28.08
C PRO H 248 -30.87 39.95 -27.14
N GLU H 249 -31.03 40.87 -26.21
CA GLU H 249 -29.98 41.20 -25.25
C GLU H 249 -29.51 39.98 -24.43
N ARG H 250 -30.42 39.09 -24.05
CA ARG H 250 -30.04 37.93 -23.25
C ARG H 250 -29.20 36.92 -24.03
N VAL H 251 -29.32 36.91 -25.34
CA VAL H 251 -28.53 36.00 -26.15
C VAL H 251 -27.07 36.46 -26.14
N VAL H 252 -26.85 37.75 -26.34
CA VAL H 252 -25.49 38.30 -26.34
C VAL H 252 -24.93 38.25 -24.92
N GLN H 253 -25.79 38.51 -23.94
CA GLN H 253 -25.31 38.48 -22.56
C GLN H 253 -24.80 37.09 -22.20
N HIS H 254 -25.56 36.05 -22.53
CA HIS H 254 -25.07 34.72 -22.20
C HIS H 254 -23.81 34.40 -23.01
N TYR H 255 -23.81 34.83 -24.26
CA TYR H 255 -22.67 34.63 -25.14
C TYR H 255 -21.40 35.20 -24.47
N LEU H 256 -21.47 36.43 -23.98
CA LEU H 256 -20.30 37.05 -23.35
C LEU H 256 -19.98 36.44 -21.97
N TRP H 257 -21.01 36.12 -21.19
CA TRP H 257 -20.78 35.52 -19.89
C TRP H 257 -20.10 34.18 -20.06
N ASN H 258 -20.29 33.58 -21.23
CA ASN H 258 -19.73 32.29 -21.51
C ASN H 258 -18.23 32.26 -21.76
N PHE H 259 -17.65 33.40 -22.12
CA PHE H 259 -16.21 33.48 -22.41
C PHE H 259 -15.25 33.48 -21.23
N ARG H 260 -14.10 32.85 -21.44
CA ARG H 260 -13.02 32.79 -20.44
C ARG H 260 -11.93 33.73 -21.00
N TYR H 261 -11.64 34.78 -20.25
CA TYR H 261 -10.72 35.80 -20.71
C TYR H 261 -9.35 35.91 -20.07
N HIS H 262 -9.06 35.07 -19.08
CA HIS H 262 -7.82 35.21 -18.38
C HIS H 262 -6.71 34.24 -18.72
N LEU H 263 -6.85 33.54 -19.84
CA LEU H 263 -5.83 32.58 -20.26
C LEU H 263 -5.24 31.82 -19.06
N GLU H 264 -6.11 31.20 -18.27
CA GLU H 264 -5.70 30.43 -17.11
C GLU H 264 -5.19 29.04 -17.50
N ALA H 265 -4.71 28.29 -16.52
CA ALA H 265 -4.17 26.96 -16.76
C ALA H 265 -5.05 26.08 -17.64
N PRO H 266 -6.35 25.96 -17.32
CA PRO H 266 -7.22 25.12 -18.14
C PRO H 266 -7.23 25.56 -19.60
N ASP H 267 -7.22 26.88 -19.83
CA ASP H 267 -7.22 27.40 -21.19
C ASP H 267 -5.89 27.13 -21.89
N ARG H 268 -4.80 27.11 -21.12
CA ARG H 268 -3.48 26.84 -21.68
C ARG H 268 -3.40 25.36 -22.04
N LEU H 269 -4.03 24.51 -21.25
CA LEU H 269 -4.01 23.09 -21.52
C LEU H 269 -4.71 22.90 -22.86
N GLY H 270 -5.87 23.52 -23.02
CA GLY H 270 -6.60 23.39 -24.26
C GLY H 270 -5.82 23.91 -25.44
N LEU H 271 -5.19 25.08 -25.27
CA LEU H 271 -4.42 25.69 -26.34
C LEU H 271 -3.27 24.79 -26.78
N ARG H 272 -2.57 24.21 -25.81
CA ARG H 272 -1.44 23.33 -26.11
C ARG H 272 -1.89 22.03 -26.77
N GLU H 273 -2.97 21.44 -26.28
CA GLU H 273 -3.45 20.20 -26.87
C GLU H 273 -3.72 20.46 -28.34
N PHE H 274 -4.44 21.54 -28.62
CA PHE H 274 -4.77 21.91 -29.99
C PHE H 274 -3.50 22.15 -30.79
N ALA H 275 -2.54 22.84 -30.19
CA ALA H 275 -1.29 23.14 -30.87
C ALA H 275 -0.65 21.84 -31.37
N ASP H 276 -0.58 20.83 -30.49
CA ASP H 276 0.01 19.57 -30.86
C ASP H 276 -0.75 18.87 -32.00
N LEU H 277 -2.07 18.93 -31.97
CA LEU H 277 -2.86 18.29 -33.02
C LEU H 277 -2.84 19.03 -34.34
N ALA H 278 -2.95 20.34 -34.27
CA ALA H 278 -3.01 21.16 -35.48
C ALA H 278 -1.68 21.62 -36.04
N VAL H 279 -0.65 21.66 -35.20
CA VAL H 279 0.66 22.12 -35.66
C VAL H 279 1.78 21.29 -35.04
N PRO H 280 1.84 20.00 -35.35
CA PRO H 280 2.89 19.14 -34.78
C PRO H 280 4.28 19.73 -34.98
N GLY H 281 5.04 19.79 -33.89
CA GLY H 281 6.39 20.34 -33.94
C GLY H 281 6.45 21.85 -33.83
N HIS H 282 5.33 22.46 -33.42
CA HIS H 282 5.27 23.91 -33.28
C HIS H 282 6.33 24.45 -32.33
N ALA H 283 6.82 25.66 -32.59
CA ALA H 283 7.80 26.28 -31.71
C ALA H 283 7.14 26.37 -30.33
N GLU H 284 7.92 26.51 -29.28
CA GLU H 284 7.34 26.59 -27.94
C GLU H 284 6.48 27.86 -27.77
N LEU H 285 5.29 27.70 -27.21
CA LEU H 285 4.41 28.83 -26.98
C LEU H 285 4.92 29.58 -25.75
N THR H 286 5.25 30.86 -25.91
CA THR H 286 5.75 31.65 -24.79
C THR H 286 4.87 32.87 -24.50
N PHE H 287 4.98 33.38 -23.27
CA PHE H 287 4.18 34.52 -22.82
C PHE H 287 5.01 35.61 -22.10
S SO4 I . 15.09 -30.94 -30.54
O1 SO4 I . 16.49 -30.48 -30.68
O2 SO4 I . 14.72 -30.99 -29.11
O3 SO4 I . 14.21 -30.01 -31.25
O4 SO4 I . 14.94 -32.28 -31.13
S SO4 J . -14.31 -29.05 -35.51
O1 SO4 J . -13.27 -29.76 -34.74
O2 SO4 J . -15.54 -28.94 -34.70
O3 SO4 J . -13.83 -27.70 -35.86
O4 SO4 J . -14.59 -29.80 -36.74
S SO4 K . -0.80 -39.05 -13.69
O1 SO4 K . -1.91 -39.65 -14.44
O2 SO4 K . 0.46 -39.70 -14.11
O3 SO4 K . -0.73 -37.60 -13.96
O4 SO4 K . -1.01 -39.27 -12.26
S SO4 L . 21.15 -20.87 -5.71
O1 SO4 L . 22.49 -20.57 -6.24
O2 SO4 L . 21.23 -21.95 -4.70
O3 SO4 L . 20.59 -19.66 -5.10
O4 SO4 L . 20.28 -21.33 -6.80
S SO4 M . 26.56 -13.70 -5.80
O1 SO4 M . 26.00 -14.60 -6.79
O2 SO4 M . 27.53 -12.83 -6.41
O3 SO4 M . 25.53 -12.89 -5.22
O4 SO4 M . 27.19 -14.47 -4.76
S SO4 N . 38.58 20.33 6.57
O1 SO4 N . 37.36 20.14 5.78
O2 SO4 N . 39.74 20.29 5.66
O3 SO4 N . 38.55 21.64 7.25
O4 SO4 N . 38.71 19.24 7.57
S SO4 O . 29.88 -5.43 -5.13
O1 SO4 O . 31.22 -5.69 -4.60
O2 SO4 O . 28.87 -6.16 -4.35
O3 SO4 O . 29.60 -3.98 -5.04
O4 SO4 O . 29.82 -5.86 -6.54
S SO4 P . 45.57 -0.69 16.92
O1 SO4 P . 46.80 0.14 16.98
O2 SO4 P . 45.82 -1.88 16.08
O3 SO4 P . 45.22 -1.13 18.27
O4 SO4 P . 44.48 0.09 16.33
S SO4 Q . 33.71 20.61 33.50
O1 SO4 Q . 34.87 20.28 34.34
O2 SO4 Q . 32.46 20.59 34.29
O3 SO4 Q . 33.87 21.95 32.91
O4 SO4 Q . 33.61 19.61 32.43
S SO4 R . -31.07 -2.76 33.72
O1 SO4 R . -31.25 -3.45 32.42
O2 SO4 R . -31.84 -3.46 34.76
O3 SO4 R . -29.65 -2.79 34.10
O4 SO4 R . -31.50 -1.35 33.61
S SO4 S . -11.09 -23.50 40.36
O1 SO4 S . -9.74 -23.57 39.78
O2 SO4 S . -11.00 -23.23 41.81
O3 SO4 S . -11.85 -22.42 39.72
O4 SO4 S . -11.77 -24.79 40.13
S SO4 T . -28.85 -22.41 19.48
O1 SO4 T . -30.13 -22.15 18.79
O2 SO4 T . -28.61 -23.86 19.49
O3 SO4 T . -28.90 -21.90 20.85
O4 SO4 T . -27.76 -21.73 18.76
S SO4 U . -29.02 4.58 7.24
O1 SO4 U . -28.81 4.61 5.80
O2 SO4 U . -28.17 3.52 7.82
O3 SO4 U . -28.64 5.87 7.85
O4 SO4 U . -30.43 4.27 7.51
S SO4 V . -27.09 13.29 5.97
O1 SO4 V . -28.15 12.97 5.03
O2 SO4 V . -25.78 13.03 5.41
O3 SO4 V . -27.22 14.70 6.34
O4 SO4 V . -27.18 12.45 7.16
S SO4 W . -8.80 41.07 -12.28
O1 SO4 W . -7.63 41.66 -12.96
O2 SO4 W . -9.45 42.10 -11.46
O3 SO4 W . -9.75 40.56 -13.29
O4 SO4 W . -8.39 39.96 -11.40
S SO4 X . -30.33 32.46 -19.91
O1 SO4 X . -31.24 31.92 -18.87
O2 SO4 X . -30.07 33.88 -19.65
O3 SO4 X . -29.05 31.74 -19.89
O4 SO4 X . -30.95 32.31 -21.25
S SO4 Y . -22.67 20.64 3.79
O1 SO4 Y . -22.84 21.92 3.06
O2 SO4 Y . -21.68 20.84 4.87
O3 SO4 Y . -23.96 20.24 4.38
O4 SO4 Y . -22.22 19.57 2.90
S SO4 Z . -7.45 33.33 -38.88
O1 SO4 Z . -7.73 33.77 -40.26
O2 SO4 Z . -6.81 32.01 -38.90
O3 SO4 Z . -6.55 34.30 -38.22
O4 SO4 Z . -8.72 33.25 -38.13
#